data_2XVI
#
_entry.id   2XVI
#
_cell.length_a   159.573
_cell.length_b   70.010
_cell.length_c   140.686
_cell.angle_alpha   90.00
_cell.angle_beta   90.19
_cell.angle_gamma   90.00
#
_symmetry.space_group_name_H-M   'C 1 2 1'
#
loop_
_entity.id
_entity.type
_entity.pdbx_description
1 polymer 'FLAVIN-CONTAINING MONOOXYGENASE'
2 non-polymer 'FLAVIN-ADENINE DINUCLEOTIDE'
3 non-polymer 'NITRATE ION'
4 non-polymer '2-(N-MORPHOLINO)-ETHANESULFONIC ACID'
5 non-polymer 'OXYGEN MOLECULE'
6 water water
#
_entity_poly.entity_id   1
_entity_poly.type   'polypeptide(L)'
_entity_poly.pdbx_seq_one_letter_code
;MATRIAILGAGPSGMAQLRAFQSAQEKGAEIPELVCFEKQADWGGQWNYTWRTGLDENGEPVHSSMYRYLWSNGPKECLE
FADYTFDEHFGKPIASYPPREVLWDYIKGRVEKAGVRKYIRFNTAVRHVEFNEDSQTFTVTVQDHTTDTIYSEEFDYVVC
CTGHFSTPYVPEFEGFEKFGGRILHAHDFRDALEFKDKTVLLVGSSSSAEDIGSQCYKYGAKKLISCYRTAPMGYKWPEN
WDERPNLVRVDTENAYFADGSSEKVDAIILCTGYIHHFPFLNDDLRLVTNNRLWPLNLYKGVVWEDNPKFFYIGMQDQWY
SFNMFDAQAWYARDVIMGRLPLPSKEEMKADSMAWREKELTLVTAEEMYTYQGDYIQNLIDMTDYPSFDIPATNKTFLEW
KHHKKENIMTFRDHSYRSLMTGTMAPKHHTPWIDALDDSLEAYLSDKSEIPVAKEALEHHHHHH
;
_entity_poly.pdbx_strand_id   A,B,C
#
loop_
_chem_comp.id
_chem_comp.type
_chem_comp.name
_chem_comp.formula
FAD non-polymer 'FLAVIN-ADENINE DINUCLEOTIDE' 'C27 H33 N9 O15 P2'
MES non-polymer '2-(N-MORPHOLINO)-ETHANESULFONIC ACID' 'C6 H13 N O4 S'
NO3 non-polymer 'NITRATE ION' 'N O3 -1'
OXY non-polymer 'OXYGEN MOLECULE' O2
#
# COMPACT_ATOMS: atom_id res chain seq x y z
N THR A 3 11.84 32.77 -29.45
CA THR A 3 10.69 32.40 -28.56
C THR A 3 10.01 31.08 -28.99
N ARG A 4 9.91 30.14 -28.04
CA ARG A 4 9.49 28.75 -28.32
C ARG A 4 8.21 28.28 -27.62
N ILE A 5 7.37 27.52 -28.35
CA ILE A 5 6.12 26.97 -27.80
C ILE A 5 6.09 25.43 -27.87
N ALA A 6 5.80 24.80 -26.74
CA ALA A 6 5.53 23.35 -26.71
C ALA A 6 4.03 23.11 -26.66
N ILE A 7 3.55 22.25 -27.55
CA ILE A 7 2.14 21.89 -27.61
C ILE A 7 2.02 20.41 -27.28
N LEU A 8 1.35 20.12 -26.17
CA LEU A 8 1.28 18.75 -25.66
C LEU A 8 0.03 18.05 -26.17
N GLY A 9 0.23 17.14 -27.13
CA GLY A 9 -0.86 16.39 -27.74
C GLY A 9 -1.13 16.85 -29.16
N ALA A 10 -1.39 15.88 -30.04
CA ALA A 10 -1.75 16.15 -31.42
C ALA A 10 -3.17 15.63 -31.72
N GLY A 11 -4.06 15.77 -30.73
CA GLY A 11 -5.49 15.59 -30.95
C GLY A 11 -6.09 16.86 -31.58
N PRO A 12 -7.42 16.94 -31.67
CA PRO A 12 -8.07 18.11 -32.24
C PRO A 12 -7.64 19.44 -31.62
N SER A 13 -7.39 19.43 -30.30
CA SER A 13 -6.93 20.62 -29.59
C SER A 13 -5.52 21.02 -30.00
N GLY A 14 -4.63 20.03 -30.10
CA GLY A 14 -3.26 20.28 -30.53
C GLY A 14 -3.21 20.69 -32.00
N MET A 15 -4.12 20.15 -32.79
CA MET A 15 -4.25 20.55 -34.19
C MET A 15 -4.79 21.97 -34.26
N ALA A 16 -5.77 22.28 -33.41
CA ALA A 16 -6.32 23.63 -33.35
C ALA A 16 -5.24 24.66 -33.01
N GLN A 17 -4.37 24.30 -32.06
CA GLN A 17 -3.31 25.20 -31.60
C GLN A 17 -2.24 25.38 -32.66
N LEU A 18 -1.98 24.32 -33.41
CA LEU A 18 -1.03 24.37 -34.51
C LEU A 18 -1.60 25.20 -35.66
N ARG A 19 -2.89 25.02 -35.91
CA ARG A 19 -3.59 25.71 -36.99
C ARG A 19 -3.68 27.20 -36.73
N ALA A 20 -3.91 27.56 -35.47
CA ALA A 20 -3.96 28.95 -35.05
C ALA A 20 -2.71 29.70 -35.47
N PHE A 21 -1.55 29.16 -35.12
CA PHE A 21 -0.26 29.78 -35.46
C PHE A 21 -0.01 29.81 -36.96
N GLN A 22 -0.42 28.75 -37.66
CA GLN A 22 -0.27 28.69 -39.11
C GLN A 22 -1.24 29.63 -39.85
N SER A 23 -2.26 30.11 -39.14
CA SER A 23 -3.24 31.05 -39.70
C SER A 23 -2.93 32.50 -39.31
N ALA A 24 -1.98 32.68 -38.40
CA ALA A 24 -1.37 33.97 -38.18
C ALA A 24 -0.27 34.15 -39.23
N GLN A 25 0.49 33.08 -39.46
CA GLN A 25 1.56 33.07 -40.46
C GLN A 25 1.01 33.30 -41.88
N GLU A 26 -0.03 32.55 -42.23
CA GLU A 26 -0.67 32.63 -43.55
C GLU A 26 -1.19 34.04 -43.86
N LYS A 27 -1.71 34.71 -42.83
CA LYS A 27 -2.18 36.08 -42.94
C LYS A 27 -1.02 37.07 -43.08
N GLY A 28 0.13 36.74 -42.48
CA GLY A 28 1.34 37.55 -42.60
C GLY A 28 1.94 38.02 -41.29
N ALA A 29 2.16 37.09 -40.38
CA ALA A 29 2.76 37.39 -39.07
C ALA A 29 4.02 36.55 -38.84
N GLU A 30 4.77 36.88 -37.79
CA GLU A 30 6.01 36.18 -37.46
C GLU A 30 5.79 35.27 -36.25
N ILE A 31 5.45 34.01 -36.51
CA ILE A 31 5.10 33.06 -35.45
C ILE A 31 6.34 32.49 -34.73
N PRO A 32 6.16 32.08 -33.45
CA PRO A 32 7.22 31.39 -32.70
C PRO A 32 7.51 30.00 -33.25
N GLU A 33 8.56 29.35 -32.73
CA GLU A 33 8.87 27.97 -33.10
C GLU A 33 7.90 27.02 -32.40
N LEU A 34 7.34 26.09 -33.17
CA LEU A 34 6.34 25.15 -32.66
C LEU A 34 6.86 23.71 -32.57
N VAL A 35 6.74 23.12 -31.39
CA VAL A 35 7.01 21.70 -31.20
C VAL A 35 5.79 21.04 -30.57
N CYS A 36 5.24 20.05 -31.26
CA CYS A 36 4.09 19.31 -30.75
C CYS A 36 4.46 17.85 -30.42
N PHE A 37 4.44 17.51 -29.15
CA PHE A 37 4.73 16.14 -28.74
C PHE A 37 3.46 15.28 -28.74
N GLU A 38 3.53 14.13 -29.39
CA GLU A 38 2.41 13.20 -29.43
C GLU A 38 2.87 11.77 -29.11
N LYS A 39 2.23 11.12 -28.15
CA LYS A 39 2.65 9.77 -27.73
C LYS A 39 2.23 8.67 -28.70
N GLN A 40 1.10 8.85 -29.38
CA GLN A 40 0.71 7.93 -30.45
C GLN A 40 1.60 8.10 -31.69
N ALA A 41 1.46 7.18 -32.63
CA ALA A 41 2.28 7.19 -33.82
C ALA A 41 1.73 8.17 -34.88
N ASP A 42 0.53 8.68 -34.63
CA ASP A 42 -0.19 9.53 -35.57
C ASP A 42 -1.12 10.47 -34.80
N TRP A 43 -1.69 11.46 -35.49
CA TRP A 43 -2.61 12.43 -34.85
C TRP A 43 -4.05 11.94 -34.78
N GLY A 44 -4.92 12.71 -34.13
CA GLY A 44 -6.33 12.33 -34.05
C GLY A 44 -6.86 12.29 -32.64
N GLY A 45 -5.99 11.96 -31.69
CA GLY A 45 -6.36 11.90 -30.28
C GLY A 45 -7.37 10.80 -30.05
N GLN A 46 -8.56 11.19 -29.61
CA GLN A 46 -9.67 10.25 -29.47
C GLN A 46 -10.02 9.55 -30.78
N TRP A 47 -9.82 10.27 -31.89
CA TRP A 47 -10.25 9.84 -33.22
C TRP A 47 -9.33 8.82 -33.87
N ASN A 48 -8.12 8.70 -33.33
CA ASN A 48 -7.21 7.67 -33.77
C ASN A 48 -7.56 6.35 -33.06
N TYR A 49 -8.48 5.61 -33.67
CA TYR A 49 -8.97 4.36 -33.10
C TYR A 49 -7.86 3.33 -32.98
N THR A 50 -7.88 2.58 -31.88
CA THR A 50 -6.98 1.45 -31.72
C THR A 50 -7.69 0.23 -31.11
N TRP A 51 -7.27 -0.96 -31.53
CA TRP A 51 -7.76 -2.21 -30.96
C TRP A 51 -7.21 -2.40 -29.54
N ARG A 52 -6.16 -1.64 -29.23
CA ARG A 52 -5.43 -1.76 -27.96
C ARG A 52 -6.20 -1.22 -26.76
N THR A 53 -5.91 -1.80 -25.60
CA THR A 53 -6.49 -1.38 -24.32
C THR A 53 -5.45 -1.39 -23.20
N GLY A 54 -5.65 -0.52 -22.21
CA GLY A 54 -4.76 -0.46 -21.06
C GLY A 54 -3.50 0.32 -21.36
N LEU A 55 -2.42 -0.40 -21.67
CA LEU A 55 -1.16 0.20 -22.04
C LEU A 55 -0.84 -0.04 -23.51
N ASP A 56 -0.26 0.94 -24.18
CA ASP A 56 0.01 0.81 -25.62
C ASP A 56 1.30 0.05 -25.85
N GLU A 57 1.83 0.09 -27.07
CA GLU A 57 3.02 -0.70 -27.41
C GLU A 57 4.28 -0.26 -26.66
N ASN A 58 4.24 0.96 -26.15
CA ASN A 58 5.39 1.55 -25.48
C ASN A 58 5.26 1.54 -23.97
N GLY A 59 4.12 1.10 -23.47
CA GLY A 59 3.84 1.15 -22.04
C GLY A 59 3.07 2.36 -21.57
N GLU A 60 2.72 3.25 -22.49
CA GLU A 60 1.89 4.40 -22.18
C GLU A 60 0.43 3.98 -22.15
N PRO A 61 -0.35 4.60 -21.24
CA PRO A 61 -1.78 4.36 -21.24
C PRO A 61 -2.41 4.57 -22.62
N VAL A 62 -3.18 3.58 -23.05
CA VAL A 62 -3.98 3.70 -24.26
C VAL A 62 -4.86 4.94 -24.11
N HIS A 63 -4.83 5.80 -25.13
CA HIS A 63 -5.49 7.10 -25.02
C HIS A 63 -6.93 7.06 -25.47
N SER A 64 -7.17 6.55 -26.68
CA SER A 64 -8.50 6.61 -27.25
C SER A 64 -9.52 5.81 -26.45
N SER A 65 -10.70 6.41 -26.29
CA SER A 65 -11.84 5.72 -25.70
C SER A 65 -12.85 5.30 -26.77
N MET A 66 -12.48 5.46 -28.03
CA MET A 66 -13.42 5.24 -29.12
C MET A 66 -13.49 3.77 -29.54
N TYR A 67 -14.67 3.35 -29.97
CA TYR A 67 -14.93 1.92 -30.22
C TYR A 67 -15.39 1.68 -31.64
N ARG A 68 -15.30 0.42 -32.06
CA ARG A 68 -15.84 0.03 -33.35
C ARG A 68 -17.30 0.41 -33.43
N TYR A 69 -17.73 0.81 -34.62
CA TYR A 69 -19.13 1.16 -34.94
C TYR A 69 -19.60 2.47 -34.30
N LEU A 70 -18.65 3.27 -33.83
CA LEU A 70 -18.93 4.61 -33.32
C LEU A 70 -19.34 5.53 -34.47
N TRP A 71 -20.40 6.30 -34.26
CA TRP A 71 -20.82 7.32 -35.21
C TRP A 71 -20.83 8.67 -34.50
N SER A 72 -20.78 9.75 -35.28
CA SER A 72 -20.91 11.11 -34.77
C SER A 72 -21.97 11.16 -33.67
N ASN A 73 -21.57 11.73 -32.54
CA ASN A 73 -22.41 11.87 -31.38
C ASN A 73 -23.65 12.69 -31.70
N GLY A 74 -23.43 13.89 -32.22
CA GLY A 74 -24.52 14.78 -32.62
C GLY A 74 -24.54 14.97 -34.13
N PRO A 75 -25.30 15.97 -34.61
CA PRO A 75 -25.35 16.26 -36.04
C PRO A 75 -24.02 16.83 -36.52
N LYS A 76 -23.55 16.36 -37.68
CA LYS A 76 -22.28 16.81 -38.23
C LYS A 76 -22.30 18.32 -38.53
N GLU A 77 -23.50 18.85 -38.73
CA GLU A 77 -23.70 20.27 -39.02
C GLU A 77 -23.24 21.15 -37.86
N CYS A 78 -23.40 20.65 -36.64
CA CYS A 78 -23.00 21.39 -35.44
C CYS A 78 -21.50 21.53 -35.25
N LEU A 79 -20.72 20.68 -35.93
CA LEU A 79 -19.26 20.76 -35.82
C LEU A 79 -18.57 21.16 -37.13
N GLU A 80 -19.36 21.32 -38.20
CA GLU A 80 -18.82 21.68 -39.51
C GLU A 80 -17.82 22.83 -39.42
N PHE A 81 -16.67 22.65 -40.06
CA PHE A 81 -15.62 23.66 -40.08
C PHE A 81 -16.00 24.75 -41.08
N ALA A 82 -15.92 26.01 -40.64
CA ALA A 82 -16.22 27.16 -41.52
C ALA A 82 -15.25 27.25 -42.69
N ASP A 83 -13.96 27.07 -42.39
CA ASP A 83 -12.89 27.20 -43.39
C ASP A 83 -12.78 26.00 -44.34
N TYR A 84 -13.48 24.92 -44.00
CA TYR A 84 -13.38 23.64 -44.69
C TYR A 84 -14.68 22.87 -44.54
N THR A 85 -15.62 23.12 -45.45
CA THR A 85 -16.96 22.56 -45.38
C THR A 85 -16.99 21.08 -45.75
N PHE A 86 -18.08 20.41 -45.38
CA PHE A 86 -18.30 19.01 -45.76
C PHE A 86 -18.38 18.86 -47.27
N ASP A 87 -19.00 19.83 -47.93
CA ASP A 87 -19.10 19.84 -49.39
C ASP A 87 -17.72 19.86 -50.06
N GLU A 88 -16.82 20.70 -49.57
CA GLU A 88 -15.46 20.79 -50.11
C GLU A 88 -14.73 19.45 -49.99
N HIS A 89 -14.79 18.87 -48.80
CA HIS A 89 -14.06 17.64 -48.50
C HIS A 89 -14.54 16.42 -49.30
N PHE A 90 -15.84 16.19 -49.27
CA PHE A 90 -16.43 15.00 -49.88
C PHE A 90 -16.88 15.20 -51.33
N GLY A 91 -17.40 16.40 -51.64
CA GLY A 91 -17.83 16.71 -53.00
C GLY A 91 -19.24 16.24 -53.33
N LYS A 92 -19.89 15.61 -52.35
CA LYS A 92 -21.27 15.18 -52.47
C LYS A 92 -21.95 15.36 -51.11
N PRO A 93 -23.29 15.46 -51.08
CA PRO A 93 -23.98 15.55 -49.78
C PRO A 93 -23.98 14.21 -49.04
N ILE A 94 -23.87 14.26 -47.71
CA ILE A 94 -23.88 13.06 -46.88
C ILE A 94 -24.82 13.23 -45.68
N ALA A 95 -25.19 12.11 -45.04
CA ALA A 95 -26.11 12.15 -43.91
C ALA A 95 -25.51 12.84 -42.68
N SER A 96 -26.30 13.01 -41.63
CA SER A 96 -25.94 13.93 -40.56
C SER A 96 -25.10 13.34 -39.42
N TYR A 97 -25.02 12.01 -39.35
CA TYR A 97 -24.24 11.34 -38.29
C TYR A 97 -23.23 10.34 -38.87
N PRO A 98 -22.13 10.85 -39.46
CA PRO A 98 -21.16 9.93 -40.06
C PRO A 98 -20.36 9.11 -39.03
N PRO A 99 -20.01 7.86 -39.38
CA PRO A 99 -19.16 7.00 -38.54
C PRO A 99 -17.77 7.58 -38.37
N ARG A 100 -17.14 7.26 -37.23
CA ARG A 100 -15.80 7.73 -36.89
C ARG A 100 -14.88 7.89 -38.10
N GLU A 101 -14.70 6.80 -38.85
CA GLU A 101 -13.83 6.81 -40.04
C GLU A 101 -14.09 7.98 -40.99
N VAL A 102 -15.38 8.25 -41.25
CA VAL A 102 -15.78 9.33 -42.14
C VAL A 102 -15.45 10.71 -41.55
N LEU A 103 -15.81 10.91 -40.28
CA LEU A 103 -15.48 12.14 -39.58
C LEU A 103 -13.98 12.30 -39.48
N TRP A 104 -13.28 11.19 -39.27
CA TRP A 104 -11.83 11.25 -39.20
C TRP A 104 -11.22 11.70 -40.53
N ASP A 105 -11.69 11.12 -41.64
CA ASP A 105 -11.27 11.56 -42.97
C ASP A 105 -11.48 13.07 -43.15
N TYR A 106 -12.57 13.57 -42.58
CA TYR A 106 -12.91 15.00 -42.63
C TYR A 106 -11.92 15.85 -41.82
N ILE A 107 -11.74 15.52 -40.54
CA ILE A 107 -10.82 16.24 -39.67
C ILE A 107 -9.38 16.20 -40.22
N LYS A 108 -8.95 15.00 -40.63
CA LYS A 108 -7.65 14.79 -41.28
C LYS A 108 -7.52 15.71 -42.49
N GLY A 109 -8.58 15.76 -43.30
CA GLY A 109 -8.65 16.63 -44.48
C GLY A 109 -8.21 18.06 -44.21
N ARG A 110 -8.90 18.74 -43.29
CA ARG A 110 -8.58 20.13 -42.98
C ARG A 110 -7.17 20.33 -42.44
N VAL A 111 -6.73 19.42 -41.59
CA VAL A 111 -5.42 19.57 -40.95
C VAL A 111 -4.25 19.32 -41.93
N GLU A 112 -4.47 18.46 -42.91
CA GLU A 112 -3.47 18.21 -43.95
C GLU A 112 -3.31 19.42 -44.87
N LYS A 113 -4.43 20.04 -45.22
CA LYS A 113 -4.45 21.24 -46.05
C LYS A 113 -4.01 22.48 -45.29
N ALA A 114 -3.73 22.32 -44.00
CA ALA A 114 -3.20 23.38 -43.15
C ALA A 114 -1.67 23.31 -43.06
N GLY A 115 -1.10 22.20 -43.48
CA GLY A 115 0.36 21.98 -43.48
C GLY A 115 1.05 22.14 -42.13
N VAL A 116 0.53 21.48 -41.10
CA VAL A 116 1.05 21.63 -39.72
C VAL A 116 1.70 20.36 -39.16
N ARG A 117 1.58 19.24 -39.89
CA ARG A 117 2.18 17.96 -39.50
C ARG A 117 3.68 18.06 -39.20
N LYS A 118 4.37 18.99 -39.88
CA LYS A 118 5.82 19.16 -39.75
C LYS A 118 6.29 19.56 -38.35
N TYR A 119 5.36 20.01 -37.51
CA TYR A 119 5.67 20.47 -36.15
C TYR A 119 5.61 19.36 -35.10
N ILE A 120 5.07 18.20 -35.49
CA ILE A 120 4.73 17.15 -34.54
C ILE A 120 5.77 16.04 -34.48
N ARG A 121 6.34 15.85 -33.31
CA ARG A 121 7.19 14.70 -33.05
C ARG A 121 6.32 13.59 -32.46
N PHE A 122 5.92 12.64 -33.30
CA PHE A 122 5.09 11.52 -32.89
C PHE A 122 5.85 10.46 -32.12
N ASN A 123 5.10 9.56 -31.49
CA ASN A 123 5.63 8.45 -30.70
C ASN A 123 6.52 8.98 -29.58
N THR A 124 6.13 10.13 -29.05
CA THR A 124 6.91 10.88 -28.08
C THR A 124 5.99 11.23 -26.91
N ALA A 125 6.29 10.68 -25.73
CA ALA A 125 5.45 10.92 -24.56
C ALA A 125 6.06 11.95 -23.65
N VAL A 126 5.25 12.93 -23.26
CA VAL A 126 5.66 13.96 -22.32
C VAL A 126 5.77 13.36 -20.90
N ARG A 127 6.99 13.35 -20.36
CA ARG A 127 7.25 12.83 -19.01
C ARG A 127 7.00 13.84 -17.92
N HIS A 128 7.52 15.06 -18.11
CA HIS A 128 7.47 16.08 -17.09
C HIS A 128 7.57 17.49 -17.67
N VAL A 129 6.88 18.43 -17.05
CA VAL A 129 7.02 19.85 -17.37
C VAL A 129 7.29 20.64 -16.10
N GLU A 130 8.43 21.32 -16.06
CA GLU A 130 8.77 22.15 -14.92
C GLU A 130 9.08 23.59 -15.33
N PHE A 131 8.76 24.53 -14.44
CA PHE A 131 9.01 25.95 -14.67
C PHE A 131 10.20 26.37 -13.83
N ASN A 132 11.13 27.08 -14.46
CA ASN A 132 12.32 27.60 -13.78
C ASN A 132 12.18 29.11 -13.57
N GLU A 133 12.09 29.52 -12.30
CA GLU A 133 11.93 30.94 -11.96
C GLU A 133 13.04 31.81 -12.55
N ASP A 134 14.29 31.42 -12.32
CA ASP A 134 15.47 32.15 -12.78
C ASP A 134 15.57 32.26 -14.31
N SER A 135 15.05 31.25 -15.01
CA SER A 135 15.08 31.19 -16.47
C SER A 135 13.86 31.85 -17.09
N GLN A 136 12.74 31.81 -16.35
CA GLN A 136 11.42 32.17 -16.87
C GLN A 136 11.04 31.37 -18.12
N THR A 137 11.50 30.12 -18.18
CA THR A 137 11.24 29.20 -19.29
C THR A 137 10.94 27.80 -18.76
N PHE A 138 10.11 27.06 -19.49
CA PHE A 138 9.69 25.70 -19.11
C PHE A 138 10.63 24.61 -19.62
N THR A 139 10.96 23.66 -18.74
CA THR A 139 11.71 22.47 -19.13
C THR A 139 10.75 21.31 -19.36
N VAL A 140 10.68 20.86 -20.62
CA VAL A 140 9.80 19.75 -20.99
C VAL A 140 10.64 18.52 -21.25
N THR A 141 10.63 17.60 -20.30
CA THR A 141 11.28 16.31 -20.46
C THR A 141 10.30 15.37 -21.18
N VAL A 142 10.85 14.51 -22.03
CA VAL A 142 10.07 13.74 -22.97
C VAL A 142 10.76 12.40 -23.18
N GLN A 143 9.98 11.36 -23.45
CA GLN A 143 10.54 10.08 -23.92
C GLN A 143 10.15 9.78 -25.36
N ASP A 144 11.16 9.66 -26.21
CA ASP A 144 11.02 9.33 -27.63
C ASP A 144 11.09 7.82 -27.79
N HIS A 145 9.96 7.21 -28.13
CA HIS A 145 9.87 5.75 -28.13
C HIS A 145 10.40 5.07 -29.37
N THR A 146 10.64 5.86 -30.41
CA THR A 146 11.33 5.39 -31.61
C THR A 146 12.80 5.05 -31.29
N THR A 147 13.44 5.88 -30.46
CA THR A 147 14.86 5.70 -30.11
C THR A 147 15.09 5.24 -28.68
N ASP A 148 14.03 5.22 -27.88
CA ASP A 148 14.08 4.91 -26.44
C ASP A 148 14.99 5.90 -25.70
N THR A 149 14.77 7.19 -25.97
CA THR A 149 15.61 8.26 -25.42
C THR A 149 14.77 9.28 -24.68
N ILE A 150 15.25 9.71 -23.52
CA ILE A 150 14.58 10.74 -22.74
C ILE A 150 15.37 12.05 -22.82
N TYR A 151 14.73 13.09 -23.35
CA TYR A 151 15.41 14.39 -23.54
C TYR A 151 14.60 15.58 -23.06
N SER A 152 15.31 16.53 -22.45
CA SER A 152 14.72 17.79 -22.03
C SER A 152 14.98 18.88 -23.06
N GLU A 153 14.03 19.78 -23.21
CA GLU A 153 14.17 20.95 -24.08
C GLU A 153 13.47 22.14 -23.45
N GLU A 154 14.00 23.33 -23.71
CA GLU A 154 13.45 24.56 -23.15
C GLU A 154 12.39 25.19 -24.04
N PHE A 155 11.39 25.79 -23.40
CA PHE A 155 10.26 26.41 -24.09
C PHE A 155 9.83 27.65 -23.31
N ASP A 156 9.28 28.63 -24.01
CA ASP A 156 8.84 29.88 -23.38
C ASP A 156 7.39 29.79 -22.89
N TYR A 157 6.54 29.17 -23.72
CA TYR A 157 5.15 28.94 -23.36
C TYR A 157 4.81 27.46 -23.59
N VAL A 158 3.93 26.92 -22.75
CA VAL A 158 3.43 25.57 -22.96
C VAL A 158 1.92 25.59 -23.11
N VAL A 159 1.42 24.83 -24.08
CA VAL A 159 -0.01 24.66 -24.28
C VAL A 159 -0.35 23.19 -24.13
N CYS A 160 -1.05 22.87 -23.05
CA CYS A 160 -1.42 21.50 -22.74
C CYS A 160 -2.75 21.13 -23.38
N CYS A 161 -2.71 20.12 -24.26
CA CYS A 161 -3.88 19.65 -24.99
C CYS A 161 -3.97 18.12 -24.89
N THR A 162 -3.76 17.59 -23.68
CA THR A 162 -3.69 16.13 -23.52
C THR A 162 -5.03 15.48 -23.26
N GLY A 163 -6.10 16.27 -23.29
CA GLY A 163 -7.47 15.76 -23.16
C GLY A 163 -7.82 15.36 -21.74
N HIS A 164 -9.09 15.07 -21.52
CA HIS A 164 -9.55 14.61 -20.21
C HIS A 164 -10.61 13.52 -20.30
N PHE A 165 -10.64 12.79 -21.42
CA PHE A 165 -11.56 11.67 -21.58
C PHE A 165 -10.84 10.34 -21.81
N SER A 166 -9.70 10.14 -21.14
CA SER A 166 -8.86 8.99 -21.40
C SER A 166 -8.42 8.25 -20.15
N THR A 167 -8.38 8.97 -19.02
CA THR A 167 -8.01 8.39 -17.75
C THR A 167 -9.26 8.19 -16.92
N PRO A 168 -9.64 6.92 -16.72
CA PRO A 168 -10.98 6.63 -16.21
C PRO A 168 -11.20 6.82 -14.71
N TYR A 169 -12.41 7.24 -14.36
CA TYR A 169 -12.89 7.06 -13.00
C TYR A 169 -13.50 5.66 -12.95
N VAL A 170 -12.89 4.79 -12.16
CA VAL A 170 -13.29 3.40 -12.09
C VAL A 170 -13.65 3.04 -10.64
N PRO A 171 -14.91 3.30 -10.26
CA PRO A 171 -15.31 2.98 -8.89
C PRO A 171 -15.47 1.48 -8.72
N GLU A 172 -15.25 1.01 -7.50
CA GLU A 172 -15.38 -0.40 -7.17
C GLU A 172 -16.71 -0.63 -6.49
N PHE A 173 -17.28 -1.80 -6.74
CA PHE A 173 -18.48 -2.24 -6.03
C PHE A 173 -18.20 -3.48 -5.20
N GLU A 174 -18.98 -3.67 -4.14
CA GLU A 174 -18.83 -4.86 -3.30
C GLU A 174 -19.08 -6.12 -4.14
N GLY A 175 -18.09 -7.02 -4.12
CA GLY A 175 -18.19 -8.29 -4.82
C GLY A 175 -17.36 -8.40 -6.10
N PHE A 176 -16.97 -7.25 -6.65
CA PHE A 176 -16.24 -7.17 -7.93
C PHE A 176 -15.11 -8.19 -8.06
N GLU A 177 -14.42 -8.42 -6.94
CA GLU A 177 -13.30 -9.36 -6.87
C GLU A 177 -13.71 -10.80 -7.22
N LYS A 178 -14.96 -11.16 -6.94
CA LYS A 178 -15.42 -12.53 -7.13
C LYS A 178 -16.34 -12.70 -8.35
N PHE A 179 -16.71 -11.59 -8.99
CA PHE A 179 -17.56 -11.64 -10.19
C PHE A 179 -16.89 -12.38 -11.34
N GLY A 180 -17.58 -13.39 -11.86
CA GLY A 180 -17.03 -14.32 -12.84
C GLY A 180 -16.95 -13.82 -14.27
N GLY A 181 -17.66 -12.73 -14.56
CA GLY A 181 -17.61 -12.12 -15.89
C GLY A 181 -16.64 -10.96 -15.98
N ARG A 182 -16.55 -10.37 -17.18
CA ARG A 182 -15.70 -9.20 -17.42
C ARG A 182 -16.21 -7.97 -16.68
N ILE A 183 -15.27 -7.20 -16.14
CA ILE A 183 -15.54 -5.84 -15.70
C ILE A 183 -14.55 -4.92 -16.40
N LEU A 184 -15.07 -3.97 -17.15
CA LEU A 184 -14.27 -3.04 -17.90
C LEU A 184 -14.87 -1.65 -17.77
N HIS A 185 -14.06 -0.63 -17.99
CA HIS A 185 -14.56 0.73 -18.07
C HIS A 185 -14.93 1.03 -19.52
N ALA A 186 -15.83 1.98 -19.71
CA ALA A 186 -16.17 2.53 -21.02
C ALA A 186 -14.92 2.76 -21.88
N HIS A 187 -13.84 3.18 -21.23
CA HIS A 187 -12.56 3.42 -21.87
C HIS A 187 -11.99 2.19 -22.56
N ASP A 188 -12.28 1.01 -22.02
CA ASP A 188 -11.75 -0.24 -22.58
C ASP A 188 -12.68 -0.85 -23.66
N PHE A 189 -13.93 -0.41 -23.70
CA PHE A 189 -14.91 -0.91 -24.65
C PHE A 189 -14.42 -0.72 -26.09
N ARG A 190 -14.36 -1.82 -26.83
CA ARG A 190 -13.85 -1.76 -28.19
C ARG A 190 -14.83 -2.28 -29.25
N ASP A 191 -15.41 -3.46 -29.01
CA ASP A 191 -16.16 -4.17 -30.04
C ASP A 191 -17.42 -4.86 -29.49
N ALA A 192 -18.58 -4.35 -29.90
CA ALA A 192 -19.88 -4.86 -29.45
C ALA A 192 -20.15 -6.34 -29.79
N LEU A 193 -19.38 -6.88 -30.75
CA LEU A 193 -19.52 -8.28 -31.15
C LEU A 193 -19.18 -9.24 -30.01
N GLU A 194 -18.28 -8.82 -29.13
CA GLU A 194 -17.84 -9.61 -27.97
C GLU A 194 -18.98 -9.82 -26.98
N PHE A 195 -20.07 -9.09 -27.14
CA PHE A 195 -21.19 -9.16 -26.20
C PHE A 195 -22.46 -9.73 -26.83
N LYS A 196 -22.32 -10.25 -28.04
CA LYS A 196 -23.41 -10.97 -28.71
C LYS A 196 -23.90 -12.11 -27.82
N ASP A 197 -25.22 -12.19 -27.65
CA ASP A 197 -25.91 -13.16 -26.79
C ASP A 197 -25.53 -13.07 -25.31
N LYS A 198 -25.16 -11.88 -24.86
CA LYS A 198 -24.77 -11.68 -23.46
C LYS A 198 -25.58 -10.61 -22.77
N THR A 199 -25.79 -10.78 -21.46
CA THR A 199 -26.42 -9.76 -20.64
C THR A 199 -25.32 -8.83 -20.15
N VAL A 200 -25.46 -7.54 -20.48
CA VAL A 200 -24.47 -6.54 -20.15
C VAL A 200 -25.04 -5.50 -19.19
N LEU A 201 -24.33 -5.26 -18.09
CA LEU A 201 -24.70 -4.19 -17.17
C LEU A 201 -23.90 -2.93 -17.46
N LEU A 202 -24.61 -1.83 -17.66
CA LEU A 202 -23.98 -0.54 -17.87
C LEU A 202 -24.23 0.31 -16.64
N VAL A 203 -23.14 0.69 -15.98
CA VAL A 203 -23.22 1.50 -14.77
C VAL A 203 -22.83 2.94 -15.10
N GLY A 204 -23.67 3.89 -14.71
CA GLY A 204 -23.38 5.31 -14.87
C GLY A 204 -24.12 5.94 -16.02
N SER A 205 -24.32 7.25 -15.95
CA SER A 205 -25.08 7.98 -16.97
C SER A 205 -24.24 9.01 -17.72
N SER A 206 -24.18 8.84 -19.03
CA SER A 206 -23.49 9.75 -19.95
C SER A 206 -23.92 9.43 -21.38
N SER A 207 -23.45 10.22 -22.34
CA SER A 207 -23.70 9.94 -23.75
C SER A 207 -23.16 8.56 -24.16
N SER A 208 -21.98 8.21 -23.65
CA SER A 208 -21.30 6.96 -23.98
C SER A 208 -22.01 5.74 -23.41
N ALA A 209 -22.47 5.84 -22.16
CA ALA A 209 -23.32 4.83 -21.55
C ALA A 209 -24.46 4.45 -22.49
N GLU A 210 -25.16 5.47 -22.98
CA GLU A 210 -26.26 5.29 -23.92
C GLU A 210 -25.76 4.66 -25.21
N ASP A 211 -24.68 5.21 -25.77
CA ASP A 211 -24.17 4.74 -27.06
C ASP A 211 -23.47 3.38 -27.01
N ILE A 212 -22.76 3.09 -25.93
CA ILE A 212 -22.15 1.77 -25.74
C ILE A 212 -23.26 0.70 -25.64
N GLY A 213 -24.24 0.96 -24.80
CA GLY A 213 -25.41 0.09 -24.72
C GLY A 213 -26.06 -0.08 -26.07
N SER A 214 -26.30 1.02 -26.77
CA SER A 214 -26.92 0.99 -28.09
C SER A 214 -26.10 0.13 -29.04
N GLN A 215 -24.77 0.29 -28.98
CA GLN A 215 -23.86 -0.47 -29.81
C GLN A 215 -23.96 -1.98 -29.53
N CYS A 216 -24.04 -2.35 -28.25
CA CYS A 216 -24.24 -3.73 -27.84
C CYS A 216 -25.58 -4.28 -28.36
N TYR A 217 -26.62 -3.47 -28.21
CA TYR A 217 -27.96 -3.80 -28.66
C TYR A 217 -28.02 -4.05 -30.17
N LYS A 218 -27.41 -3.14 -30.92
CA LYS A 218 -27.38 -3.20 -32.39
C LYS A 218 -26.68 -4.46 -32.88
N TYR A 219 -25.64 -4.89 -32.17
CA TYR A 219 -24.81 -6.01 -32.63
C TYR A 219 -25.14 -7.37 -32.01
N GLY A 220 -26.19 -7.42 -31.21
CA GLY A 220 -26.79 -8.69 -30.82
C GLY A 220 -26.63 -9.16 -29.39
N ALA A 221 -26.69 -8.23 -28.45
CA ALA A 221 -26.69 -8.58 -27.03
C ALA A 221 -28.05 -9.12 -26.60
N LYS A 222 -28.04 -10.16 -25.77
CA LYS A 222 -29.28 -10.79 -25.29
C LYS A 222 -30.09 -9.84 -24.40
N LYS A 223 -29.41 -9.09 -23.54
CA LYS A 223 -30.06 -8.09 -22.69
C LYS A 223 -29.10 -6.97 -22.28
N LEU A 224 -29.66 -5.80 -21.98
CA LEU A 224 -28.92 -4.66 -21.47
C LEU A 224 -29.61 -4.05 -20.27
N ILE A 225 -28.81 -3.72 -19.24
CA ILE A 225 -29.32 -3.19 -18.00
C ILE A 225 -28.56 -1.91 -17.64
N SER A 226 -29.29 -0.80 -17.55
CA SER A 226 -28.72 0.50 -17.19
C SER A 226 -29.04 0.86 -15.75
N CYS A 227 -28.01 1.06 -14.93
CA CYS A 227 -28.20 1.58 -13.59
C CYS A 227 -27.33 2.80 -13.33
N TYR A 228 -27.87 3.76 -12.58
CA TYR A 228 -27.15 4.98 -12.22
C TYR A 228 -27.79 5.70 -11.03
N ARG A 229 -27.05 6.63 -10.45
CA ARG A 229 -27.54 7.44 -9.33
C ARG A 229 -28.17 8.73 -9.83
N THR A 230 -27.66 9.24 -10.95
CA THR A 230 -28.11 10.50 -11.53
C THR A 230 -29.55 10.42 -12.06
N ALA A 231 -30.08 11.56 -12.51
CA ALA A 231 -31.47 11.66 -12.99
C ALA A 231 -31.69 10.91 -14.31
N PRO A 232 -32.80 10.13 -14.40
CA PRO A 232 -33.15 9.47 -15.66
C PRO A 232 -33.60 10.48 -16.71
N MET A 233 -33.36 10.17 -17.99
CA MET A 233 -33.80 11.03 -19.09
C MET A 233 -35.20 10.65 -19.55
N GLY A 234 -35.63 9.44 -19.18
CA GLY A 234 -36.89 8.88 -19.63
C GLY A 234 -36.85 8.56 -21.10
N TYR A 235 -35.74 7.99 -21.56
CA TYR A 235 -35.61 7.53 -22.94
C TYR A 235 -36.45 6.28 -23.17
N LYS A 236 -37.11 6.21 -24.33
CA LYS A 236 -37.87 5.04 -24.72
C LYS A 236 -36.92 3.95 -25.22
N TRP A 237 -36.55 3.04 -24.31
CA TRP A 237 -35.61 1.96 -24.60
C TRP A 237 -36.33 0.76 -25.22
N PRO A 238 -35.58 -0.16 -25.88
CA PRO A 238 -36.15 -1.40 -26.41
C PRO A 238 -36.65 -2.37 -25.34
N GLU A 239 -37.23 -3.48 -25.78
CA GLU A 239 -37.80 -4.48 -24.88
C GLU A 239 -36.73 -5.21 -24.08
N ASN A 240 -35.61 -5.53 -24.73
CA ASN A 240 -34.50 -6.20 -24.06
C ASN A 240 -33.54 -5.22 -23.34
N TRP A 241 -33.98 -3.97 -23.23
CA TRP A 241 -33.23 -2.97 -22.47
C TRP A 241 -33.99 -2.65 -21.19
N ASP A 242 -33.29 -2.79 -20.08
CA ASP A 242 -33.88 -2.65 -18.76
C ASP A 242 -33.30 -1.42 -18.06
N GLU A 243 -34.14 -0.73 -17.30
CA GLU A 243 -33.70 0.37 -16.45
C GLU A 243 -33.87 0.04 -14.97
N ARG A 244 -32.75 0.04 -14.25
CA ARG A 244 -32.73 -0.31 -12.83
C ARG A 244 -32.06 0.81 -12.02
N PRO A 245 -32.46 0.97 -10.74
CA PRO A 245 -31.75 1.88 -9.84
C PRO A 245 -30.39 1.32 -9.44
N ASN A 246 -29.55 2.18 -8.87
CA ASN A 246 -28.13 1.91 -8.61
C ASN A 246 -27.77 0.50 -8.12
N LEU A 247 -26.64 0.02 -8.64
CA LEU A 247 -26.03 -1.23 -8.22
C LEU A 247 -25.50 -1.10 -6.80
N VAL A 248 -25.65 -2.17 -6.02
CA VAL A 248 -25.12 -2.18 -4.66
C VAL A 248 -24.09 -3.29 -4.46
N ARG A 249 -24.21 -4.37 -5.23
CA ARG A 249 -23.42 -5.58 -5.00
C ARG A 249 -23.42 -6.51 -6.21
N VAL A 250 -22.39 -7.34 -6.29
CA VAL A 250 -22.37 -8.40 -7.24
C VAL A 250 -21.84 -9.65 -6.56
N ASP A 251 -22.17 -10.79 -7.11
CA ASP A 251 -21.67 -12.05 -6.62
C ASP A 251 -21.08 -12.72 -7.81
N THR A 252 -20.99 -14.02 -7.82
CA THR A 252 -20.29 -14.66 -8.88
C THR A 252 -20.81 -14.39 -10.22
N GLU A 253 -22.10 -14.28 -10.36
CA GLU A 253 -22.73 -14.05 -11.67
C GLU A 253 -23.93 -13.11 -11.66
N ASN A 254 -24.32 -12.63 -10.49
CA ASN A 254 -25.52 -11.81 -10.36
C ASN A 254 -25.26 -10.40 -9.88
N ALA A 255 -26.06 -9.45 -10.36
CA ALA A 255 -26.01 -8.07 -9.90
C ALA A 255 -27.15 -7.83 -8.92
N TYR A 256 -26.96 -6.91 -7.98
CA TYR A 256 -27.97 -6.57 -6.98
C TYR A 256 -28.19 -5.07 -6.95
N PHE A 257 -29.46 -4.67 -7.05
CA PHE A 257 -29.83 -3.27 -7.21
C PHE A 257 -30.49 -2.69 -5.95
N ALA A 258 -30.62 -1.37 -5.93
CA ALA A 258 -31.24 -0.67 -4.80
C ALA A 258 -32.70 -1.09 -4.58
N ASP A 259 -33.29 -1.76 -5.59
CA ASP A 259 -34.58 -2.43 -5.46
C ASP A 259 -34.54 -3.55 -4.43
N GLY A 260 -33.43 -4.27 -4.41
CA GLY A 260 -33.33 -5.54 -3.70
C GLY A 260 -33.53 -6.66 -4.71
N SER A 261 -33.73 -6.28 -5.96
CA SER A 261 -33.84 -7.22 -7.08
C SER A 261 -32.47 -7.66 -7.55
N SER A 262 -32.42 -8.83 -8.17
CA SER A 262 -31.18 -9.38 -8.69
C SER A 262 -31.36 -9.88 -10.11
N GLU A 263 -30.23 -10.08 -10.80
CA GLU A 263 -30.24 -10.51 -12.19
C GLU A 263 -28.85 -10.96 -12.61
N LYS A 264 -28.80 -12.06 -13.36
CA LYS A 264 -27.54 -12.58 -13.89
C LYS A 264 -27.05 -11.67 -15.01
N VAL A 265 -25.77 -11.31 -14.93
CA VAL A 265 -25.10 -10.48 -15.92
C VAL A 265 -23.77 -11.12 -16.32
N ASP A 266 -23.47 -11.12 -17.61
CA ASP A 266 -22.26 -11.76 -18.13
C ASP A 266 -21.06 -10.82 -18.07
N ALA A 267 -21.32 -9.52 -18.19
CA ALA A 267 -20.29 -8.50 -18.21
C ALA A 267 -20.81 -7.20 -17.59
N ILE A 268 -19.91 -6.45 -16.97
CA ILE A 268 -20.22 -5.11 -16.46
C ILE A 268 -19.37 -4.04 -17.17
N ILE A 269 -20.01 -3.03 -17.74
CA ILE A 269 -19.29 -1.90 -18.35
C ILE A 269 -19.47 -0.60 -17.56
N LEU A 270 -18.41 -0.20 -16.85
CA LEU A 270 -18.45 1.01 -16.04
C LEU A 270 -18.31 2.27 -16.90
N CYS A 271 -19.42 2.99 -17.02
CA CYS A 271 -19.49 4.22 -17.79
C CYS A 271 -19.56 5.36 -16.81
N THR A 272 -18.49 5.50 -16.03
CA THR A 272 -18.52 6.35 -14.84
C THR A 272 -17.66 7.59 -14.99
N GLY A 273 -17.27 7.89 -16.21
CA GLY A 273 -16.56 9.13 -16.50
C GLY A 273 -15.07 9.02 -16.32
N TYR A 274 -14.45 10.19 -16.16
CA TYR A 274 -13.01 10.31 -16.27
C TYR A 274 -12.48 11.38 -15.34
N ILE A 275 -11.18 11.29 -15.08
CA ILE A 275 -10.50 12.29 -14.30
C ILE A 275 -9.52 13.11 -15.15
N HIS A 276 -9.34 14.38 -14.76
CA HIS A 276 -8.27 15.21 -15.32
C HIS A 276 -6.98 14.74 -14.68
N HIS A 277 -6.17 14.06 -15.47
CA HIS A 277 -4.99 13.41 -14.96
C HIS A 277 -3.77 13.85 -15.76
N PHE A 278 -2.80 14.37 -15.04
CA PHE A 278 -1.64 15.00 -15.65
C PHE A 278 -0.39 14.58 -14.89
N PRO A 279 0.07 13.34 -15.12
CA PRO A 279 1.25 12.82 -14.41
C PRO A 279 2.55 13.52 -14.79
N PHE A 280 2.52 14.29 -15.87
CA PHE A 280 3.68 15.07 -16.30
C PHE A 280 3.81 16.43 -15.60
N LEU A 281 2.84 16.78 -14.75
CA LEU A 281 2.84 18.09 -14.10
C LEU A 281 2.93 17.99 -12.58
N ASN A 282 3.65 18.94 -11.98
CA ASN A 282 3.58 19.15 -10.53
C ASN A 282 2.40 20.07 -10.22
N ASP A 283 2.14 20.28 -8.93
CA ASP A 283 0.98 21.07 -8.50
C ASP A 283 1.05 22.55 -8.87
N ASP A 284 2.26 23.05 -9.10
CA ASP A 284 2.44 24.42 -9.55
C ASP A 284 1.67 24.68 -10.85
N LEU A 285 1.54 23.64 -11.68
CA LEU A 285 0.98 23.74 -13.03
C LEU A 285 -0.26 22.88 -13.27
N ARG A 286 -0.54 21.95 -12.36
CA ARG A 286 -1.45 20.86 -12.62
C ARG A 286 -2.93 21.21 -12.33
N LEU A 287 -3.75 21.13 -13.36
CA LEU A 287 -5.18 21.43 -13.26
C LEU A 287 -5.92 20.32 -12.52
N VAL A 288 -6.62 20.70 -11.46
CA VAL A 288 -7.38 19.76 -10.64
C VAL A 288 -8.85 20.16 -10.73
N THR A 289 -9.68 19.28 -11.31
CA THR A 289 -11.08 19.61 -11.56
C THR A 289 -11.89 18.37 -11.92
N ASN A 290 -13.18 18.39 -11.56
CA ASN A 290 -14.15 17.45 -12.09
C ASN A 290 -14.64 17.93 -13.44
N ASN A 291 -15.21 17.02 -14.24
CA ASN A 291 -15.73 17.36 -15.56
C ASN A 291 -16.96 18.26 -15.47
N ARG A 292 -16.84 19.47 -16.01
CA ARG A 292 -17.88 20.48 -15.90
C ARG A 292 -17.69 21.56 -16.97
N LEU A 293 -18.70 22.41 -17.12
CA LEU A 293 -18.61 23.52 -18.07
C LEU A 293 -17.58 24.59 -17.67
N TRP A 294 -17.35 24.80 -16.37
CA TRP A 294 -16.37 25.80 -15.93
C TRP A 294 -15.38 25.37 -14.83
N PRO A 295 -14.27 24.71 -15.21
CA PRO A 295 -13.16 24.48 -14.29
C PRO A 295 -12.53 25.80 -13.85
N LEU A 296 -12.05 25.84 -12.60
CA LEU A 296 -11.42 27.05 -12.06
C LEU A 296 -9.95 27.11 -12.41
N ASN A 297 -9.34 28.26 -12.10
CA ASN A 297 -7.91 28.52 -12.35
C ASN A 297 -7.56 28.67 -13.83
N LEU A 298 -8.62 28.76 -14.65
CA LEU A 298 -8.49 28.94 -16.08
C LEU A 298 -9.15 30.27 -16.47
N TYR A 299 -8.32 31.31 -16.65
CA TYR A 299 -8.82 32.60 -17.09
C TYR A 299 -9.19 32.50 -18.55
N LYS A 300 -10.39 32.95 -18.89
CA LYS A 300 -11.01 32.74 -20.20
C LYS A 300 -11.08 31.24 -20.56
N GLY A 301 -10.94 30.39 -19.54
CA GLY A 301 -10.99 28.94 -19.67
C GLY A 301 -9.74 28.29 -20.22
N VAL A 302 -8.66 29.05 -20.30
CA VAL A 302 -7.50 28.66 -21.11
C VAL A 302 -6.18 28.96 -20.41
N VAL A 303 -6.09 30.13 -19.79
CA VAL A 303 -4.86 30.60 -19.15
C VAL A 303 -4.77 30.05 -17.72
N TRP A 304 -3.66 29.37 -17.44
CA TRP A 304 -3.37 28.86 -16.10
C TRP A 304 -3.00 30.05 -15.19
N GLU A 305 -3.83 30.29 -14.19
CA GLU A 305 -3.78 31.54 -13.45
C GLU A 305 -2.54 31.73 -12.58
N ASP A 306 -2.04 30.65 -11.98
CA ASP A 306 -0.80 30.70 -11.18
C ASP A 306 0.45 30.81 -12.06
N ASN A 307 0.34 30.44 -13.33
CA ASN A 307 1.42 30.66 -14.29
C ASN A 307 0.88 30.97 -15.69
N PRO A 308 0.71 32.27 -15.99
CA PRO A 308 0.11 32.75 -17.24
C PRO A 308 0.75 32.23 -18.53
N LYS A 309 1.96 31.66 -18.42
CA LYS A 309 2.68 31.18 -19.60
C LYS A 309 2.39 29.70 -19.88
N PHE A 310 1.43 29.14 -19.14
CA PHE A 310 0.99 27.77 -19.32
C PHE A 310 -0.50 27.75 -19.66
N PHE A 311 -0.88 26.96 -20.66
CA PHE A 311 -2.24 26.97 -21.20
C PHE A 311 -2.89 25.59 -21.29
N TYR A 312 -4.21 25.54 -21.10
CA TYR A 312 -5.00 24.34 -21.32
C TYR A 312 -6.04 24.59 -22.41
N ILE A 313 -6.18 23.62 -23.32
CA ILE A 313 -7.20 23.69 -24.36
C ILE A 313 -8.16 22.52 -24.19
N GLY A 314 -9.44 22.82 -24.25
CA GLY A 314 -10.48 21.79 -24.29
C GLY A 314 -10.70 21.04 -23.00
N MET A 315 -10.32 21.64 -21.88
CA MET A 315 -10.40 20.97 -20.58
C MET A 315 -11.78 21.10 -19.92
N GLN A 316 -12.63 21.95 -20.48
CA GLN A 316 -14.05 22.05 -20.13
C GLN A 316 -14.77 20.78 -20.61
N ASP A 317 -15.93 20.50 -20.05
CA ASP A 317 -16.82 19.48 -20.58
C ASP A 317 -17.24 19.93 -21.99
N GLN A 318 -17.43 18.99 -22.90
CA GLN A 318 -17.63 19.34 -24.31
C GLN A 318 -19.07 19.20 -24.81
N TRP A 319 -19.75 20.33 -24.91
CA TRP A 319 -21.06 20.39 -25.58
C TRP A 319 -20.81 20.81 -27.02
N TYR A 320 -19.99 21.82 -27.18
CA TYR A 320 -19.43 22.19 -28.44
C TYR A 320 -18.13 21.49 -28.38
N SER A 321 -17.50 21.21 -29.49
CA SER A 321 -16.22 20.63 -29.44
C SER A 321 -15.19 21.33 -30.29
N PHE A 322 -15.16 21.02 -31.56
CA PHE A 322 -14.12 21.52 -32.40
C PHE A 322 -14.01 23.05 -32.50
N ASN A 323 -15.13 23.73 -32.63
CA ASN A 323 -15.17 25.18 -32.65
C ASN A 323 -14.67 25.82 -31.36
N MET A 324 -15.00 25.22 -30.21
CA MET A 324 -14.45 25.63 -28.92
C MET A 324 -12.91 25.57 -28.89
N PHE A 325 -12.35 24.43 -29.28
CA PHE A 325 -10.89 24.28 -29.31
C PHE A 325 -10.25 25.38 -30.18
N ASP A 326 -10.82 25.61 -31.36
CA ASP A 326 -10.36 26.66 -32.29
C ASP A 326 -10.38 28.04 -31.64
N ALA A 327 -11.52 28.38 -31.04
CA ALA A 327 -11.67 29.63 -30.30
C ALA A 327 -10.62 29.73 -29.19
N GLN A 328 -10.49 28.65 -28.40
CA GLN A 328 -9.52 28.61 -27.30
C GLN A 328 -8.09 28.71 -27.81
N ALA A 329 -7.81 27.98 -28.90
CA ALA A 329 -6.51 28.02 -29.56
C ALA A 329 -6.17 29.40 -30.09
N TRP A 330 -7.13 30.06 -30.73
CA TRP A 330 -6.90 31.41 -31.30
C TRP A 330 -6.55 32.41 -30.21
N TYR A 331 -7.30 32.36 -29.12
CA TYR A 331 -7.09 33.25 -27.99
C TYR A 331 -5.70 33.06 -27.42
N ALA A 332 -5.37 31.81 -27.06
CA ALA A 332 -4.08 31.47 -26.48
C ALA A 332 -2.93 31.94 -27.38
N ARG A 333 -3.09 31.75 -28.68
CA ARG A 333 -2.12 32.24 -29.66
C ARG A 333 -1.87 33.74 -29.51
N ASP A 334 -2.95 34.51 -29.44
CA ASP A 334 -2.86 35.97 -29.36
C ASP A 334 -2.35 36.46 -28.00
N VAL A 335 -2.54 35.65 -26.96
CA VAL A 335 -1.94 35.91 -25.65
C VAL A 335 -0.44 35.67 -25.72
N ILE A 336 -0.05 34.54 -26.32
CA ILE A 336 1.35 34.19 -26.53
C ILE A 336 2.09 35.23 -27.39
N MET A 337 1.44 35.70 -28.45
CA MET A 337 2.06 36.64 -29.39
C MET A 337 2.06 38.10 -28.93
N GLY A 338 1.58 38.37 -27.72
CA GLY A 338 1.55 39.72 -27.17
C GLY A 338 0.40 40.57 -27.69
N ARG A 339 -0.47 39.97 -28.51
CA ARG A 339 -1.62 40.66 -29.09
C ARG A 339 -2.68 40.99 -28.05
N LEU A 340 -2.68 40.26 -26.93
CA LEU A 340 -3.60 40.51 -25.83
C LEU A 340 -2.89 40.53 -24.49
N PRO A 341 -2.90 41.70 -23.80
CA PRO A 341 -2.32 41.79 -22.46
C PRO A 341 -3.22 41.12 -21.44
N LEU A 342 -2.61 40.62 -20.37
CA LEU A 342 -3.36 39.92 -19.34
C LEU A 342 -3.61 40.80 -18.13
N PRO A 343 -4.83 40.75 -17.58
CA PRO A 343 -5.11 41.38 -16.30
C PRO A 343 -4.33 40.68 -15.18
N SER A 344 -4.23 41.33 -14.04
CA SER A 344 -3.48 40.78 -12.90
C SER A 344 -4.14 39.51 -12.39
N LYS A 345 -3.38 38.72 -11.63
CA LYS A 345 -3.88 37.49 -11.02
C LYS A 345 -5.20 37.74 -10.27
N GLU A 346 -5.25 38.84 -9.51
CA GLU A 346 -6.45 39.23 -8.77
C GLU A 346 -7.62 39.47 -9.72
N GLU A 347 -7.34 40.09 -10.87
CA GLU A 347 -8.37 40.38 -11.88
C GLU A 347 -8.81 39.13 -12.64
N MET A 348 -7.86 38.26 -12.99
CA MET A 348 -8.17 37.01 -13.69
C MET A 348 -9.10 36.13 -12.86
N LYS A 349 -8.83 36.09 -11.56
CA LYS A 349 -9.62 35.30 -10.61
C LYS A 349 -11.02 35.88 -10.39
N ALA A 350 -11.16 37.19 -10.54
CA ALA A 350 -12.46 37.83 -10.46
C ALA A 350 -13.31 37.39 -11.65
N ASP A 351 -12.75 37.50 -12.84
CA ASP A 351 -13.41 37.12 -14.09
C ASP A 351 -13.82 35.64 -14.07
N SER A 352 -12.92 34.78 -13.58
CA SER A 352 -13.21 33.36 -13.53
C SER A 352 -14.31 33.03 -12.51
N MET A 353 -14.39 33.80 -11.44
CA MET A 353 -15.42 33.61 -10.42
C MET A 353 -16.83 33.87 -10.96
N ALA A 354 -16.97 34.93 -11.76
CA ALA A 354 -18.25 35.29 -12.37
C ALA A 354 -18.74 34.19 -13.34
N TRP A 355 -17.82 33.67 -14.15
CA TRP A 355 -18.16 32.53 -15.04
C TRP A 355 -18.65 31.32 -14.26
N ARG A 356 -18.02 31.07 -13.11
CA ARG A 356 -18.38 29.96 -12.24
C ARG A 356 -19.77 30.15 -11.61
N GLU A 357 -20.07 31.35 -11.15
CA GLU A 357 -21.39 31.65 -10.59
C GLU A 357 -22.50 31.43 -11.61
N LYS A 358 -22.26 31.84 -12.85
CA LYS A 358 -23.22 31.63 -13.93
C LYS A 358 -23.33 30.13 -14.25
N GLU A 359 -22.21 29.41 -14.12
CA GLU A 359 -22.16 27.98 -14.36
C GLU A 359 -23.05 27.18 -13.40
N LEU A 360 -23.10 27.61 -12.13
CA LEU A 360 -23.89 26.89 -11.12
C LEU A 360 -25.41 27.10 -11.24
N THR A 361 -25.82 28.18 -11.91
CA THR A 361 -27.25 28.44 -12.17
C THR A 361 -27.82 27.54 -13.26
N LEU A 362 -26.95 26.96 -14.09
CA LEU A 362 -27.38 26.20 -15.27
C LEU A 362 -28.08 24.90 -14.89
N VAL A 363 -29.30 24.71 -15.40
CA VAL A 363 -30.08 23.52 -15.11
C VAL A 363 -30.33 22.68 -16.38
N THR A 364 -30.88 23.30 -17.41
CA THR A 364 -31.34 22.58 -18.60
C THR A 364 -30.29 22.50 -19.71
N ALA A 365 -30.45 21.50 -20.58
CA ALA A 365 -29.64 21.36 -21.79
C ALA A 365 -29.52 22.69 -22.56
N GLU A 366 -30.66 23.33 -22.81
CA GLU A 366 -30.72 24.64 -23.45
C GLU A 366 -29.75 25.68 -22.83
N GLU A 367 -29.71 25.74 -21.49
CA GLU A 367 -28.85 26.69 -20.79
C GLU A 367 -27.36 26.31 -20.91
N MET A 368 -27.09 25.00 -20.89
CA MET A 368 -25.72 24.49 -21.03
C MET A 368 -25.11 24.93 -22.36
N TYR A 369 -25.82 24.65 -23.45
CA TYR A 369 -25.42 25.07 -24.79
C TYR A 369 -25.22 26.57 -24.88
N THR A 370 -26.19 27.33 -24.36
CA THR A 370 -26.14 28.79 -24.39
C THR A 370 -24.88 29.30 -23.70
N TYR A 371 -24.63 28.80 -22.49
CA TYR A 371 -23.45 29.14 -21.71
C TYR A 371 -22.15 28.93 -22.49
N GLN A 372 -21.89 27.69 -22.91
CA GLN A 372 -20.69 27.37 -23.70
C GLN A 372 -20.71 28.14 -25.03
N GLY A 373 -21.89 28.24 -25.63
CA GLY A 373 -22.08 29.10 -26.81
C GLY A 373 -21.59 30.51 -26.53
N ASP A 374 -22.09 31.08 -25.43
CA ASP A 374 -21.70 32.42 -24.99
C ASP A 374 -20.21 32.50 -24.64
N TYR A 375 -19.67 31.42 -24.08
CA TYR A 375 -18.25 31.33 -23.79
C TYR A 375 -17.42 31.48 -25.07
N ILE A 376 -17.75 30.68 -26.09
CA ILE A 376 -17.02 30.70 -27.35
C ILE A 376 -17.13 32.06 -28.04
N GLN A 377 -18.32 32.66 -28.01
CA GLN A 377 -18.53 34.00 -28.59
C GLN A 377 -17.56 35.01 -27.96
N ASN A 378 -17.44 34.98 -26.64
CA ASN A 378 -16.48 35.81 -25.92
C ASN A 378 -15.04 35.64 -26.39
N LEU A 379 -14.61 34.40 -26.56
CA LEU A 379 -13.26 34.11 -27.04
C LEU A 379 -13.07 34.48 -28.51
N ILE A 380 -14.13 34.41 -29.30
CA ILE A 380 -14.06 34.73 -30.73
C ILE A 380 -13.95 36.24 -30.97
N ASP A 381 -14.70 37.03 -30.19
CA ASP A 381 -14.70 38.49 -30.32
C ASP A 381 -13.33 39.13 -30.09
N MET A 382 -12.51 38.50 -29.25
CA MET A 382 -11.16 38.99 -28.92
C MET A 382 -10.12 38.70 -30.01
N THR A 383 -10.47 37.88 -31.00
CA THR A 383 -9.50 37.46 -32.02
C THR A 383 -10.00 37.56 -33.47
N ASP A 384 -9.08 37.32 -34.41
CA ASP A 384 -9.40 37.28 -35.83
C ASP A 384 -10.08 35.98 -36.29
N TYR A 385 -10.60 35.19 -35.35
CA TYR A 385 -11.31 33.96 -35.71
C TYR A 385 -12.68 34.31 -36.30
N PRO A 386 -13.00 33.72 -37.47
CA PRO A 386 -14.28 33.98 -38.12
C PRO A 386 -15.44 33.60 -37.21
N SER A 387 -16.39 34.52 -37.06
CA SER A 387 -17.59 34.29 -36.26
C SER A 387 -18.48 33.28 -36.99
N PHE A 388 -19.28 32.54 -36.23
CA PHE A 388 -20.27 31.62 -36.80
C PHE A 388 -21.63 31.75 -36.09
N ASP A 389 -22.62 31.02 -36.59
CA ASP A 389 -23.98 31.16 -36.06
C ASP A 389 -24.20 30.26 -34.85
N ILE A 390 -23.75 30.73 -33.69
CA ILE A 390 -23.87 30.01 -32.43
C ILE A 390 -25.35 29.72 -32.06
N PRO A 391 -26.23 30.75 -32.11
CA PRO A 391 -27.64 30.45 -31.80
C PRO A 391 -28.23 29.36 -32.69
N ALA A 392 -27.91 29.38 -33.99
CA ALA A 392 -28.44 28.39 -34.94
C ALA A 392 -27.85 27.00 -34.71
N THR A 393 -26.61 26.97 -34.24
CA THR A 393 -25.94 25.75 -33.83
C THR A 393 -26.64 25.16 -32.61
N ASN A 394 -26.92 26.00 -31.61
CA ASN A 394 -27.67 25.60 -30.41
C ASN A 394 -29.03 25.04 -30.81
N LYS A 395 -29.78 25.81 -31.60
CA LYS A 395 -31.05 25.36 -32.18
C LYS A 395 -30.93 23.94 -32.73
N THR A 396 -29.85 23.70 -33.47
CA THR A 396 -29.63 22.41 -34.12
C THR A 396 -29.25 21.33 -33.10
N PHE A 397 -28.47 21.73 -32.09
CA PHE A 397 -28.16 20.85 -30.98
C PHE A 397 -29.45 20.42 -30.27
N LEU A 398 -30.32 21.38 -30.01
CA LEU A 398 -31.57 21.11 -29.28
C LEU A 398 -32.53 20.24 -30.09
N GLU A 399 -32.51 20.41 -31.42
CA GLU A 399 -33.21 19.52 -32.34
C GLU A 399 -32.78 18.07 -32.15
N TRP A 400 -31.46 17.86 -32.00
CA TRP A 400 -30.89 16.54 -31.80
C TRP A 400 -31.30 15.92 -30.47
N LYS A 401 -31.26 16.70 -29.41
CA LYS A 401 -31.67 16.21 -28.09
C LYS A 401 -33.17 15.88 -28.03
N HIS A 402 -33.97 16.63 -28.78
CA HIS A 402 -35.39 16.34 -28.91
C HIS A 402 -35.58 15.00 -29.64
N HIS A 403 -34.80 14.78 -30.70
CA HIS A 403 -34.87 13.53 -31.46
C HIS A 403 -34.44 12.30 -30.65
N LYS A 404 -33.43 12.46 -29.80
CA LYS A 404 -33.01 11.43 -28.84
C LYS A 404 -34.16 11.06 -27.90
N LYS A 405 -34.89 12.07 -27.45
CA LYS A 405 -35.99 11.91 -26.50
C LYS A 405 -37.21 11.26 -27.16
N GLU A 406 -37.38 11.46 -28.45
CA GLU A 406 -38.43 10.77 -29.16
C GLU A 406 -38.19 9.30 -29.29
N ASN A 407 -37.02 8.93 -29.72
CA ASN A 407 -36.69 7.55 -29.84
C ASN A 407 -35.19 7.45 -29.91
N ILE A 408 -34.61 6.96 -28.85
CA ILE A 408 -33.19 6.92 -28.71
C ILE A 408 -32.54 6.08 -29.75
N MET A 409 -33.24 5.11 -30.28
CA MET A 409 -32.66 4.20 -31.27
C MET A 409 -32.70 4.70 -32.72
N THR A 410 -33.36 5.83 -32.95
CA THR A 410 -33.53 6.34 -34.31
C THR A 410 -33.00 7.76 -34.53
N PHE A 411 -32.48 8.41 -33.49
CA PHE A 411 -32.04 9.80 -33.64
C PHE A 411 -30.99 10.00 -34.74
N ARG A 412 -30.19 8.96 -35.00
CA ARG A 412 -29.15 9.02 -36.03
C ARG A 412 -29.67 8.91 -37.48
N ASP A 413 -30.96 8.62 -37.64
CA ASP A 413 -31.56 8.57 -38.97
C ASP A 413 -32.12 9.93 -39.42
N HIS A 414 -32.28 10.85 -38.48
CA HIS A 414 -32.69 12.22 -38.77
C HIS A 414 -31.61 13.03 -39.50
N SER A 415 -32.06 14.04 -40.23
CA SER A 415 -31.17 14.93 -40.99
C SER A 415 -31.22 16.37 -40.45
N TYR A 416 -30.20 17.17 -40.78
CA TYR A 416 -30.17 18.58 -40.34
C TYR A 416 -29.65 19.53 -41.42
N ARG A 417 -29.95 20.82 -41.27
CA ARG A 417 -29.55 21.84 -42.23
C ARG A 417 -28.15 22.36 -41.93
N SER A 418 -27.29 22.30 -42.94
CA SER A 418 -25.93 22.84 -42.84
C SER A 418 -25.98 24.32 -42.57
N LEU A 419 -25.25 24.75 -41.56
CA LEU A 419 -25.18 26.15 -41.18
C LEU A 419 -24.11 26.87 -42.01
N MET A 420 -23.60 26.15 -43.01
CA MET A 420 -22.57 26.67 -43.93
C MET A 420 -23.13 26.85 -45.35
N THR A 421 -23.98 25.90 -45.78
CA THR A 421 -24.58 25.95 -47.11
C THR A 421 -26.08 26.10 -47.07
N GLY A 422 -26.68 25.89 -45.89
CA GLY A 422 -28.11 25.96 -45.71
C GLY A 422 -28.86 24.79 -46.33
N THR A 423 -28.12 23.84 -46.88
CA THR A 423 -28.69 22.66 -47.51
C THR A 423 -29.02 21.57 -46.49
N MET A 424 -30.23 21.04 -46.59
CA MET A 424 -30.68 19.95 -45.73
C MET A 424 -30.00 18.64 -46.12
N ALA A 425 -29.24 18.07 -45.19
CA ALA A 425 -28.53 16.81 -45.41
C ALA A 425 -29.50 15.68 -45.79
N PRO A 426 -29.13 14.85 -46.78
CA PRO A 426 -30.00 13.77 -47.23
C PRO A 426 -30.06 12.60 -46.24
N LYS A 427 -31.15 11.85 -46.27
CA LYS A 427 -31.27 10.63 -45.48
C LYS A 427 -30.25 9.62 -45.98
N HIS A 428 -29.68 8.86 -45.05
CA HIS A 428 -28.68 7.85 -45.38
C HIS A 428 -29.31 6.61 -46.03
N HIS A 429 -28.55 5.97 -46.91
CA HIS A 429 -29.06 4.83 -47.70
C HIS A 429 -29.49 3.62 -46.86
N THR A 430 -28.95 3.53 -45.64
CA THR A 430 -29.26 2.44 -44.73
C THR A 430 -29.61 3.00 -43.35
N PRO A 431 -30.73 2.54 -42.76
CA PRO A 431 -31.09 2.87 -41.38
C PRO A 431 -30.01 2.42 -40.39
N TRP A 432 -29.83 3.20 -39.32
CA TRP A 432 -28.72 3.00 -38.39
C TRP A 432 -28.64 1.60 -37.81
N ILE A 433 -29.80 1.06 -37.41
CA ILE A 433 -29.84 -0.25 -36.78
C ILE A 433 -29.42 -1.39 -37.73
N ASP A 434 -29.55 -1.14 -39.03
CA ASP A 434 -29.18 -2.12 -40.05
C ASP A 434 -27.77 -1.87 -40.60
N ALA A 435 -27.26 -0.66 -40.35
CA ALA A 435 -25.96 -0.25 -40.88
C ALA A 435 -24.82 -0.82 -40.03
N LEU A 436 -24.58 -2.11 -40.19
CA LEU A 436 -23.57 -2.83 -39.41
C LEU A 436 -22.15 -2.49 -39.85
N ASP A 437 -21.97 -2.22 -41.14
CA ASP A 437 -20.68 -1.84 -41.68
C ASP A 437 -20.42 -0.38 -41.34
N ASP A 438 -19.29 -0.10 -40.70
CA ASP A 438 -18.99 1.26 -40.25
C ASP A 438 -17.88 1.95 -41.04
N SER A 439 -17.42 1.29 -42.10
CA SER A 439 -16.30 1.78 -42.90
C SER A 439 -16.64 3.01 -43.73
N LEU A 440 -15.63 3.82 -44.01
CA LEU A 440 -15.77 4.96 -44.89
C LEU A 440 -16.33 4.56 -46.26
N GLU A 441 -15.76 3.49 -46.83
CA GLU A 441 -16.14 3.01 -48.15
C GLU A 441 -17.62 2.64 -48.23
N ALA A 442 -18.09 1.88 -47.24
CA ALA A 442 -19.50 1.49 -47.16
C ALA A 442 -20.43 2.70 -47.03
N TYR A 443 -20.01 3.69 -46.24
CA TYR A 443 -20.81 4.89 -45.99
C TYR A 443 -20.90 5.83 -47.20
N LEU A 444 -19.82 5.92 -47.98
CA LEU A 444 -19.76 6.88 -49.09
C LEU A 444 -20.30 6.31 -50.40
N SER A 445 -20.31 4.99 -50.53
CA SER A 445 -20.84 4.35 -51.73
C SER A 445 -22.37 4.42 -51.79
N ASP A 446 -22.92 4.02 -52.93
CA ASP A 446 -24.36 3.93 -53.13
C ASP A 446 -24.86 2.52 -52.76
N LYS A 447 -24.82 2.20 -51.47
CA LYS A 447 -25.28 0.90 -50.97
C LYS A 447 -26.72 0.98 -50.45
N ALA B 2 21.06 13.28 9.29
CA ALA B 2 20.69 11.84 9.33
C ALA B 2 20.48 11.31 7.92
N THR B 3 20.87 10.06 7.68
CA THR B 3 20.71 9.42 6.37
C THR B 3 19.26 9.01 6.09
N ARG B 4 18.76 9.33 4.90
CA ARG B 4 17.39 8.96 4.46
C ARG B 4 17.45 8.08 3.21
N ILE B 5 16.63 7.03 3.20
CA ILE B 5 16.56 6.08 2.09
C ILE B 5 15.16 6.06 1.51
N ALA B 6 15.07 6.17 0.19
CA ALA B 6 13.81 6.00 -0.52
C ALA B 6 13.74 4.57 -1.04
N ILE B 7 12.67 3.86 -0.68
CA ILE B 7 12.43 2.52 -1.21
C ILE B 7 11.20 2.60 -2.08
N LEU B 8 11.38 2.25 -3.35
CA LEU B 8 10.34 2.42 -4.35
C LEU B 8 9.65 1.10 -4.61
N GLY B 9 8.47 0.93 -4.02
CA GLY B 9 7.69 -0.29 -4.17
C GLY B 9 7.63 -1.11 -2.90
N ALA B 10 6.43 -1.59 -2.56
CA ALA B 10 6.25 -2.49 -1.43
C ALA B 10 5.79 -3.86 -1.90
N GLY B 11 6.44 -4.36 -2.95
CA GLY B 11 6.32 -5.75 -3.36
C GLY B 11 7.31 -6.57 -2.55
N PRO B 12 7.48 -7.86 -2.91
CA PRO B 12 8.45 -8.67 -2.18
C PRO B 12 9.84 -8.03 -2.07
N SER B 13 10.29 -7.37 -3.15
CA SER B 13 11.61 -6.72 -3.14
C SER B 13 11.66 -5.54 -2.15
N GLY B 14 10.64 -4.69 -2.19
CA GLY B 14 10.55 -3.56 -1.28
C GLY B 14 10.37 -4.02 0.16
N MET B 15 9.56 -5.06 0.34
CA MET B 15 9.37 -5.70 1.61
C MET B 15 10.66 -6.29 2.15
N ALA B 16 11.48 -6.86 1.26
CA ALA B 16 12.77 -7.41 1.66
C ALA B 16 13.75 -6.32 2.08
N GLN B 17 13.73 -5.19 1.36
CA GLN B 17 14.63 -4.08 1.65
C GLN B 17 14.38 -3.52 3.04
N LEU B 18 13.11 -3.35 3.37
CA LEU B 18 12.71 -2.91 4.70
C LEU B 18 13.08 -3.95 5.75
N ARG B 19 12.76 -5.21 5.45
CA ARG B 19 13.06 -6.32 6.36
C ARG B 19 14.56 -6.42 6.62
N ALA B 20 15.36 -6.07 5.62
CA ALA B 20 16.83 -6.11 5.73
C ALA B 20 17.33 -5.10 6.77
N PHE B 21 16.92 -3.85 6.60
CA PHE B 21 17.29 -2.80 7.55
C PHE B 21 16.79 -3.12 8.95
N GLN B 22 15.55 -3.58 9.04
CA GLN B 22 14.91 -3.87 10.32
C GLN B 22 15.64 -4.96 11.11
N SER B 23 16.04 -6.04 10.42
CA SER B 23 16.76 -7.14 11.06
C SER B 23 18.08 -6.66 11.64
N ALA B 24 18.73 -5.74 10.92
CA ALA B 24 19.97 -5.13 11.38
C ALA B 24 19.73 -4.21 12.59
N GLN B 25 18.57 -3.58 12.64
CA GLN B 25 18.19 -2.75 13.78
C GLN B 25 17.90 -3.64 15.00
N GLU B 26 17.25 -4.77 14.77
CA GLU B 26 17.03 -5.75 15.84
C GLU B 26 18.36 -6.25 16.42
N LYS B 27 19.39 -6.30 15.58
CA LYS B 27 20.71 -6.72 16.03
C LYS B 27 21.45 -5.65 16.84
N GLY B 28 20.89 -4.44 16.89
CA GLY B 28 21.43 -3.36 17.70
C GLY B 28 22.10 -2.24 16.92
N ALA B 29 22.05 -2.32 15.60
CA ALA B 29 22.70 -1.33 14.76
C ALA B 29 21.83 -0.09 14.53
N GLU B 30 22.48 1.05 14.32
CA GLU B 30 21.79 2.28 13.95
C GLU B 30 21.55 2.26 12.45
N ILE B 31 20.29 2.44 12.07
CA ILE B 31 19.89 2.43 10.66
C ILE B 31 19.46 3.82 10.18
N PRO B 32 19.54 4.08 8.86
CA PRO B 32 19.02 5.34 8.31
C PRO B 32 17.49 5.40 8.36
N GLU B 33 16.92 6.60 8.22
CA GLU B 33 15.46 6.72 8.09
C GLU B 33 15.01 6.04 6.79
N LEU B 34 13.86 5.38 6.86
CA LEU B 34 13.32 4.66 5.73
C LEU B 34 11.97 5.21 5.33
N VAL B 35 11.81 5.47 4.04
CA VAL B 35 10.54 5.86 3.45
C VAL B 35 10.29 4.97 2.23
N CYS B 36 9.20 4.20 2.28
CA CYS B 36 8.82 3.33 1.19
C CYS B 36 7.58 3.85 0.48
N PHE B 37 7.67 4.02 -0.84
CA PHE B 37 6.53 4.51 -1.64
C PHE B 37 5.86 3.36 -2.38
N GLU B 38 4.55 3.29 -2.27
CA GLU B 38 3.75 2.23 -2.90
C GLU B 38 2.46 2.81 -3.47
N LYS B 39 2.25 2.59 -4.76
CA LYS B 39 1.09 3.15 -5.43
C LYS B 39 -0.22 2.40 -5.15
N GLN B 40 -0.13 1.12 -4.77
CA GLN B 40 -1.33 0.38 -4.38
C GLN B 40 -1.75 0.72 -2.95
N ALA B 41 -2.92 0.24 -2.53
CA ALA B 41 -3.41 0.50 -1.17
C ALA B 41 -2.78 -0.41 -0.12
N ASP B 42 -2.20 -1.52 -0.57
CA ASP B 42 -1.57 -2.50 0.33
C ASP B 42 -0.30 -3.11 -0.28
N TRP B 43 0.53 -3.78 0.53
CA TRP B 43 1.75 -4.44 0.06
C TRP B 43 1.53 -5.81 -0.61
N GLY B 44 2.60 -6.39 -1.14
CA GLY B 44 2.53 -7.69 -1.80
C GLY B 44 2.93 -7.66 -3.27
N GLY B 45 2.89 -6.47 -3.86
CA GLY B 45 3.36 -6.27 -5.23
C GLY B 45 2.47 -6.97 -6.23
N GLN B 46 3.06 -7.88 -7.01
CA GLN B 46 2.32 -8.73 -7.94
C GLN B 46 1.25 -9.54 -7.23
N TRP B 47 1.53 -9.90 -5.97
CA TRP B 47 0.77 -10.90 -5.21
C TRP B 47 -0.50 -10.33 -4.60
N ASN B 48 -0.62 -9.01 -4.67
CA ASN B 48 -1.82 -8.34 -4.24
C ASN B 48 -2.79 -8.38 -5.40
N TYR B 49 -3.71 -9.34 -5.34
CA TYR B 49 -4.64 -9.54 -6.45
C TYR B 49 -5.62 -8.39 -6.58
N THR B 50 -5.88 -8.00 -7.84
CA THR B 50 -6.92 -7.03 -8.12
C THR B 50 -7.77 -7.45 -9.33
N TRP B 51 -9.07 -7.21 -9.24
CA TRP B 51 -9.99 -7.38 -10.36
C TRP B 51 -9.73 -6.38 -11.51
N ARG B 52 -9.03 -5.29 -11.20
CA ARG B 52 -8.87 -4.16 -12.14
C ARG B 52 -7.88 -4.46 -13.26
N THR B 53 -8.03 -3.77 -14.38
CA THR B 53 -7.15 -3.96 -15.53
C THR B 53 -6.88 -2.62 -16.21
N GLY B 54 -5.73 -2.52 -16.87
CA GLY B 54 -5.33 -1.29 -17.54
C GLY B 54 -4.86 -0.25 -16.53
N LEU B 55 -5.77 0.67 -16.18
CA LEU B 55 -5.44 1.72 -15.21
C LEU B 55 -6.23 1.54 -13.93
N ASP B 56 -5.66 1.99 -12.81
CA ASP B 56 -6.24 1.75 -11.49
C ASP B 56 -7.17 2.88 -11.04
N GLU B 57 -7.67 2.83 -9.80
CA GLU B 57 -8.65 3.84 -9.31
C GLU B 57 -8.15 5.28 -9.44
N ASN B 58 -6.83 5.44 -9.41
CA ASN B 58 -6.23 6.78 -9.46
C ASN B 58 -5.71 7.13 -10.85
N GLY B 59 -5.87 6.20 -11.79
CA GLY B 59 -5.39 6.40 -13.15
C GLY B 59 -3.97 5.90 -13.42
N GLU B 60 -3.40 5.21 -12.45
CA GLU B 60 -2.06 4.65 -12.62
C GLU B 60 -2.17 3.29 -13.28
N PRO B 61 -1.20 2.95 -14.15
CA PRO B 61 -1.26 1.61 -14.73
C PRO B 61 -1.41 0.56 -13.64
N VAL B 62 -2.35 -0.35 -13.83
CA VAL B 62 -2.57 -1.48 -12.94
C VAL B 62 -1.30 -2.32 -12.94
N HIS B 63 -0.84 -2.67 -11.73
CA HIS B 63 0.45 -3.30 -11.58
C HIS B 63 0.45 -4.82 -11.67
N SER B 64 -0.37 -5.47 -10.83
CA SER B 64 -0.41 -6.93 -10.80
C SER B 64 -0.82 -7.50 -12.15
N SER B 65 -0.03 -8.48 -12.60
CA SER B 65 -0.35 -9.32 -13.75
C SER B 65 -0.96 -10.64 -13.26
N MET B 66 -1.16 -10.75 -11.96
CA MET B 66 -1.65 -12.00 -11.39
C MET B 66 -3.14 -12.19 -11.59
N TYR B 67 -3.54 -13.45 -11.75
CA TYR B 67 -4.92 -13.78 -12.09
C TYR B 67 -5.53 -14.70 -11.03
N ARG B 68 -6.82 -14.94 -11.17
CA ARG B 68 -7.53 -15.89 -10.34
C ARG B 68 -6.97 -17.27 -10.58
N TYR B 69 -6.96 -18.10 -9.54
CA TYR B 69 -6.56 -19.51 -9.61
C TYR B 69 -5.06 -19.72 -9.82
N LEU B 70 -4.29 -18.64 -9.73
CA LEU B 70 -2.83 -18.74 -9.78
C LEU B 70 -2.29 -19.48 -8.55
N TRP B 71 -1.45 -20.48 -8.79
CA TRP B 71 -0.74 -21.21 -7.73
C TRP B 71 0.75 -21.09 -7.96
N SER B 72 1.53 -21.26 -6.89
CA SER B 72 2.99 -21.24 -6.99
C SER B 72 3.45 -21.92 -8.28
N ASN B 73 4.21 -21.17 -9.04
CA ASN B 73 4.74 -21.60 -10.32
C ASN B 73 5.79 -22.69 -10.15
N GLY B 74 6.61 -22.57 -9.09
CA GLY B 74 7.60 -23.60 -8.75
C GLY B 74 7.33 -24.21 -7.37
N PRO B 75 8.25 -25.05 -6.86
CA PRO B 75 8.11 -25.54 -5.50
C PRO B 75 8.18 -24.39 -4.51
N LYS B 76 7.30 -24.37 -3.52
CA LYS B 76 7.38 -23.36 -2.45
C LYS B 76 8.73 -23.48 -1.71
N GLU B 77 9.27 -24.69 -1.68
CA GLU B 77 10.58 -24.98 -1.10
C GLU B 77 11.69 -24.18 -1.79
N CYS B 78 11.45 -23.80 -3.04
CA CYS B 78 12.41 -23.03 -3.81
C CYS B 78 12.36 -21.54 -3.56
N LEU B 79 11.34 -21.08 -2.83
CA LEU B 79 11.24 -19.65 -2.51
C LEU B 79 11.15 -19.32 -1.02
N GLU B 80 11.14 -20.35 -0.18
CA GLU B 80 11.11 -20.19 1.29
C GLU B 80 12.15 -19.18 1.79
N PHE B 81 11.74 -18.30 2.69
CA PHE B 81 12.66 -17.36 3.33
C PHE B 81 13.62 -18.12 4.26
N ALA B 82 14.89 -17.75 4.22
CA ALA B 82 15.87 -18.33 5.14
C ALA B 82 15.71 -17.88 6.60
N ASP B 83 14.98 -16.79 6.82
CA ASP B 83 14.80 -16.23 8.18
C ASP B 83 13.36 -16.28 8.69
N TYR B 84 12.49 -16.98 7.96
CA TYR B 84 11.06 -17.04 8.28
C TYR B 84 10.44 -18.22 7.53
N THR B 85 10.43 -19.38 8.18
CA THR B 85 10.07 -20.63 7.53
C THR B 85 8.56 -20.78 7.28
N PHE B 86 8.20 -21.75 6.44
CA PHE B 86 6.82 -22.14 6.23
C PHE B 86 6.22 -22.77 7.47
N ASP B 87 7.06 -23.47 8.23
CA ASP B 87 6.71 -24.05 9.54
C ASP B 87 6.38 -22.98 10.59
N GLU B 88 7.18 -21.92 10.62
CA GLU B 88 6.96 -20.82 11.57
C GLU B 88 5.67 -20.06 11.28
N HIS B 89 5.39 -19.81 10.00
CA HIS B 89 4.21 -19.03 9.62
C HIS B 89 2.88 -19.79 9.74
N PHE B 90 2.81 -20.96 9.11
CA PHE B 90 1.56 -21.73 9.09
C PHE B 90 1.41 -22.67 10.28
N GLY B 91 2.54 -23.01 10.90
CA GLY B 91 2.57 -23.88 12.09
C GLY B 91 2.31 -25.35 11.81
N LYS B 92 2.40 -25.73 10.53
CA LYS B 92 2.14 -27.10 10.09
C LYS B 92 2.64 -27.28 8.64
N PRO B 93 2.75 -28.53 8.17
CA PRO B 93 3.15 -28.77 6.79
C PRO B 93 2.02 -28.49 5.80
N ILE B 94 2.37 -27.96 4.63
CA ILE B 94 1.42 -27.72 3.55
C ILE B 94 1.99 -28.23 2.22
N ALA B 95 1.13 -28.42 1.22
CA ALA B 95 1.61 -28.90 -0.09
C ALA B 95 2.61 -27.94 -0.75
N SER B 96 3.18 -28.36 -1.88
CA SER B 96 4.32 -27.64 -2.47
C SER B 96 4.02 -26.47 -3.43
N TYR B 97 2.79 -26.37 -3.91
CA TYR B 97 2.41 -25.33 -4.88
C TYR B 97 1.15 -24.57 -4.45
N PRO B 98 1.25 -23.74 -3.39
CA PRO B 98 0.02 -23.12 -2.89
C PRO B 98 -0.55 -21.99 -3.76
N PRO B 99 -1.85 -21.70 -3.59
CA PRO B 99 -2.49 -20.63 -4.35
C PRO B 99 -1.89 -19.30 -3.99
N ARG B 100 -2.12 -18.31 -4.86
CA ARG B 100 -1.60 -16.96 -4.65
C ARG B 100 -1.84 -16.44 -3.24
N GLU B 101 -3.08 -16.50 -2.77
CA GLU B 101 -3.45 -15.94 -1.46
C GLU B 101 -2.63 -16.52 -0.30
N VAL B 102 -2.35 -17.82 -0.38
CA VAL B 102 -1.52 -18.48 0.62
C VAL B 102 -0.10 -17.90 0.64
N LEU B 103 0.52 -17.79 -0.54
CA LEU B 103 1.85 -17.20 -0.63
C LEU B 103 1.85 -15.71 -0.31
N TRP B 104 0.69 -15.07 -0.46
CA TRP B 104 0.53 -13.68 -0.05
C TRP B 104 0.53 -13.63 1.47
N ASP B 105 -0.28 -14.47 2.09
CA ASP B 105 -0.33 -14.58 3.54
C ASP B 105 1.04 -14.78 4.15
N TYR B 106 1.84 -15.63 3.50
CA TYR B 106 3.18 -15.99 3.99
C TYR B 106 4.14 -14.81 3.94
N ILE B 107 4.21 -14.11 2.80
CA ILE B 107 5.09 -12.95 2.66
C ILE B 107 4.66 -11.76 3.52
N LYS B 108 3.34 -11.61 3.73
CA LYS B 108 2.82 -10.57 4.60
C LYS B 108 3.17 -10.89 6.04
N GLY B 109 3.16 -12.19 6.36
CA GLY B 109 3.49 -12.66 7.71
C GLY B 109 4.84 -12.20 8.22
N ARG B 110 5.87 -12.28 7.37
CA ARG B 110 7.22 -11.90 7.76
C ARG B 110 7.32 -10.41 8.08
N VAL B 111 6.88 -9.56 7.15
CA VAL B 111 6.93 -8.11 7.34
C VAL B 111 6.01 -7.58 8.44
N GLU B 112 4.88 -8.26 8.65
CA GLU B 112 3.99 -7.96 9.79
C GLU B 112 4.71 -8.20 11.12
N LYS B 113 5.34 -9.36 11.25
CA LYS B 113 6.18 -9.68 12.40
C LYS B 113 7.34 -8.69 12.55
N ALA B 114 7.89 -8.27 11.41
CA ALA B 114 9.01 -7.32 11.37
C ALA B 114 8.62 -5.92 11.80
N GLY B 115 7.31 -5.61 11.71
CA GLY B 115 6.79 -4.31 12.07
C GLY B 115 7.21 -3.17 11.14
N VAL B 116 7.34 -3.46 9.84
CA VAL B 116 7.82 -2.44 8.90
C VAL B 116 6.73 -1.67 8.15
N ARG B 117 5.46 -1.99 8.38
CA ARG B 117 4.39 -1.31 7.66
C ARG B 117 4.50 0.20 7.79
N LYS B 118 4.92 0.65 8.98
CA LYS B 118 5.00 2.06 9.36
C LYS B 118 5.89 2.92 8.47
N TYR B 119 6.78 2.30 7.70
CA TYR B 119 7.67 3.04 6.83
C TYR B 119 7.07 3.34 5.46
N ILE B 120 5.90 2.74 5.20
CA ILE B 120 5.34 2.76 3.87
C ILE B 120 4.28 3.85 3.75
N ARG B 121 4.33 4.58 2.65
CA ARG B 121 3.27 5.51 2.29
C ARG B 121 2.53 4.90 1.11
N PHE B 122 1.40 4.27 1.41
CA PHE B 122 0.59 3.60 0.40
C PHE B 122 -0.16 4.60 -0.47
N ASN B 123 -0.78 4.08 -1.53
CA ASN B 123 -1.58 4.89 -2.46
C ASN B 123 -0.79 6.05 -3.07
N THR B 124 0.54 5.89 -3.07
CA THR B 124 1.46 6.94 -3.46
C THR B 124 2.32 6.50 -4.64
N ALA B 125 2.13 7.17 -5.78
CA ALA B 125 2.86 6.84 -6.99
C ALA B 125 4.11 7.70 -7.12
N VAL B 126 5.26 7.06 -7.34
CA VAL B 126 6.50 7.78 -7.61
C VAL B 126 6.46 8.37 -9.02
N ARG B 127 6.69 9.68 -9.11
CA ARG B 127 6.62 10.40 -10.38
C ARG B 127 7.98 10.56 -11.04
N HIS B 128 9.00 10.91 -10.25
CA HIS B 128 10.30 11.24 -10.80
C HIS B 128 11.40 11.10 -9.76
N VAL B 129 12.57 10.61 -10.18
CA VAL B 129 13.74 10.56 -9.32
C VAL B 129 14.90 11.30 -10.00
N GLU B 130 15.42 12.32 -9.32
CA GLU B 130 16.49 13.16 -9.88
C GLU B 130 17.70 13.23 -8.95
N PHE B 131 18.88 12.95 -9.50
CA PHE B 131 20.10 13.07 -8.72
C PHE B 131 20.68 14.47 -8.84
N ASN B 132 20.76 15.16 -7.71
CA ASN B 132 21.34 16.49 -7.65
C ASN B 132 22.85 16.39 -7.47
N GLU B 133 23.59 16.91 -8.45
CA GLU B 133 25.05 16.82 -8.42
C GLU B 133 25.65 17.71 -7.33
N ASP B 134 25.01 18.85 -7.07
CA ASP B 134 25.52 19.86 -6.14
C ASP B 134 25.52 19.41 -4.68
N SER B 135 24.54 18.59 -4.31
CA SER B 135 24.38 18.15 -2.92
C SER B 135 24.59 16.64 -2.73
N GLN B 136 24.70 15.92 -3.85
CA GLN B 136 24.84 14.46 -3.87
C GLN B 136 23.63 13.76 -3.22
N THR B 137 22.44 14.31 -3.46
CA THR B 137 21.20 13.72 -2.98
C THR B 137 20.13 13.60 -4.07
N PHE B 138 19.18 12.69 -3.87
CA PHE B 138 18.09 12.52 -4.80
C PHE B 138 16.86 13.31 -4.37
N THR B 139 16.24 13.97 -5.33
CA THR B 139 14.91 14.53 -5.14
C THR B 139 13.94 13.50 -5.70
N VAL B 140 13.03 13.01 -4.86
CA VAL B 140 12.05 12.03 -5.31
C VAL B 140 10.67 12.66 -5.29
N THR B 141 10.08 12.82 -6.47
CA THR B 141 8.77 13.44 -6.60
C THR B 141 7.70 12.37 -6.72
N VAL B 142 6.69 12.45 -5.86
CA VAL B 142 5.64 11.45 -5.81
C VAL B 142 4.24 12.10 -5.82
N GLN B 143 3.25 11.32 -6.25
CA GLN B 143 1.86 11.75 -6.17
C GLN B 143 1.10 10.92 -5.15
N ASP B 144 0.67 11.59 -4.08
CA ASP B 144 -0.14 10.97 -3.05
C ASP B 144 -1.59 11.09 -3.50
N HIS B 145 -2.21 9.95 -3.81
CA HIS B 145 -3.57 9.94 -4.35
C HIS B 145 -4.63 9.93 -3.26
N THR B 146 -4.19 9.90 -2.00
CA THR B 146 -5.11 10.06 -0.88
C THR B 146 -5.35 11.53 -0.60
N THR B 147 -4.29 12.33 -0.71
CA THR B 147 -4.36 13.76 -0.46
C THR B 147 -4.54 14.51 -1.76
N ASP B 148 -4.38 13.80 -2.89
CA ASP B 148 -4.31 14.43 -4.21
C ASP B 148 -3.28 15.59 -4.24
N THR B 149 -2.10 15.35 -3.68
CA THR B 149 -1.02 16.33 -3.68
C THR B 149 0.23 15.71 -4.29
N ILE B 150 1.02 16.54 -4.95
CA ILE B 150 2.31 16.12 -5.51
C ILE B 150 3.41 16.82 -4.74
N TYR B 151 4.35 16.05 -4.22
CA TYR B 151 5.45 16.58 -3.43
C TYR B 151 6.75 15.84 -3.69
N SER B 152 7.84 16.42 -3.21
CA SER B 152 9.14 15.79 -3.28
C SER B 152 9.87 15.90 -1.96
N GLU B 153 10.67 14.89 -1.66
CA GLU B 153 11.58 14.90 -0.54
C GLU B 153 12.98 14.56 -1.05
N GLU B 154 13.99 14.82 -0.21
CA GLU B 154 15.38 14.51 -0.52
C GLU B 154 15.82 13.21 0.14
N PHE B 155 16.61 12.42 -0.58
CA PHE B 155 17.12 11.14 -0.10
C PHE B 155 18.59 10.95 -0.46
N ASP B 156 19.32 10.24 0.40
CA ASP B 156 20.72 9.94 0.19
C ASP B 156 20.94 8.73 -0.71
N TYR B 157 20.07 7.73 -0.56
CA TYR B 157 20.12 6.53 -1.40
C TYR B 157 18.72 6.21 -1.91
N VAL B 158 18.65 5.58 -3.08
CA VAL B 158 17.38 5.15 -3.66
C VAL B 158 17.44 3.69 -4.07
N VAL B 159 16.53 2.89 -3.54
CA VAL B 159 16.45 1.48 -3.90
C VAL B 159 15.15 1.26 -4.66
N CYS B 160 15.30 0.86 -5.93
CA CYS B 160 14.16 0.71 -6.83
C CYS B 160 13.68 -0.74 -6.85
N CYS B 161 12.44 -0.93 -6.39
CA CYS B 161 11.86 -2.25 -6.27
C CYS B 161 10.52 -2.33 -7.02
N THR B 162 10.44 -1.65 -8.15
CA THR B 162 9.15 -1.51 -8.86
C THR B 162 8.81 -2.67 -9.79
N GLY B 163 9.65 -3.71 -9.81
CA GLY B 163 9.39 -4.89 -10.62
C GLY B 163 9.60 -4.64 -12.10
N HIS B 164 9.53 -5.72 -12.88
CA HIS B 164 9.66 -5.66 -14.34
C HIS B 164 8.73 -6.62 -15.08
N PHE B 165 7.65 -7.04 -14.43
CA PHE B 165 6.61 -7.85 -15.09
C PHE B 165 5.24 -7.19 -15.06
N SER B 166 5.18 -5.89 -15.36
CA SER B 166 3.91 -5.16 -15.31
C SER B 166 3.60 -4.29 -16.52
N THR B 167 4.65 -3.75 -17.14
CA THR B 167 4.49 -3.03 -18.38
C THR B 167 4.64 -4.03 -19.51
N PRO B 168 3.51 -4.42 -20.14
CA PRO B 168 3.52 -5.48 -21.12
C PRO B 168 4.22 -5.13 -22.42
N TYR B 169 4.74 -6.15 -23.08
CA TYR B 169 5.18 -6.02 -24.47
C TYR B 169 4.03 -6.57 -25.29
N VAL B 170 3.37 -5.70 -26.05
CA VAL B 170 2.14 -6.02 -26.76
C VAL B 170 2.31 -5.79 -28.26
N PRO B 171 2.88 -6.78 -28.97
CA PRO B 171 3.07 -6.63 -30.41
C PRO B 171 1.76 -6.74 -31.17
N GLU B 172 1.70 -6.07 -32.32
CA GLU B 172 0.54 -6.12 -33.18
C GLU B 172 0.72 -7.15 -34.29
N PHE B 173 -0.37 -7.82 -34.65
CA PHE B 173 -0.37 -8.66 -35.83
C PHE B 173 -1.41 -8.10 -36.81
N GLU B 174 -1.16 -8.31 -38.10
CA GLU B 174 -2.09 -7.91 -39.14
C GLU B 174 -3.50 -8.47 -38.87
N GLY B 175 -4.49 -7.60 -38.97
CA GLY B 175 -5.90 -8.01 -38.82
C GLY B 175 -6.51 -7.73 -37.45
N PHE B 176 -5.65 -7.44 -36.47
CA PHE B 176 -6.10 -7.19 -35.09
C PHE B 176 -7.23 -6.17 -34.98
N GLU B 177 -7.17 -5.15 -35.84
CA GLU B 177 -8.15 -4.09 -35.88
C GLU B 177 -9.54 -4.61 -36.29
N LYS B 178 -9.57 -5.67 -37.10
CA LYS B 178 -10.80 -6.23 -37.64
C LYS B 178 -11.38 -7.43 -36.84
N PHE B 179 -10.56 -8.00 -35.97
CA PHE B 179 -10.94 -9.16 -35.14
C PHE B 179 -12.13 -8.90 -34.22
N GLY B 180 -13.11 -9.81 -34.26
CA GLY B 180 -14.37 -9.65 -33.53
C GLY B 180 -14.35 -10.06 -32.07
N GLY B 181 -13.29 -10.77 -31.66
CA GLY B 181 -13.16 -11.22 -30.27
C GLY B 181 -12.17 -10.42 -29.44
N ARG B 182 -12.08 -10.77 -28.16
CA ARG B 182 -11.19 -10.12 -27.21
C ARG B 182 -9.73 -10.29 -27.60
N ILE B 183 -8.96 -9.21 -27.44
CA ILE B 183 -7.51 -9.27 -27.56
C ILE B 183 -6.92 -8.60 -26.33
N LEU B 184 -6.11 -9.37 -25.58
CA LEU B 184 -5.54 -8.90 -24.33
C LEU B 184 -4.12 -9.43 -24.20
N HIS B 185 -3.37 -8.82 -23.31
CA HIS B 185 -2.05 -9.29 -22.99
C HIS B 185 -2.19 -10.14 -21.73
N ALA B 186 -1.27 -11.08 -21.55
CA ALA B 186 -1.18 -11.85 -20.29
C ALA B 186 -1.45 -10.98 -19.05
N HIS B 187 -1.01 -9.72 -19.11
CA HIS B 187 -1.14 -8.77 -18.00
C HIS B 187 -2.59 -8.50 -17.57
N ASP B 188 -3.50 -8.49 -18.54
CA ASP B 188 -4.91 -8.22 -18.28
C ASP B 188 -5.70 -9.48 -17.95
N PHE B 189 -5.07 -10.64 -18.17
CA PHE B 189 -5.72 -11.92 -17.91
C PHE B 189 -6.10 -11.99 -16.43
N ARG B 190 -7.35 -12.31 -16.17
CA ARG B 190 -7.87 -12.26 -14.82
C ARG B 190 -8.60 -13.52 -14.39
N ASP B 191 -9.65 -13.88 -15.13
CA ASP B 191 -10.53 -14.99 -14.75
C ASP B 191 -10.75 -15.96 -15.90
N ALA B 192 -10.25 -17.17 -15.73
CA ALA B 192 -10.41 -18.26 -16.70
C ALA B 192 -11.85 -18.62 -17.07
N LEU B 193 -12.81 -18.29 -16.19
CA LEU B 193 -14.23 -18.56 -16.45
C LEU B 193 -14.78 -17.77 -17.63
N GLU B 194 -14.18 -16.61 -17.89
CA GLU B 194 -14.60 -15.73 -18.98
C GLU B 194 -14.41 -16.40 -20.33
N PHE B 195 -13.62 -17.48 -20.35
CA PHE B 195 -13.26 -18.16 -21.58
C PHE B 195 -13.81 -19.58 -21.66
N LYS B 196 -14.75 -19.88 -20.78
CA LYS B 196 -15.44 -21.17 -20.77
C LYS B 196 -16.12 -21.43 -22.10
N ASP B 197 -16.00 -22.67 -22.60
CA ASP B 197 -16.56 -23.11 -23.89
C ASP B 197 -16.00 -22.32 -25.10
N LYS B 198 -14.83 -21.73 -24.94
CA LYS B 198 -14.23 -20.88 -25.97
C LYS B 198 -12.93 -21.43 -26.55
N THR B 199 -12.56 -20.94 -27.73
CA THR B 199 -11.27 -21.25 -28.34
C THR B 199 -10.33 -20.07 -28.13
N VAL B 200 -9.29 -20.30 -27.33
CA VAL B 200 -8.36 -19.25 -26.93
C VAL B 200 -7.01 -19.44 -27.60
N LEU B 201 -6.57 -18.42 -28.35
CA LEU B 201 -5.23 -18.42 -28.93
C LEU B 201 -4.23 -17.81 -27.96
N LEU B 202 -3.17 -18.55 -27.65
CA LEU B 202 -2.09 -18.07 -26.78
C LEU B 202 -0.84 -17.79 -27.62
N VAL B 203 -0.53 -16.51 -27.78
CA VAL B 203 0.59 -16.11 -28.63
C VAL B 203 1.85 -15.95 -27.80
N GLY B 204 2.95 -16.55 -28.26
CA GLY B 204 4.24 -16.46 -27.56
C GLY B 204 4.55 -17.61 -26.60
N SER B 205 5.78 -17.62 -26.11
CA SER B 205 6.33 -18.74 -25.33
C SER B 205 6.98 -18.33 -24.02
N SER B 206 6.17 -17.83 -23.09
CA SER B 206 6.66 -17.55 -21.76
C SER B 206 6.16 -18.63 -20.78
N SER B 207 6.53 -18.49 -19.51
CA SER B 207 6.05 -19.43 -18.50
C SER B 207 4.56 -19.18 -18.24
N SER B 208 4.16 -17.91 -18.37
CA SER B 208 2.77 -17.53 -18.23
C SER B 208 1.91 -18.08 -19.37
N ALA B 209 2.51 -18.21 -20.56
CA ALA B 209 1.81 -18.79 -21.72
C ALA B 209 1.22 -20.13 -21.36
N GLU B 210 2.07 -21.02 -20.84
CA GLU B 210 1.64 -22.37 -20.51
C GLU B 210 0.72 -22.40 -19.29
N ASP B 211 0.88 -21.45 -18.38
CA ASP B 211 0.05 -21.43 -17.19
C ASP B 211 -1.33 -20.85 -17.46
N ILE B 212 -1.38 -19.74 -18.21
CA ILE B 212 -2.66 -19.15 -18.58
C ILE B 212 -3.48 -20.19 -19.32
N GLY B 213 -2.84 -20.84 -20.30
CA GLY B 213 -3.42 -21.97 -21.00
C GLY B 213 -3.95 -23.03 -20.08
N SER B 214 -3.15 -23.43 -19.09
CA SER B 214 -3.58 -24.44 -18.12
C SER B 214 -4.83 -24.04 -17.35
N GLN B 215 -4.91 -22.78 -16.92
CA GLN B 215 -6.08 -22.26 -16.22
C GLN B 215 -7.31 -22.28 -17.13
N CYS B 216 -7.15 -21.86 -18.38
CA CYS B 216 -8.26 -21.89 -19.33
C CYS B 216 -8.72 -23.32 -19.57
N TYR B 217 -7.77 -24.25 -19.66
CA TYR B 217 -8.11 -25.67 -19.79
C TYR B 217 -8.87 -26.14 -18.58
N LYS B 218 -8.29 -25.90 -17.40
CA LYS B 218 -8.83 -26.33 -16.11
C LYS B 218 -10.24 -25.78 -15.78
N TYR B 219 -10.65 -24.73 -16.48
CA TYR B 219 -11.95 -24.10 -16.18
C TYR B 219 -12.95 -24.14 -17.34
N GLY B 220 -12.69 -25.01 -18.32
CA GLY B 220 -13.71 -25.39 -19.29
C GLY B 220 -13.68 -24.76 -20.68
N ALA B 221 -12.57 -24.13 -21.04
CA ALA B 221 -12.37 -23.65 -22.41
C ALA B 221 -12.48 -24.80 -23.43
N LYS B 222 -13.10 -24.53 -24.57
CA LYS B 222 -13.34 -25.56 -25.58
C LYS B 222 -12.03 -26.04 -26.19
N LYS B 223 -11.19 -25.11 -26.61
CA LYS B 223 -9.90 -25.44 -27.23
C LYS B 223 -8.83 -24.41 -26.86
N LEU B 224 -7.58 -24.87 -26.85
CA LEU B 224 -6.44 -23.98 -26.65
C LEU B 224 -5.42 -24.15 -27.77
N ILE B 225 -5.01 -23.03 -28.34
CA ILE B 225 -3.98 -23.03 -29.38
C ILE B 225 -2.76 -22.24 -28.91
N SER B 226 -1.61 -22.88 -28.92
CA SER B 226 -0.34 -22.25 -28.59
C SER B 226 0.49 -22.05 -29.85
N CYS B 227 0.84 -20.81 -30.16
CA CYS B 227 1.72 -20.53 -31.29
C CYS B 227 2.93 -19.71 -30.85
N TYR B 228 4.10 -20.10 -31.34
CA TYR B 228 5.38 -19.48 -30.92
C TYR B 228 6.54 -19.79 -31.86
N ARG B 229 7.39 -18.79 -32.10
CA ARG B 229 8.49 -18.89 -33.07
C ARG B 229 9.69 -19.65 -32.49
N THR B 230 9.70 -19.79 -31.17
CA THR B 230 10.80 -20.44 -30.45
C THR B 230 10.77 -21.97 -30.57
N ALA B 231 11.70 -22.63 -29.90
CA ALA B 231 11.85 -24.08 -29.96
C ALA B 231 10.70 -24.81 -29.26
N PRO B 232 10.35 -26.02 -29.74
CA PRO B 232 9.34 -26.84 -29.06
C PRO B 232 9.60 -26.93 -27.57
N MET B 233 8.56 -26.72 -26.77
CA MET B 233 8.67 -26.75 -25.32
C MET B 233 8.89 -28.16 -24.77
N GLY B 234 8.45 -29.16 -25.54
CA GLY B 234 8.61 -30.58 -25.17
C GLY B 234 7.42 -31.18 -24.45
N TYR B 235 6.52 -30.31 -23.98
CA TYR B 235 5.37 -30.70 -23.19
C TYR B 235 4.25 -31.27 -24.04
N LYS B 236 3.79 -32.46 -23.67
CA LYS B 236 2.61 -33.04 -24.31
C LYS B 236 1.36 -32.50 -23.63
N TRP B 237 0.60 -31.72 -24.39
CA TRP B 237 -0.60 -31.05 -23.93
C TRP B 237 -1.81 -31.99 -23.96
N PRO B 238 -2.93 -31.57 -23.32
CA PRO B 238 -4.22 -32.26 -23.40
C PRO B 238 -4.77 -32.44 -24.83
N GLU B 239 -5.86 -33.20 -24.93
CA GLU B 239 -6.52 -33.50 -26.20
C GLU B 239 -6.94 -32.24 -26.99
N ASN B 240 -7.55 -31.27 -26.31
CA ASN B 240 -8.07 -30.06 -26.96
C ASN B 240 -7.07 -28.90 -26.98
N TRP B 241 -5.79 -29.23 -27.03
CA TRP B 241 -4.74 -28.23 -26.96
C TRP B 241 -3.74 -28.45 -28.10
N ASP B 242 -3.79 -27.57 -29.10
CA ASP B 242 -2.92 -27.65 -30.26
C ASP B 242 -1.75 -26.68 -30.18
N GLU B 243 -0.65 -27.06 -30.83
CA GLU B 243 0.44 -26.14 -31.10
C GLU B 243 0.45 -25.68 -32.55
N ARG B 244 1.07 -24.54 -32.80
CA ARG B 244 1.20 -24.00 -34.15
C ARG B 244 2.52 -23.25 -34.26
N PRO B 245 3.06 -23.10 -35.48
CA PRO B 245 4.11 -22.11 -35.70
C PRO B 245 3.54 -20.69 -35.59
N ASN B 246 4.41 -19.71 -35.73
CA ASN B 246 4.04 -18.30 -35.51
C ASN B 246 2.79 -17.81 -36.23
N LEU B 247 2.06 -16.94 -35.55
CA LEU B 247 0.89 -16.27 -36.10
C LEU B 247 1.35 -15.29 -37.17
N VAL B 248 0.56 -15.17 -38.23
CA VAL B 248 0.89 -14.26 -39.32
C VAL B 248 -0.17 -13.17 -39.45
N ARG B 249 -1.44 -13.56 -39.42
CA ARG B 249 -2.56 -12.63 -39.53
C ARG B 249 -3.83 -13.22 -38.93
N VAL B 250 -4.86 -12.40 -38.80
CA VAL B 250 -6.16 -12.87 -38.42
C VAL B 250 -7.18 -12.04 -39.14
N ASP B 251 -8.41 -12.48 -39.15
CA ASP B 251 -9.48 -11.74 -39.77
C ASP B 251 -10.54 -11.50 -38.76
N THR B 252 -11.78 -11.31 -39.15
CA THR B 252 -12.88 -11.10 -38.21
C THR B 252 -13.06 -12.26 -37.21
N GLU B 253 -12.72 -13.47 -37.62
CA GLU B 253 -12.92 -14.66 -36.78
C GLU B 253 -11.74 -15.63 -36.68
N ASN B 254 -10.90 -15.67 -37.70
CA ASN B 254 -9.93 -16.76 -37.82
C ASN B 254 -8.48 -16.33 -37.63
N ALA B 255 -7.63 -17.27 -37.20
CA ALA B 255 -6.19 -17.05 -37.12
C ALA B 255 -5.48 -17.83 -38.22
N TYR B 256 -4.47 -17.20 -38.83
CA TYR B 256 -3.67 -17.80 -39.90
C TYR B 256 -2.19 -17.88 -39.50
N PHE B 257 -1.58 -19.02 -39.79
CA PHE B 257 -0.25 -19.34 -39.26
C PHE B 257 0.84 -19.50 -40.33
N ALA B 258 2.10 -19.36 -39.90
CA ALA B 258 3.27 -19.60 -40.75
C ALA B 258 3.17 -20.98 -41.38
N ASP B 259 2.24 -21.74 -40.85
CA ASP B 259 1.93 -23.09 -41.26
C ASP B 259 1.33 -23.15 -42.66
N GLY B 260 0.56 -22.12 -43.00
CA GLY B 260 -0.37 -22.18 -44.13
C GLY B 260 -1.76 -22.55 -43.61
N SER B 261 -1.80 -22.92 -42.34
CA SER B 261 -3.01 -23.36 -41.65
C SER B 261 -3.86 -22.22 -41.09
N SER B 262 -5.17 -22.49 -40.98
CA SER B 262 -6.18 -21.56 -40.49
C SER B 262 -6.99 -22.23 -39.39
N GLU B 263 -7.76 -21.42 -38.65
CA GLU B 263 -8.61 -21.90 -37.54
C GLU B 263 -9.40 -20.76 -36.92
N LYS B 264 -10.61 -21.07 -36.46
CA LYS B 264 -11.43 -20.11 -35.75
C LYS B 264 -10.93 -19.97 -34.33
N VAL B 265 -10.72 -18.73 -33.89
CA VAL B 265 -10.39 -18.45 -32.50
C VAL B 265 -11.33 -17.38 -31.94
N ASP B 266 -11.64 -17.48 -30.66
CA ASP B 266 -12.55 -16.54 -30.01
C ASP B 266 -11.81 -15.41 -29.31
N ALA B 267 -10.75 -15.75 -28.58
CA ALA B 267 -9.97 -14.75 -27.86
C ALA B 267 -8.47 -14.92 -28.10
N ILE B 268 -7.74 -13.82 -28.13
CA ILE B 268 -6.29 -13.86 -28.30
C ILE B 268 -5.63 -13.30 -27.07
N ILE B 269 -4.80 -14.13 -26.45
CA ILE B 269 -4.05 -13.73 -25.27
C ILE B 269 -2.58 -13.67 -25.65
N LEU B 270 -2.03 -12.47 -25.58
CA LEU B 270 -0.66 -12.23 -25.96
C LEU B 270 0.24 -12.43 -24.75
N CYS B 271 1.00 -13.52 -24.78
CA CYS B 271 1.87 -13.88 -23.69
C CYS B 271 3.28 -13.61 -24.13
N THR B 272 3.51 -12.35 -24.45
CA THR B 272 4.69 -11.94 -25.19
C THR B 272 5.73 -11.30 -24.31
N GLY B 273 5.44 -11.28 -23.00
CA GLY B 273 6.42 -10.85 -22.01
C GLY B 273 6.24 -9.41 -21.60
N TYR B 274 7.29 -8.82 -21.05
CA TYR B 274 7.21 -7.48 -20.52
C TYR B 274 8.41 -6.62 -20.91
N ILE B 275 8.42 -5.38 -20.44
CA ILE B 275 9.56 -4.49 -20.64
C ILE B 275 9.94 -3.86 -19.33
N HIS B 276 11.24 -3.64 -19.15
CA HIS B 276 11.72 -2.85 -18.05
C HIS B 276 11.34 -1.41 -18.38
N HIS B 277 10.39 -0.89 -17.61
CA HIS B 277 9.82 0.42 -17.84
C HIS B 277 9.83 1.20 -16.53
N PHE B 278 10.58 2.31 -16.52
CA PHE B 278 10.65 3.22 -15.37
C PHE B 278 10.42 4.68 -15.81
N PRO B 279 9.15 5.07 -16.06
CA PRO B 279 8.84 6.43 -16.53
C PRO B 279 9.18 7.52 -15.51
N PHE B 280 9.61 7.11 -14.32
CA PHE B 280 9.95 8.04 -13.24
C PHE B 280 11.46 8.30 -13.20
N LEU B 281 12.19 7.71 -14.13
CA LEU B 281 13.64 7.90 -14.21
C LEU B 281 14.06 8.52 -15.54
N ASN B 282 15.01 9.44 -15.50
CA ASN B 282 15.70 9.90 -16.71
C ASN B 282 16.86 8.95 -17.04
N ASP B 283 17.50 9.16 -18.18
CA ASP B 283 18.45 8.17 -18.72
C ASP B 283 19.70 7.95 -17.86
N ASP B 284 20.06 8.96 -17.07
CA ASP B 284 21.17 8.83 -16.12
C ASP B 284 20.93 7.73 -15.10
N LEU B 285 19.66 7.47 -14.79
CA LEU B 285 19.31 6.44 -13.80
C LEU B 285 18.50 5.27 -14.37
N ARG B 286 17.98 5.41 -15.58
CA ARG B 286 17.07 4.40 -16.12
C ARG B 286 17.74 3.13 -16.61
N LEU B 287 17.43 2.02 -15.95
CA LEU B 287 17.85 0.70 -16.40
C LEU B 287 17.15 0.34 -17.70
N VAL B 288 17.95 -0.06 -18.69
CA VAL B 288 17.43 -0.49 -19.98
C VAL B 288 18.02 -1.86 -20.27
N THR B 289 17.14 -2.86 -20.36
CA THR B 289 17.58 -4.22 -20.57
C THR B 289 16.43 -5.11 -21.02
N ASN B 290 16.78 -6.17 -21.76
CA ASN B 290 15.85 -7.25 -22.01
CA ASN B 290 15.83 -7.25 -22.00
C ASN B 290 15.76 -8.12 -20.75
N ASN B 291 14.75 -8.97 -20.68
CA ASN B 291 14.59 -9.83 -19.51
C ASN B 291 15.57 -10.99 -19.53
N ARG B 292 16.50 -10.97 -18.59
CA ARG B 292 17.59 -11.95 -18.56
C ARG B 292 18.11 -12.19 -17.15
N LEU B 293 18.96 -13.20 -17.00
CA LEU B 293 19.56 -13.49 -15.70
C LEU B 293 20.62 -12.46 -15.33
N TRP B 294 21.29 -11.88 -16.32
CA TRP B 294 22.29 -10.86 -16.00
C TRP B 294 22.25 -9.60 -16.85
N PRO B 295 21.40 -8.64 -16.46
CA PRO B 295 21.45 -7.30 -17.05
C PRO B 295 22.76 -6.58 -16.74
N LEU B 296 23.15 -5.69 -17.63
CA LEU B 296 24.37 -4.90 -17.44
C LEU B 296 24.09 -3.62 -16.68
N ASN B 297 25.15 -3.00 -16.19
CA ASN B 297 25.10 -1.75 -15.43
C ASN B 297 24.59 -1.95 -14.00
N LEU B 298 24.73 -3.18 -13.52
CA LEU B 298 24.31 -3.57 -12.18
C LEU B 298 25.42 -4.39 -11.51
N TYR B 299 26.26 -3.70 -10.74
CA TYR B 299 27.33 -4.36 -9.98
C TYR B 299 26.70 -5.25 -8.94
N LYS B 300 27.13 -6.51 -8.93
CA LYS B 300 26.53 -7.55 -8.09
C LYS B 300 25.04 -7.67 -8.37
N GLY B 301 24.64 -7.18 -9.55
CA GLY B 301 23.26 -7.32 -10.02
C GLY B 301 22.31 -6.37 -9.33
N VAL B 302 22.85 -5.43 -8.55
CA VAL B 302 22.05 -4.55 -7.71
C VAL B 302 22.45 -3.06 -7.79
N VAL B 303 23.76 -2.80 -7.78
CA VAL B 303 24.28 -1.42 -7.72
C VAL B 303 24.41 -0.79 -9.11
N TRP B 304 23.74 0.35 -9.28
CA TRP B 304 23.75 1.11 -10.53
C TRP B 304 25.12 1.74 -10.74
N GLU B 305 25.81 1.33 -11.80
CA GLU B 305 27.22 1.69 -11.99
C GLU B 305 27.48 3.17 -12.32
N ASP B 306 26.52 3.83 -12.99
CA ASP B 306 26.65 5.27 -13.27
C ASP B 306 26.36 6.12 -12.04
N ASN B 307 25.64 5.55 -11.07
CA ASN B 307 25.42 6.19 -9.78
C ASN B 307 25.24 5.15 -8.67
N PRO B 308 26.32 4.85 -7.95
CA PRO B 308 26.34 3.78 -6.96
C PRO B 308 25.51 4.08 -5.70
N LYS B 309 24.79 5.21 -5.72
CA LYS B 309 23.87 5.56 -4.66
C LYS B 309 22.44 5.14 -5.01
N PHE B 310 22.28 4.61 -6.22
CA PHE B 310 20.98 4.14 -6.70
C PHE B 310 21.05 2.63 -6.92
N PHE B 311 20.02 1.92 -6.45
CA PHE B 311 20.00 0.45 -6.45
C PHE B 311 18.72 -0.12 -7.08
N TYR B 312 18.84 -1.33 -7.62
CA TYR B 312 17.71 -2.08 -8.16
C TYR B 312 17.63 -3.44 -7.53
N ILE B 313 16.45 -3.83 -7.07
CA ILE B 313 16.22 -5.18 -6.57
C ILE B 313 15.32 -5.95 -7.52
N GLY B 314 15.65 -7.22 -7.74
CA GLY B 314 14.80 -8.15 -8.48
C GLY B 314 14.62 -7.83 -9.95
N MET B 315 15.60 -7.19 -10.56
CA MET B 315 15.47 -6.76 -11.95
C MET B 315 15.91 -7.84 -12.94
N GLN B 316 16.55 -8.88 -12.42
CA GLN B 316 16.92 -10.07 -13.18
C GLN B 316 15.68 -10.94 -13.48
N ASP B 317 15.78 -11.78 -14.50
CA ASP B 317 14.77 -12.82 -14.71
C ASP B 317 14.82 -13.75 -13.49
N GLN B 318 13.71 -14.41 -13.18
CA GLN B 318 13.59 -15.09 -11.89
C GLN B 318 13.38 -16.61 -11.97
N TRP B 319 14.46 -17.36 -11.82
CA TRP B 319 14.35 -18.77 -11.47
C TRP B 319 14.10 -18.82 -9.95
N TYR B 320 14.99 -18.21 -9.23
CA TYR B 320 14.88 -18.00 -7.82
C TYR B 320 14.09 -16.74 -7.65
N SER B 321 13.35 -16.57 -6.58
CA SER B 321 12.70 -15.32 -6.36
C SER B 321 12.89 -14.66 -5.01
N PHE B 322 12.10 -15.03 -4.05
CA PHE B 322 12.11 -14.33 -2.77
C PHE B 322 13.49 -14.23 -2.12
N ASN B 323 14.13 -15.37 -1.86
CA ASN B 323 15.45 -15.32 -1.24
C ASN B 323 16.55 -14.70 -2.10
N MET B 324 16.33 -14.57 -3.40
CA MET B 324 17.23 -13.74 -4.21
C MET B 324 17.05 -12.27 -3.81
N PHE B 325 15.79 -11.84 -3.68
CA PHE B 325 15.49 -10.46 -3.27
C PHE B 325 16.09 -10.14 -1.91
N ASP B 326 15.94 -11.08 -0.97
CA ASP B 326 16.52 -10.96 0.36
C ASP B 326 18.03 -10.82 0.28
N ALA B 327 18.67 -11.75 -0.44
CA ALA B 327 20.11 -11.70 -0.69
C ALA B 327 20.49 -10.34 -1.26
N GLN B 328 19.72 -9.90 -2.26
CA GLN B 328 19.94 -8.61 -2.90
C GLN B 328 19.75 -7.45 -1.93
N ALA B 329 18.67 -7.48 -1.15
CA ALA B 329 18.36 -6.38 -0.24
C ALA B 329 19.34 -6.32 0.92
N TRP B 330 19.77 -7.49 1.41
CA TRP B 330 20.80 -7.58 2.45
C TRP B 330 22.13 -7.04 1.98
N TYR B 331 22.44 -7.23 0.71
CA TYR B 331 23.66 -6.66 0.15
C TYR B 331 23.52 -5.14 -0.01
N ALA B 332 22.40 -4.70 -0.57
CA ALA B 332 22.11 -3.27 -0.72
C ALA B 332 22.16 -2.53 0.62
N ARG B 333 21.51 -3.11 1.63
CA ARG B 333 21.56 -2.58 3.00
C ARG B 333 23.00 -2.33 3.40
N ASP B 334 23.81 -3.39 3.36
CA ASP B 334 25.18 -3.34 3.85
C ASP B 334 26.07 -2.33 3.11
N VAL B 335 25.84 -2.16 1.80
CA VAL B 335 26.51 -1.11 1.02
C VAL B 335 26.06 0.29 1.48
N ILE B 336 24.76 0.48 1.65
CA ILE B 336 24.22 1.73 2.17
C ILE B 336 24.78 2.05 3.56
N MET B 337 24.83 1.04 4.42
CA MET B 337 25.24 1.23 5.81
C MET B 337 26.75 1.35 6.00
N GLY B 338 27.50 1.23 4.91
CA GLY B 338 28.96 1.37 4.93
C GLY B 338 29.71 0.08 5.23
N ARG B 339 28.96 -0.96 5.59
CA ARG B 339 29.52 -2.26 5.98
C ARG B 339 30.34 -2.92 4.86
N LEU B 340 30.03 -2.53 3.62
CA LEU B 340 30.72 -3.05 2.44
C LEU B 340 31.07 -1.94 1.45
N PRO B 341 32.29 -1.39 1.54
CA PRO B 341 32.71 -0.34 0.60
C PRO B 341 32.73 -0.86 -0.84
N LEU B 342 32.40 0.03 -1.77
CA LEU B 342 32.39 -0.32 -3.18
C LEU B 342 33.79 -0.19 -3.79
N PRO B 343 34.11 -1.06 -4.77
CA PRO B 343 35.29 -0.89 -5.62
C PRO B 343 35.11 0.29 -6.57
N SER B 344 36.11 0.53 -7.42
CA SER B 344 36.03 1.57 -8.44
C SER B 344 34.99 1.23 -9.51
N LYS B 345 34.54 2.26 -10.24
CA LYS B 345 33.59 2.10 -11.35
C LYS B 345 34.14 1.13 -12.40
N GLU B 346 35.42 1.29 -12.73
CA GLU B 346 36.11 0.43 -13.70
C GLU B 346 36.18 -1.01 -13.19
N GLU B 347 36.45 -1.17 -11.88
CA GLU B 347 36.47 -2.49 -11.25
C GLU B 347 35.08 -3.13 -11.22
N MET B 348 34.05 -2.31 -10.95
CA MET B 348 32.67 -2.76 -10.98
C MET B 348 32.28 -3.20 -12.40
N LYS B 349 32.49 -2.33 -13.37
CA LYS B 349 32.26 -2.64 -14.78
C LYS B 349 32.85 -3.99 -15.21
N ALA B 350 34.09 -4.25 -14.79
CA ALA B 350 34.81 -5.48 -15.14
C ALA B 350 34.25 -6.72 -14.44
N ASP B 351 33.95 -6.60 -13.15
CA ASP B 351 33.29 -7.69 -12.42
C ASP B 351 31.96 -8.04 -13.09
N SER B 352 31.22 -7.01 -13.48
CA SER B 352 29.97 -7.19 -14.18
C SER B 352 30.15 -7.88 -15.54
N MET B 353 31.20 -7.52 -16.28
CA MET B 353 31.49 -8.17 -17.55
C MET B 353 31.75 -9.67 -17.39
N ALA B 354 32.44 -10.04 -16.31
CA ALA B 354 32.73 -11.45 -16.00
C ALA B 354 31.45 -12.26 -15.78
N TRP B 355 30.50 -11.69 -15.04
CA TRP B 355 29.20 -12.31 -14.84
C TRP B 355 28.43 -12.40 -16.15
N ARG B 356 28.60 -11.38 -17.00
CA ARG B 356 27.96 -11.33 -18.32
C ARG B 356 28.46 -12.43 -19.27
N GLU B 357 29.78 -12.61 -19.39
CA GLU B 357 30.34 -13.62 -20.29
C GLU B 357 29.91 -15.02 -19.83
N LYS B 358 29.93 -15.23 -18.52
CA LYS B 358 29.44 -16.47 -17.92
C LYS B 358 27.99 -16.76 -18.33
N GLU B 359 27.17 -15.73 -18.33
CA GLU B 359 25.76 -15.85 -18.70
C GLU B 359 25.58 -16.28 -20.16
N LEU B 360 26.38 -15.69 -21.06
CA LEU B 360 26.32 -16.00 -22.48
C LEU B 360 26.73 -17.45 -22.80
N THR B 361 27.39 -18.13 -21.87
CA THR B 361 27.79 -19.53 -22.08
C THR B 361 26.73 -20.54 -21.62
N LEU B 362 25.67 -20.04 -21.00
CA LEU B 362 24.61 -20.89 -20.45
C LEU B 362 23.71 -21.44 -21.56
N VAL B 363 23.59 -22.75 -21.64
CA VAL B 363 22.80 -23.40 -22.70
C VAL B 363 21.68 -24.34 -22.22
N THR B 364 21.58 -24.54 -20.90
CA THR B 364 20.56 -25.42 -20.36
C THR B 364 19.81 -24.77 -19.20
N ALA B 365 18.55 -25.19 -19.02
CA ALA B 365 17.77 -24.80 -17.85
C ALA B 365 18.59 -24.97 -16.57
N GLU B 366 19.27 -26.11 -16.45
CA GLU B 366 20.06 -26.43 -15.26
C GLU B 366 21.22 -25.48 -15.04
N GLU B 367 21.96 -25.16 -16.10
CA GLU B 367 23.04 -24.17 -16.03
C GLU B 367 22.52 -22.81 -15.59
N MET B 368 21.28 -22.49 -15.98
CA MET B 368 20.71 -21.18 -15.72
C MET B 368 20.37 -20.94 -14.25
N TYR B 369 19.55 -21.81 -13.66
CA TYR B 369 19.22 -21.64 -12.24
C TYR B 369 20.43 -21.93 -11.33
N THR B 370 21.32 -22.82 -11.78
CA THR B 370 22.59 -23.03 -11.08
C THR B 370 23.42 -21.75 -11.09
N TYR B 371 23.42 -21.06 -12.23
CA TYR B 371 24.09 -19.77 -12.37
C TYR B 371 23.52 -18.73 -11.40
N GLN B 372 22.20 -18.60 -11.39
CA GLN B 372 21.53 -17.65 -10.50
C GLN B 372 21.74 -18.05 -9.03
N GLY B 373 21.70 -19.36 -8.78
CA GLY B 373 21.99 -19.92 -7.46
C GLY B 373 23.39 -19.60 -6.98
N ASP B 374 24.33 -19.51 -7.92
CA ASP B 374 25.71 -19.13 -7.62
C ASP B 374 25.83 -17.63 -7.35
N TYR B 375 24.97 -16.86 -8.01
CA TYR B 375 24.93 -15.42 -7.86
C TYR B 375 24.39 -15.07 -6.48
N ILE B 376 23.36 -15.79 -6.07
CA ILE B 376 22.78 -15.65 -4.74
C ILE B 376 23.80 -16.05 -3.66
N GLN B 377 24.50 -17.16 -3.89
CA GLN B 377 25.56 -17.61 -2.98
C GLN B 377 26.60 -16.51 -2.77
N ASN B 378 27.06 -15.91 -3.87
CA ASN B 378 27.99 -14.78 -3.82
C ASN B 378 27.45 -13.61 -2.99
N LEU B 379 26.14 -13.37 -3.07
CA LEU B 379 25.50 -12.31 -2.30
C LEU B 379 25.43 -12.58 -0.80
N ILE B 380 24.93 -13.76 -0.43
CA ILE B 380 24.74 -14.11 0.99
C ILE B 380 26.06 -14.34 1.73
N ASP B 381 27.11 -14.69 0.99
CA ASP B 381 28.47 -14.82 1.55
C ASP B 381 29.00 -13.51 2.12
N MET B 382 28.51 -12.39 1.58
CA MET B 382 29.02 -11.06 1.94
C MET B 382 28.33 -10.45 3.17
N THR B 383 27.16 -10.99 3.53
CA THR B 383 26.35 -10.40 4.59
C THR B 383 26.01 -11.43 5.68
N ASP B 384 25.23 -10.99 6.67
CA ASP B 384 24.77 -11.86 7.73
C ASP B 384 23.41 -12.48 7.42
N TYR B 385 23.04 -12.51 6.14
CA TYR B 385 21.84 -13.23 5.73
C TYR B 385 22.07 -14.71 5.98
N PRO B 386 21.08 -15.40 6.61
CA PRO B 386 21.30 -16.80 6.95
C PRO B 386 21.51 -17.60 5.68
N SER B 387 22.63 -18.31 5.60
CA SER B 387 22.92 -19.14 4.44
C SER B 387 22.00 -20.36 4.44
N PHE B 388 21.72 -20.87 3.25
CA PHE B 388 20.85 -22.01 3.09
C PHE B 388 21.44 -22.88 2.00
N ASP B 389 20.90 -24.08 1.83
CA ASP B 389 21.48 -25.04 0.89
C ASP B 389 21.02 -24.75 -0.53
N ILE B 390 21.78 -23.90 -1.22
CA ILE B 390 21.53 -23.58 -2.62
C ILE B 390 21.65 -24.81 -3.53
N PRO B 391 22.79 -25.54 -3.46
CA PRO B 391 22.87 -26.76 -4.27
C PRO B 391 21.64 -27.68 -4.14
N ALA B 392 21.09 -27.80 -2.93
CA ALA B 392 19.88 -28.60 -2.69
C ALA B 392 18.62 -27.95 -3.25
N THR B 393 18.61 -26.62 -3.32
CA THR B 393 17.54 -25.89 -3.99
C THR B 393 17.58 -26.20 -5.48
N ASN B 394 18.78 -26.19 -6.05
CA ASN B 394 19.00 -26.50 -7.45
C ASN B 394 18.48 -27.87 -7.85
N LYS B 395 18.64 -28.85 -6.95
CA LYS B 395 18.13 -30.21 -7.14
C LYS B 395 16.61 -30.25 -7.09
N THR B 396 16.04 -29.45 -6.20
CA THR B 396 14.59 -29.32 -6.11
C THR B 396 14.04 -28.70 -7.42
N PHE B 397 14.68 -27.64 -7.91
CA PHE B 397 14.35 -27.07 -9.24
C PHE B 397 14.48 -28.14 -10.33
N LEU B 398 15.59 -28.88 -10.30
CA LEU B 398 15.83 -29.97 -11.24
C LEU B 398 14.66 -30.96 -11.25
N GLU B 399 14.25 -31.40 -10.05
CA GLU B 399 13.09 -32.27 -9.89
C GLU B 399 11.84 -31.68 -10.52
N TRP B 400 11.63 -30.39 -10.29
CA TRP B 400 10.46 -29.66 -10.77
C TRP B 400 10.38 -29.67 -12.31
N LYS B 401 11.52 -29.48 -12.97
CA LYS B 401 11.57 -29.52 -14.43
C LYS B 401 11.41 -30.95 -14.99
N HIS B 402 11.82 -31.94 -14.19
CA HIS B 402 11.55 -33.35 -14.50
C HIS B 402 10.05 -33.61 -14.45
N HIS B 403 9.40 -33.10 -13.40
CA HIS B 403 7.97 -33.30 -13.20
C HIS B 403 7.14 -32.57 -14.24
N LYS B 404 7.66 -31.46 -14.75
CA LYS B 404 6.99 -30.73 -15.82
C LYS B 404 7.04 -31.53 -17.12
N LYS B 405 8.17 -32.18 -17.37
CA LYS B 405 8.37 -32.96 -18.58
C LYS B 405 7.59 -34.27 -18.59
N GLU B 406 7.43 -34.88 -17.40
CA GLU B 406 6.61 -36.08 -17.23
C GLU B 406 5.16 -35.81 -17.63
N ASN B 407 4.55 -34.84 -16.94
CA ASN B 407 3.18 -34.43 -17.20
C ASN B 407 2.97 -32.96 -16.87
N ILE B 408 2.72 -32.16 -17.90
CA ILE B 408 2.62 -30.70 -17.74
C ILE B 408 1.41 -30.25 -16.92
N MET B 409 0.41 -31.13 -16.79
CA MET B 409 -0.83 -30.84 -16.06
C MET B 409 -0.85 -31.37 -14.63
N THR B 410 0.09 -32.25 -14.27
CA THR B 410 0.11 -32.83 -12.92
C THR B 410 1.35 -32.47 -12.09
N PHE B 411 2.13 -31.50 -12.55
CA PHE B 411 3.37 -31.16 -11.84
C PHE B 411 3.16 -30.53 -10.46
N ARG B 412 2.00 -29.90 -10.27
CA ARG B 412 1.65 -29.29 -8.97
C ARG B 412 1.09 -30.28 -7.93
N ASP B 413 0.97 -31.54 -8.33
CA ASP B 413 0.57 -32.59 -7.39
C ASP B 413 1.79 -33.24 -6.71
N HIS B 414 2.99 -32.79 -7.06
CA HIS B 414 4.23 -33.25 -6.42
C HIS B 414 4.56 -32.47 -5.14
N SER B 415 5.29 -33.13 -4.25
CA SER B 415 5.67 -32.56 -2.96
C SER B 415 7.19 -32.58 -2.81
N TYR B 416 7.74 -31.65 -2.04
CA TYR B 416 9.20 -31.53 -1.90
C TYR B 416 9.65 -31.27 -0.46
N ARG B 417 10.92 -31.55 -0.19
CA ARG B 417 11.46 -31.36 1.15
C ARG B 417 12.03 -29.96 1.33
N SER B 418 11.57 -29.30 2.39
CA SER B 418 12.06 -27.98 2.77
C SER B 418 13.55 -27.99 3.02
N LEU B 419 14.25 -27.02 2.44
CA LEU B 419 15.69 -26.94 2.53
C LEU B 419 16.09 -26.15 3.77
N MET B 420 15.14 -25.41 4.32
CA MET B 420 15.35 -24.66 5.54
C MET B 420 15.19 -25.54 6.79
N THR B 421 14.11 -26.29 6.88
CA THR B 421 13.79 -27.07 8.09
C THR B 421 13.82 -28.59 7.89
N GLY B 422 13.90 -29.04 6.64
CA GLY B 422 13.85 -30.46 6.33
C GLY B 422 12.44 -31.05 6.44
N THR B 423 11.43 -30.19 6.45
CA THR B 423 10.03 -30.61 6.55
C THR B 423 9.54 -31.14 5.20
N MET B 424 9.02 -32.36 5.21
CA MET B 424 8.47 -32.96 4.00
C MET B 424 7.05 -32.46 3.75
N ALA B 425 6.85 -31.81 2.62
CA ALA B 425 5.55 -31.35 2.19
C ALA B 425 4.67 -32.55 1.86
N PRO B 426 3.42 -32.56 2.35
CA PRO B 426 2.52 -33.66 2.03
C PRO B 426 1.77 -33.45 0.71
N LYS B 427 1.20 -34.55 0.18
CA LYS B 427 0.27 -34.46 -0.94
C LYS B 427 -0.96 -33.66 -0.49
N HIS B 428 -1.38 -32.72 -1.33
CA HIS B 428 -2.56 -31.90 -1.06
C HIS B 428 -3.83 -32.76 -1.08
N HIS B 429 -4.86 -32.32 -0.35
CA HIS B 429 -6.12 -33.08 -0.28
C HIS B 429 -6.83 -33.19 -1.63
N THR B 430 -6.67 -32.18 -2.47
CA THR B 430 -7.29 -32.18 -3.79
C THR B 430 -6.24 -32.06 -4.91
N PRO B 431 -6.33 -32.95 -5.92
CA PRO B 431 -5.49 -32.83 -7.12
C PRO B 431 -5.76 -31.55 -7.91
N TRP B 432 -4.70 -30.96 -8.45
CA TRP B 432 -4.73 -29.64 -9.09
C TRP B 432 -5.93 -29.42 -10.02
N ILE B 433 -6.15 -30.34 -10.96
CA ILE B 433 -7.18 -30.20 -11.99
C ILE B 433 -8.60 -30.09 -11.40
N ASP B 434 -8.76 -30.54 -10.16
CA ASP B 434 -10.07 -30.53 -9.50
C ASP B 434 -10.20 -29.44 -8.44
N ALA B 435 -9.07 -28.90 -8.02
CA ALA B 435 -9.05 -27.83 -7.03
C ALA B 435 -9.46 -26.52 -7.69
N LEU B 436 -10.76 -26.35 -7.90
CA LEU B 436 -11.33 -25.17 -8.57
C LEU B 436 -11.40 -23.95 -7.66
N ASP B 437 -11.42 -24.21 -6.36
CA ASP B 437 -11.46 -23.18 -5.33
C ASP B 437 -10.02 -22.80 -4.94
N ASP B 438 -9.68 -21.53 -5.13
CA ASP B 438 -8.32 -21.05 -4.94
C ASP B 438 -8.09 -20.26 -3.63
N SER B 439 -9.05 -20.34 -2.73
CA SER B 439 -8.98 -19.59 -1.47
C SER B 439 -7.97 -20.19 -0.47
N LEU B 440 -7.41 -19.31 0.36
CA LEU B 440 -6.53 -19.70 1.47
C LEU B 440 -7.29 -20.59 2.46
N GLU B 441 -8.58 -20.31 2.64
CA GLU B 441 -9.42 -21.09 3.55
C GLU B 441 -9.59 -22.55 3.07
N ALA B 442 -9.85 -22.73 1.78
CA ALA B 442 -10.08 -24.07 1.23
C ALA B 442 -8.81 -24.88 1.08
N TYR B 443 -7.68 -24.19 0.88
CA TYR B 443 -6.39 -24.83 0.76
C TYR B 443 -5.92 -25.39 2.10
N LEU B 444 -5.98 -24.55 3.13
CA LEU B 444 -5.51 -24.89 4.47
C LEU B 444 -6.48 -25.79 5.23
N SER B 445 -7.65 -26.02 4.65
CA SER B 445 -8.63 -26.94 5.20
C SER B 445 -8.18 -28.40 5.06
N ASP B 446 -8.75 -29.27 5.88
CA ASP B 446 -8.53 -30.71 5.76
C ASP B 446 -9.52 -31.35 4.78
N LYS B 447 -10.39 -30.51 4.20
CA LYS B 447 -11.46 -30.95 3.29
C LYS B 447 -11.05 -30.88 1.81
N ALA C 2 21.29 26.55 40.87
CA ALA C 2 21.05 25.21 41.50
C ALA C 2 20.50 24.20 40.48
N THR C 3 21.02 22.98 40.53
CA THR C 3 20.59 21.92 39.63
C THR C 3 19.18 21.45 39.99
N ARG C 4 18.32 21.36 38.97
CA ARG C 4 16.93 20.92 39.14
C ARG C 4 16.67 19.63 38.37
N ILE C 5 16.07 18.66 39.06
CA ILE C 5 15.73 17.39 38.47
C ILE C 5 14.21 17.19 38.47
N ALA C 6 13.67 16.78 37.32
CA ALA C 6 12.27 16.41 37.21
C ALA C 6 12.13 14.88 37.18
N ILE C 7 11.30 14.36 38.08
CA ILE C 7 11.00 12.92 38.11
C ILE C 7 9.55 12.73 37.69
N LEU C 8 9.35 11.98 36.61
CA LEU C 8 8.02 11.80 36.10
C LEU C 8 7.44 10.51 36.65
N GLY C 9 6.51 10.65 37.60
CA GLY C 9 5.82 9.51 38.18
C GLY C 9 6.29 9.19 39.58
N ALA C 10 5.35 8.80 40.44
CA ALA C 10 5.67 8.36 41.78
C ALA C 10 5.13 6.96 42.00
N GLY C 11 5.42 6.09 41.04
CA GLY C 11 5.26 4.66 41.23
C GLY C 11 6.52 4.11 41.89
N PRO C 12 6.68 2.77 41.93
CA PRO C 12 7.91 2.17 42.44
C PRO C 12 9.19 2.82 41.88
N SER C 13 9.23 3.08 40.56
CA SER C 13 10.43 3.65 39.96
C SER C 13 10.73 5.06 40.45
N GLY C 14 9.72 5.93 40.43
CA GLY C 14 9.84 7.30 40.92
C GLY C 14 10.14 7.36 42.41
N MET C 15 9.46 6.51 43.17
CA MET C 15 9.76 6.33 44.60
C MET C 15 11.21 5.94 44.79
N ALA C 16 11.72 5.04 43.94
CA ALA C 16 13.10 4.59 44.03
C ALA C 16 14.08 5.71 43.65
N GLN C 17 13.69 6.56 42.70
CA GLN C 17 14.50 7.71 42.33
C GLN C 17 14.64 8.73 43.46
N LEU C 18 13.51 9.10 44.05
CA LEU C 18 13.48 10.00 45.20
C LEU C 18 14.35 9.43 46.32
N ARG C 19 14.08 8.17 46.68
CA ARG C 19 14.83 7.48 47.73
C ARG C 19 16.33 7.52 47.44
N ALA C 20 16.71 7.31 46.18
CA ALA C 20 18.12 7.29 45.78
C ALA C 20 18.84 8.59 46.14
N PHE C 21 18.26 9.72 45.73
CA PHE C 21 18.82 11.04 46.06
C PHE C 21 18.83 11.30 47.57
N GLN C 22 17.77 10.90 48.24
CA GLN C 22 17.61 11.12 49.68
C GLN C 22 18.65 10.36 50.48
N SER C 23 18.99 9.15 50.00
CA SER C 23 19.98 8.28 50.66
C SER C 23 21.39 8.84 50.54
N ALA C 24 21.66 9.51 49.44
CA ALA C 24 22.93 10.21 49.25
C ALA C 24 22.98 11.44 50.15
N GLN C 25 21.85 12.12 50.28
CA GLN C 25 21.73 13.29 51.15
C GLN C 25 21.89 12.92 52.64
N GLU C 26 21.31 11.79 53.04
CA GLU C 26 21.37 11.28 54.41
C GLU C 26 22.80 10.89 54.77
N LYS C 27 23.62 10.58 53.76
CA LYS C 27 25.04 10.27 53.96
C LYS C 27 25.93 11.51 53.82
N GLY C 28 25.31 12.68 53.68
CA GLY C 28 26.03 13.95 53.73
C GLY C 28 26.24 14.68 52.42
N ALA C 29 25.81 14.09 51.31
CA ALA C 29 26.01 14.71 50.01
C ALA C 29 24.99 15.83 49.77
N GLU C 30 25.44 16.89 49.11
CA GLU C 30 24.52 17.92 48.64
C GLU C 30 23.86 17.42 47.37
N ILE C 31 22.53 17.36 47.40
CA ILE C 31 21.76 16.85 46.26
C ILE C 31 21.08 18.00 45.49
N PRO C 32 20.80 17.78 44.19
CA PRO C 32 20.07 18.78 43.41
C PRO C 32 18.63 18.92 43.86
N GLU C 33 18.00 20.04 43.50
CA GLU C 33 16.58 20.24 43.76
C GLU C 33 15.76 19.18 43.03
N LEU C 34 14.72 18.68 43.69
CA LEU C 34 13.90 17.61 43.15
C LEU C 34 12.43 17.98 43.06
N VAL C 35 11.83 17.68 41.91
CA VAL C 35 10.38 17.81 41.71
C VAL C 35 9.87 16.55 41.03
N CYS C 36 8.97 15.84 41.70
CA CYS C 36 8.33 14.64 41.17
C CYS C 36 6.90 14.97 40.81
N PHE C 37 6.56 14.81 39.52
CA PHE C 37 5.19 14.99 39.06
C PHE C 37 4.46 13.65 39.01
N GLU C 38 3.33 13.58 39.70
CA GLU C 38 2.47 12.39 39.68
C GLU C 38 1.02 12.79 39.41
N LYS C 39 0.35 12.02 38.54
CA LYS C 39 -1.00 12.36 38.12
C LYS C 39 -2.08 11.80 39.06
N GLN C 40 -1.73 10.77 39.79
CA GLN C 40 -2.65 10.21 40.78
C GLN C 40 -2.68 11.07 42.02
N ALA C 41 -3.58 10.74 42.94
CA ALA C 41 -3.70 11.46 44.19
C ALA C 41 -2.74 10.91 45.25
N ASP C 42 -2.34 9.64 45.10
CA ASP C 42 -1.38 9.00 46.01
C ASP C 42 -0.23 8.33 45.24
N TRP C 43 0.88 8.01 45.91
CA TRP C 43 1.97 7.26 45.27
C TRP C 43 1.75 5.74 45.29
N GLY C 44 2.54 5.03 44.49
CA GLY C 44 2.43 3.57 44.43
C GLY C 44 2.28 3.00 43.02
N GLY C 45 1.86 3.86 42.08
CA GLY C 45 1.79 3.49 40.67
C GLY C 45 0.74 2.44 40.41
N GLN C 46 1.17 1.33 39.79
CA GLN C 46 0.32 0.19 39.54
C GLN C 46 -0.33 -0.31 40.82
N TRP C 47 0.36 -0.09 41.95
CA TRP C 47 0.00 -0.70 43.23
C TRP C 47 -1.03 0.09 44.02
N ASN C 48 -1.34 1.29 43.55
CA ASN C 48 -2.45 2.08 44.05
C ASN C 48 -3.69 1.61 43.32
N TYR C 49 -4.61 1.00 44.05
CA TYR C 49 -5.79 0.43 43.41
C TYR C 49 -6.91 1.45 43.25
N THR C 50 -7.54 1.41 42.08
CA THR C 50 -8.74 2.19 41.82
C THR C 50 -9.82 1.31 41.18
N TRP C 51 -11.09 1.67 41.41
CA TRP C 51 -12.22 1.01 40.79
C TRP C 51 -12.45 1.59 39.39
N ARG C 52 -11.91 2.77 39.17
CA ARG C 52 -12.06 3.52 37.92
C ARG C 52 -11.41 2.82 36.74
N THR C 53 -12.07 2.87 35.59
CA THR C 53 -11.53 2.29 34.36
C THR C 53 -11.60 3.31 33.24
N GLY C 54 -10.70 3.14 32.26
CA GLY C 54 -10.62 4.06 31.15
C GLY C 54 -10.00 5.39 31.55
N LEU C 55 -10.85 6.36 31.85
CA LEU C 55 -10.36 7.69 32.21
C LEU C 55 -10.62 7.99 33.69
N ASP C 56 -9.73 8.76 34.31
CA ASP C 56 -9.85 9.02 35.75
C ASP C 56 -10.70 10.27 36.02
N GLU C 57 -10.76 10.69 37.29
CA GLU C 57 -11.64 11.82 37.65
C GLU C 57 -11.25 13.19 37.06
N ASN C 58 -10.07 13.27 36.45
CA ASN C 58 -9.63 14.49 35.76
C ASN C 58 -9.61 14.32 34.26
N GLY C 59 -9.95 13.12 33.80
CA GLY C 59 -9.98 12.80 32.40
C GLY C 59 -8.67 12.26 31.84
N GLU C 60 -7.72 11.95 32.72
CA GLU C 60 -6.46 11.33 32.31
C GLU C 60 -6.67 9.81 32.22
N PRO C 61 -6.04 9.17 31.21
CA PRO C 61 -6.14 7.70 31.15
C PRO C 61 -5.87 7.08 32.54
N VAL C 62 -6.72 6.13 32.95
CA VAL C 62 -6.52 5.43 34.22
C VAL C 62 -5.22 4.66 34.12
N HIS C 63 -4.32 4.88 35.05
CA HIS C 63 -2.99 4.30 34.96
C HIS C 63 -2.90 2.83 35.38
N SER C 64 -3.46 2.49 36.53
CA SER C 64 -3.28 1.18 37.13
C SER C 64 -4.07 0.09 36.40
N SER C 65 -3.38 -1.01 36.11
CA SER C 65 -3.99 -2.18 35.48
C SER C 65 -4.38 -3.21 36.54
N MET C 66 -4.27 -2.83 37.81
CA MET C 66 -4.43 -3.77 38.91
C MET C 66 -5.89 -4.00 39.34
N TYR C 67 -6.13 -5.21 39.85
CA TYR C 67 -7.48 -5.65 40.17
C TYR C 67 -7.64 -6.01 41.64
N ARG C 68 -8.89 -6.19 42.05
CA ARG C 68 -9.19 -6.71 43.37
C ARG C 68 -8.59 -8.11 43.47
N TYR C 69 -8.17 -8.48 44.68
CA TYR C 69 -7.72 -9.84 44.97
C TYR C 69 -6.37 -10.18 44.33
N LEU C 70 -5.72 -9.19 43.72
CA LEU C 70 -4.36 -9.38 43.17
C LEU C 70 -3.37 -9.68 44.28
N TRP C 71 -2.59 -10.74 44.10
CA TRP C 71 -1.49 -11.06 45.00
C TRP C 71 -0.20 -11.05 44.19
N SER C 72 0.92 -10.82 44.88
CA SER C 72 2.26 -10.91 44.30
C SER C 72 2.37 -12.07 43.30
N ASN C 73 2.78 -11.75 42.08
CA ASN C 73 2.97 -12.74 41.03
C ASN C 73 4.23 -13.58 41.22
N GLY C 74 5.28 -12.96 41.79
CA GLY C 74 6.52 -13.67 42.12
C GLY C 74 6.82 -13.69 43.61
N PRO C 75 7.92 -14.36 44.02
CA PRO C 75 8.32 -14.32 45.42
C PRO C 75 8.72 -12.91 45.84
N LYS C 76 8.28 -12.49 47.02
CA LYS C 76 8.56 -11.14 47.50
C LYS C 76 10.06 -10.95 47.71
N GLU C 77 10.74 -12.07 47.98
CA GLU C 77 12.18 -12.08 48.22
C GLU C 77 12.98 -11.67 46.98
N CYS C 78 12.35 -11.81 45.81
CA CYS C 78 12.97 -11.40 44.56
C CYS C 78 12.84 -9.90 44.33
N LEU C 79 11.82 -9.29 44.95
CA LEU C 79 11.55 -7.87 44.79
C LEU C 79 11.94 -7.02 46.01
N GLU C 80 12.55 -7.64 47.02
CA GLU C 80 12.91 -6.95 48.27
C GLU C 80 13.94 -5.84 48.07
N PHE C 81 13.76 -4.73 48.77
CA PHE C 81 14.75 -3.66 48.80
C PHE C 81 15.98 -4.11 49.60
N ALA C 82 17.16 -3.83 49.05
CA ALA C 82 18.42 -4.12 49.74
C ALA C 82 18.74 -3.09 50.83
N ASP C 83 18.05 -1.96 50.83
CA ASP C 83 18.28 -0.94 51.86
C ASP C 83 17.12 -0.82 52.85
N TYR C 84 16.09 -1.64 52.65
CA TYR C 84 14.86 -1.56 53.44
C TYR C 84 14.11 -2.88 53.35
N THR C 85 14.38 -3.77 54.31
CA THR C 85 13.91 -5.15 54.25
C THR C 85 12.46 -5.31 54.68
N PHE C 86 11.88 -6.47 54.39
CA PHE C 86 10.54 -6.83 54.89
C PHE C 86 10.50 -6.92 56.41
N ASP C 87 11.59 -7.44 56.99
CA ASP C 87 11.77 -7.53 58.44
C ASP C 87 11.56 -6.18 59.10
N GLU C 88 12.29 -5.17 58.62
CA GLU C 88 12.22 -3.81 59.17
C GLU C 88 10.82 -3.21 59.05
N HIS C 89 10.19 -3.37 57.89
CA HIS C 89 8.90 -2.74 57.65
C HIS C 89 7.77 -3.37 58.47
N PHE C 90 7.69 -4.70 58.44
CA PHE C 90 6.59 -5.39 59.10
C PHE C 90 6.86 -5.76 60.56
N GLY C 91 8.14 -5.77 60.94
CA GLY C 91 8.55 -6.07 62.32
C GLY C 91 8.53 -7.55 62.64
N LYS C 92 8.27 -8.37 61.63
CA LYS C 92 8.12 -9.82 61.78
C LYS C 92 8.24 -10.51 60.41
N PRO C 93 8.48 -11.84 60.40
CA PRO C 93 8.45 -12.57 59.12
C PRO C 93 7.02 -12.79 58.61
N ILE C 94 6.82 -12.63 57.30
CA ILE C 94 5.52 -12.86 56.66
C ILE C 94 5.67 -13.76 55.43
N ALA C 95 4.54 -14.28 54.93
CA ALA C 95 4.53 -15.18 53.76
C ALA C 95 5.08 -14.52 52.50
N SER C 96 5.36 -15.31 51.47
CA SER C 96 6.12 -14.85 50.29
C SER C 96 5.31 -14.25 49.13
N TYR C 97 3.99 -14.33 49.21
CA TYR C 97 3.13 -13.80 48.15
C TYR C 97 2.12 -12.78 48.69
N PRO C 98 2.61 -11.61 49.15
CA PRO C 98 1.71 -10.65 49.78
C PRO C 98 0.79 -9.98 48.76
N PRO C 99 -0.49 -9.81 49.11
CA PRO C 99 -1.45 -9.16 48.22
C PRO C 99 -1.06 -7.70 47.96
N ARG C 100 -1.68 -7.11 46.95
CA ARG C 100 -1.34 -5.77 46.50
C ARG C 100 -1.16 -4.77 47.63
N GLU C 101 -2.20 -4.62 48.46
CA GLU C 101 -2.21 -3.64 49.54
C GLU C 101 -1.01 -3.77 50.46
N VAL C 102 -0.62 -5.02 50.73
CA VAL C 102 0.49 -5.32 51.60
C VAL C 102 1.81 -4.82 51.01
N LEU C 103 2.01 -5.05 49.72
CA LEU C 103 3.24 -4.61 49.04
C LEU C 103 3.24 -3.11 48.79
N TRP C 104 2.05 -2.56 48.55
CA TRP C 104 1.83 -1.11 48.49
C TRP C 104 2.25 -0.47 49.82
N ASP C 105 1.83 -1.08 50.93
CA ASP C 105 2.24 -0.65 52.26
C ASP C 105 3.76 -0.68 52.42
N TYR C 106 4.38 -1.70 51.82
CA TYR C 106 5.81 -1.91 51.89
C TYR C 106 6.58 -0.84 51.13
N ILE C 107 6.13 -0.50 49.92
CA ILE C 107 6.85 0.48 49.11
C ILE C 107 6.62 1.90 49.62
N LYS C 108 5.40 2.20 50.06
CA LYS C 108 5.09 3.47 50.68
C LYS C 108 5.89 3.59 51.97
N GLY C 109 6.07 2.45 52.65
CA GLY C 109 6.80 2.38 53.91
C GLY C 109 8.19 2.96 53.84
N ARG C 110 8.92 2.60 52.79
CA ARG C 110 10.29 3.08 52.60
C ARG C 110 10.31 4.58 52.39
N VAL C 111 9.47 5.05 51.47
CA VAL C 111 9.41 6.47 51.13
C VAL C 111 8.84 7.31 52.27
N GLU C 112 7.96 6.71 53.07
CA GLU C 112 7.48 7.36 54.30
C GLU C 112 8.63 7.63 55.25
N LYS C 113 9.50 6.63 55.41
CA LYS C 113 10.68 6.73 56.26
C LYS C 113 11.66 7.78 55.73
N ALA C 114 11.77 7.83 54.39
CA ALA C 114 12.73 8.68 53.70
C ALA C 114 12.34 10.16 53.72
N GLY C 115 11.05 10.43 53.94
CA GLY C 115 10.52 11.79 53.95
C GLY C 115 10.59 12.48 52.60
N VAL C 116 10.25 11.76 51.53
CA VAL C 116 10.35 12.31 50.18
C VAL C 116 9.02 12.75 49.56
N ARG C 117 7.91 12.48 50.25
CA ARG C 117 6.60 12.95 49.80
C ARG C 117 6.63 14.44 49.48
N LYS C 118 7.40 15.18 50.27
CA LYS C 118 7.50 16.64 50.14
C LYS C 118 7.98 17.10 48.76
N TYR C 119 8.52 16.18 47.97
CA TYR C 119 9.04 16.50 46.63
C TYR C 119 8.01 16.28 45.53
N ILE C 120 6.89 15.63 45.86
CA ILE C 120 5.90 15.27 44.85
C ILE C 120 4.76 16.26 44.74
N ARG C 121 4.46 16.66 43.51
CA ARG C 121 3.25 17.42 43.21
C ARG C 121 2.24 16.44 42.64
N PHE C 122 1.28 16.05 43.47
CA PHE C 122 0.27 15.08 43.09
C PHE C 122 -0.79 15.71 42.21
N ASN C 123 -1.64 14.85 41.66
CA ASN C 123 -2.80 15.23 40.85
C ASN C 123 -2.38 16.08 39.66
N THR C 124 -1.18 15.80 39.17
CA THR C 124 -0.51 16.66 38.19
C THR C 124 0.02 15.84 37.02
N ALA C 125 -0.55 16.09 35.84
CA ALA C 125 -0.13 15.36 34.64
C ALA C 125 0.96 16.09 33.85
N VAL C 126 2.02 15.37 33.52
CA VAL C 126 3.05 15.85 32.60
C VAL C 126 2.44 15.88 31.19
N ARG C 127 2.54 17.03 30.54
CA ARG C 127 1.98 17.20 29.19
C ARG C 127 3.02 17.14 28.08
N HIS C 128 4.22 17.60 28.38
CA HIS C 128 5.26 17.73 27.39
C HIS C 128 6.63 17.96 28.02
N VAL C 129 7.63 17.25 27.52
CA VAL C 129 9.01 17.53 27.83
C VAL C 129 9.70 17.95 26.54
N GLU C 130 10.12 19.20 26.48
CA GLU C 130 10.86 19.74 25.36
C GLU C 130 12.29 20.00 25.83
N PHE C 131 13.27 19.69 25.00
CA PHE C 131 14.65 20.05 25.30
C PHE C 131 15.07 21.30 24.51
N ASN C 132 15.51 22.32 25.24
CA ASN C 132 16.01 23.54 24.62
C ASN C 132 17.51 23.45 24.40
N GLU C 133 17.95 23.62 23.16
CA GLU C 133 19.39 23.52 22.86
C GLU C 133 20.17 24.73 23.41
N ASP C 134 19.57 25.91 23.32
CA ASP C 134 20.20 27.17 23.71
C ASP C 134 20.64 27.21 25.17
N SER C 135 19.78 26.75 26.07
CA SER C 135 20.03 26.80 27.50
C SER C 135 20.46 25.45 28.05
N GLN C 136 20.37 24.41 27.21
CA GLN C 136 20.70 23.03 27.60
C GLN C 136 19.87 22.60 28.82
N THR C 137 18.58 22.92 28.78
CA THR C 137 17.64 22.57 29.83
C THR C 137 16.33 22.07 29.23
N PHE C 138 15.56 21.35 30.03
CA PHE C 138 14.27 20.81 29.64
C PHE C 138 13.13 21.69 30.15
N THR C 139 12.18 22.01 29.27
CA THR C 139 10.93 22.60 29.70
C THR C 139 9.93 21.48 29.95
N VAL C 140 9.42 21.41 31.16
CA VAL C 140 8.38 20.45 31.49
C VAL C 140 7.08 21.21 31.66
N THR C 141 6.10 20.91 30.81
CA THR C 141 4.78 21.52 30.91
C THR C 141 3.83 20.53 31.58
N VAL C 142 3.09 21.04 32.56
CA VAL C 142 2.30 20.20 33.45
C VAL C 142 0.88 20.74 33.61
N GLN C 143 -0.08 19.83 33.83
CA GLN C 143 -1.46 20.20 34.10
C GLN C 143 -1.79 19.84 35.55
N ASP C 144 -1.93 20.86 36.39
CA ASP C 144 -2.27 20.66 37.79
C ASP C 144 -3.79 20.64 37.92
N HIS C 145 -4.33 19.45 38.19
CA HIS C 145 -5.78 19.25 38.20
C HIS C 145 -6.46 19.67 39.50
N THR C 146 -5.65 20.04 40.49
CA THR C 146 -6.18 20.58 41.73
C THR C 146 -6.57 22.05 41.54
N THR C 147 -5.72 22.79 40.81
CA THR C 147 -5.93 24.20 40.53
C THR C 147 -6.42 24.43 39.10
N ASP C 148 -6.56 23.35 38.34
CA ASP C 148 -6.90 23.42 36.91
C ASP C 148 -6.04 24.45 36.15
N THR C 149 -4.73 24.38 36.34
CA THR C 149 -3.81 25.28 35.64
C THR C 149 -2.72 24.49 34.92
N ILE C 150 -2.26 25.03 33.81
CA ILE C 150 -1.15 24.45 33.07
C ILE C 150 0.08 25.35 33.20
N TYR C 151 1.18 24.78 33.66
CA TYR C 151 2.41 25.55 33.82
C TYR C 151 3.62 24.77 33.33
N SER C 152 4.67 25.51 33.02
CA SER C 152 5.94 24.90 32.67
C SER C 152 7.06 25.45 33.55
N GLU C 153 7.97 24.57 33.96
CA GLU C 153 9.17 24.97 34.67
C GLU C 153 10.39 24.43 33.91
N GLU C 154 11.57 24.87 34.32
CA GLU C 154 12.81 24.48 33.68
C GLU C 154 13.56 23.45 34.54
N PHE C 155 14.17 22.47 33.88
CA PHE C 155 14.92 21.41 34.58
C PHE C 155 16.21 21.05 33.83
N ASP C 156 17.22 20.65 34.58
CA ASP C 156 18.53 20.30 34.03
C ASP C 156 18.58 18.84 33.59
N TYR C 157 17.88 17.99 34.33
CA TYR C 157 17.77 16.58 34.02
C TYR C 157 16.31 16.15 34.20
N VAL C 158 15.89 15.17 33.40
CA VAL C 158 14.56 14.58 33.54
C VAL C 158 14.71 13.09 33.73
N VAL C 159 13.98 12.53 34.69
CA VAL C 159 13.96 11.11 34.90
C VAL C 159 12.54 10.57 34.69
N CYS C 160 12.34 9.90 33.56
CA CYS C 160 11.04 9.35 33.24
C CYS C 160 10.81 8.02 33.94
N CYS C 161 9.79 7.96 34.78
CA CYS C 161 9.39 6.74 35.48
C CYS C 161 7.91 6.50 35.28
N THR C 162 7.44 6.66 34.05
CA THR C 162 6.00 6.61 33.85
C THR C 162 5.45 5.20 33.59
N GLY C 163 6.33 4.21 33.65
CA GLY C 163 5.94 2.81 33.47
C GLY C 163 5.51 2.49 32.05
N HIS C 164 5.32 1.21 31.76
CA HIS C 164 4.95 0.77 30.42
C HIS C 164 3.92 -0.35 30.42
N PHE C 165 3.17 -0.48 31.51
CA PHE C 165 2.13 -1.49 31.58
C PHE C 165 0.75 -0.86 31.80
N SER C 166 0.49 0.27 31.14
CA SER C 166 -0.73 1.04 31.37
C SER C 166 -1.56 1.32 30.12
N THR C 167 -0.87 1.51 28.99
CA THR C 167 -1.50 1.84 27.72
C THR C 167 -1.60 0.56 26.89
N PRO C 168 -2.74 -0.14 27.00
CA PRO C 168 -2.88 -1.48 26.44
C PRO C 168 -2.70 -1.60 24.92
N TYR C 169 -2.33 -2.81 24.49
CA TYR C 169 -2.38 -3.19 23.09
C TYR C 169 -3.68 -3.97 22.95
N VAL C 170 -4.63 -3.39 22.23
CA VAL C 170 -5.96 -3.97 22.09
C VAL C 170 -6.24 -4.31 20.62
N PRO C 171 -6.00 -5.58 20.23
CA PRO C 171 -6.26 -6.00 18.85
C PRO C 171 -7.73 -6.33 18.63
N GLU C 172 -8.23 -5.98 17.44
CA GLU C 172 -9.58 -6.28 17.04
C GLU C 172 -9.65 -7.64 16.36
N PHE C 173 -10.71 -8.40 16.66
CA PHE C 173 -10.96 -9.64 15.94
C PHE C 173 -12.29 -9.55 15.20
N GLU C 174 -12.44 -10.40 14.19
CA GLU C 174 -13.63 -10.42 13.35
C GLU C 174 -14.88 -10.63 14.21
N GLY C 175 -15.85 -9.73 14.04
CA GLY C 175 -17.15 -9.88 14.68
C GLY C 175 -17.27 -9.27 16.07
N PHE C 176 -16.23 -8.58 16.51
CA PHE C 176 -16.25 -7.87 17.79
C PHE C 176 -17.38 -6.85 17.84
N GLU C 177 -17.61 -6.20 16.70
CA GLU C 177 -18.64 -5.18 16.54
C GLU C 177 -20.06 -5.69 16.86
N LYS C 178 -20.28 -6.99 16.66
CA LYS C 178 -21.60 -7.60 16.87
C LYS C 178 -21.73 -8.44 18.15
N PHE C 179 -20.60 -8.71 18.81
CA PHE C 179 -20.58 -9.54 20.03
C PHE C 179 -21.43 -8.93 21.16
N GLY C 180 -22.25 -9.78 21.78
CA GLY C 180 -23.28 -9.35 22.73
C GLY C 180 -22.85 -9.26 24.18
N GLY C 181 -21.70 -9.84 24.51
CA GLY C 181 -21.16 -9.76 25.85
C GLY C 181 -20.12 -8.67 25.99
N ARG C 182 -19.35 -8.73 27.08
CA ARG C 182 -18.35 -7.73 27.40
C ARG C 182 -17.00 -8.03 26.77
N ILE C 183 -16.40 -7.00 26.17
CA ILE C 183 -15.03 -7.09 25.68
C ILE C 183 -14.19 -6.02 26.37
N LEU C 184 -13.31 -6.45 27.25
CA LEU C 184 -12.41 -5.55 27.95
C LEU C 184 -10.97 -6.05 27.82
N HIS C 185 -10.02 -5.14 27.97
CA HIS C 185 -8.62 -5.51 28.04
C HIS C 185 -8.29 -5.89 29.48
N ALA C 186 -7.16 -6.58 29.67
CA ALA C 186 -6.63 -6.89 31.00
C ALA C 186 -6.50 -5.65 31.88
N HIS C 187 -6.28 -4.52 31.23
CA HIS C 187 -6.12 -3.24 31.90
C HIS C 187 -7.40 -2.78 32.59
N ASP C 188 -8.55 -3.09 32.00
CA ASP C 188 -9.85 -2.69 32.56
C ASP C 188 -10.32 -3.68 33.62
N PHE C 189 -9.68 -4.86 33.67
CA PHE C 189 -10.05 -5.91 34.61
C PHE C 189 -9.93 -5.42 36.05
N ARG C 190 -11.01 -5.54 36.81
CA ARG C 190 -11.11 -4.95 38.13
C ARG C 190 -11.58 -5.90 39.23
N ASP C 191 -12.67 -6.60 38.95
CA ASP C 191 -13.32 -7.44 39.95
C ASP C 191 -13.60 -8.80 39.35
N ALA C 192 -12.95 -9.83 39.88
CA ALA C 192 -13.15 -11.19 39.38
C ALA C 192 -14.56 -11.72 39.66
N LEU C 193 -15.31 -10.99 40.49
CA LEU C 193 -16.62 -11.44 40.95
C LEU C 193 -17.74 -11.14 39.96
N GLU C 194 -17.56 -10.14 39.12
CA GLU C 194 -18.57 -9.77 38.11
C GLU C 194 -18.65 -10.81 36.98
N PHE C 195 -17.72 -11.76 36.99
CA PHE C 195 -17.70 -12.86 36.04
C PHE C 195 -18.07 -14.20 36.70
N LYS C 196 -18.79 -14.12 37.82
CA LYS C 196 -19.26 -15.32 38.52
C LYS C 196 -20.23 -16.12 37.66
N ASP C 197 -20.01 -17.43 37.62
CA ASP C 197 -20.83 -18.37 36.83
C ASP C 197 -20.87 -18.03 35.33
N LYS C 198 -19.92 -17.21 34.89
CA LYS C 198 -19.81 -16.82 33.49
C LYS C 198 -18.72 -17.64 32.80
N THR C 199 -18.70 -17.56 31.47
CA THR C 199 -17.70 -18.23 30.66
C THR C 199 -16.82 -17.17 30.03
N VAL C 200 -15.56 -17.11 30.45
CA VAL C 200 -14.66 -16.05 30.04
C VAL C 200 -13.59 -16.53 29.07
N LEU C 201 -13.48 -15.82 27.95
CA LEU C 201 -12.40 -16.05 27.00
C LEU C 201 -11.23 -15.14 27.32
N LEU C 202 -10.09 -15.76 27.63
CA LEU C 202 -8.86 -15.02 27.84
C LEU C 202 -8.03 -15.16 26.59
N VAL C 203 -7.72 -14.04 25.95
CA VAL C 203 -6.93 -14.03 24.72
C VAL C 203 -5.50 -13.59 25.02
N GLY C 204 -4.54 -14.38 24.58
CA GLY C 204 -3.12 -14.08 24.79
C GLY C 204 -2.57 -14.81 25.98
N SER C 205 -1.23 -14.80 26.09
CA SER C 205 -0.54 -15.43 27.22
C SER C 205 0.54 -14.53 27.79
N SER C 206 0.35 -14.14 29.04
CA SER C 206 1.25 -13.25 29.76
C SER C 206 1.32 -13.72 31.21
N SER C 207 2.06 -12.97 32.03
CA SER C 207 2.03 -13.15 33.48
C SER C 207 0.60 -12.95 33.96
N SER C 208 -0.05 -11.94 33.38
CA SER C 208 -1.40 -11.54 33.77
C SER C 208 -2.49 -12.45 33.22
N ALA C 209 -2.30 -12.97 32.01
CA ALA C 209 -3.32 -13.81 31.36
C ALA C 209 -3.72 -14.99 32.24
N GLU C 210 -2.72 -15.72 32.72
CA GLU C 210 -2.93 -16.84 33.64
C GLU C 210 -3.46 -16.37 34.99
N ASP C 211 -2.93 -15.25 35.48
CA ASP C 211 -3.32 -14.69 36.77
C ASP C 211 -4.78 -14.22 36.80
N ILE C 212 -5.22 -13.54 35.74
CA ILE C 212 -6.60 -13.07 35.62
C ILE C 212 -7.60 -14.22 35.57
N GLY C 213 -7.27 -15.25 34.79
CA GLY C 213 -8.07 -16.47 34.76
C GLY C 213 -8.08 -17.14 36.12
N SER C 214 -6.93 -17.19 36.77
CA SER C 214 -6.81 -17.77 38.10
C SER C 214 -7.79 -17.16 39.10
N GLN C 215 -7.94 -15.83 39.02
CA GLN C 215 -8.88 -15.12 39.88
C GLN C 215 -10.32 -15.48 39.52
N CYS C 216 -10.65 -15.40 38.24
CA CYS C 216 -11.99 -15.72 37.75
C CYS C 216 -12.45 -17.10 38.23
N TYR C 217 -11.53 -18.07 38.18
CA TYR C 217 -11.77 -19.40 38.72
C TYR C 217 -12.01 -19.32 40.23
N LYS C 218 -11.03 -18.75 40.94
CA LYS C 218 -11.06 -18.62 42.40
C LYS C 218 -12.37 -18.01 42.92
N TYR C 219 -12.96 -17.11 42.13
CA TYR C 219 -14.16 -16.39 42.53
C TYR C 219 -15.43 -16.86 41.79
N GLY C 220 -15.39 -18.10 41.32
CA GLY C 220 -16.59 -18.81 40.89
C GLY C 220 -17.09 -18.60 39.47
N ALA C 221 -16.19 -18.53 38.50
CA ALA C 221 -16.57 -18.58 37.09
C ALA C 221 -16.74 -20.03 36.68
N LYS C 222 -17.76 -20.32 35.88
CA LYS C 222 -18.08 -21.72 35.52
C LYS C 222 -17.13 -22.32 34.49
N LYS C 223 -16.59 -21.47 33.60
CA LYS C 223 -15.68 -21.92 32.54
C LYS C 223 -14.73 -20.81 32.09
N LEU C 224 -13.50 -21.19 31.81
CA LEU C 224 -12.48 -20.26 31.31
C LEU C 224 -11.78 -20.85 30.09
N ILE C 225 -11.67 -20.04 29.03
CA ILE C 225 -11.08 -20.50 27.77
C ILE C 225 -9.84 -19.69 27.44
N SER C 226 -8.72 -20.38 27.28
CA SER C 226 -7.41 -19.76 27.13
C SER C 226 -6.83 -20.02 25.74
N CYS C 227 -6.85 -18.99 24.89
CA CYS C 227 -6.30 -19.09 23.54
C CYS C 227 -5.18 -18.07 23.31
N TYR C 228 -4.12 -18.50 22.61
CA TYR C 228 -2.97 -17.64 22.36
C TYR C 228 -2.12 -18.05 21.15
N ARG C 229 -1.27 -17.12 20.69
CA ARG C 229 -0.38 -17.34 19.55
C ARG C 229 1.03 -17.75 19.96
N THR C 230 1.44 -17.37 21.16
CA THR C 230 2.78 -17.69 21.68
C THR C 230 2.91 -19.14 22.18
N ALA C 231 3.96 -19.43 22.96
CA ALA C 231 4.29 -20.81 23.36
C ALA C 231 3.57 -21.29 24.63
N PRO C 232 2.93 -22.48 24.56
CA PRO C 232 2.26 -23.09 25.72
C PRO C 232 3.25 -23.76 26.67
N MET C 233 3.09 -23.49 27.97
CA MET C 233 4.01 -24.03 29.00
C MET C 233 3.49 -25.27 29.71
N GLY C 234 2.40 -25.84 29.18
CA GLY C 234 1.82 -27.07 29.73
C GLY C 234 1.60 -27.03 31.23
N TYR C 235 0.81 -26.08 31.69
CA TYR C 235 0.45 -25.99 33.11
C TYR C 235 -0.73 -26.91 33.41
N LYS C 236 -0.80 -27.41 34.64
CA LYS C 236 -1.93 -28.25 35.07
C LYS C 236 -3.12 -27.36 35.41
N TRP C 237 -4.11 -27.36 34.51
CA TRP C 237 -5.29 -26.50 34.64
C TRP C 237 -6.50 -27.29 35.15
N PRO C 238 -7.40 -26.62 35.89
CA PRO C 238 -8.59 -27.26 36.48
C PRO C 238 -9.55 -27.89 35.47
N GLU C 239 -10.51 -28.66 35.99
CA GLU C 239 -11.49 -29.38 35.18
C GLU C 239 -12.38 -28.47 34.30
N ASN C 240 -12.41 -27.17 34.62
CA ASN C 240 -13.20 -26.22 33.83
C ASN C 240 -12.37 -25.15 33.11
N TRP C 241 -11.08 -25.42 32.91
CA TRP C 241 -10.19 -24.52 32.17
C TRP C 241 -9.79 -25.14 30.82
N ASP C 242 -10.37 -24.62 29.74
CA ASP C 242 -10.16 -25.17 28.39
C ASP C 242 -9.17 -24.37 27.53
N GLU C 243 -7.99 -24.95 27.30
CA GLU C 243 -7.01 -24.38 26.37
C GLU C 243 -7.43 -24.58 24.92
N ARG C 244 -7.23 -23.55 24.10
CA ARG C 244 -7.61 -23.58 22.69
C ARG C 244 -6.56 -22.88 21.82
N PRO C 245 -6.50 -23.24 20.52
CA PRO C 245 -5.66 -22.47 19.59
C PRO C 245 -6.22 -21.07 19.36
N ASN C 246 -5.40 -20.20 18.78
CA ASN C 246 -5.75 -18.79 18.57
C ASN C 246 -7.16 -18.50 18.01
N LEU C 247 -7.74 -17.40 18.47
CA LEU C 247 -9.07 -16.95 18.08
C LEU C 247 -9.07 -16.43 16.65
N VAL C 248 -10.16 -16.71 15.94
CA VAL C 248 -10.30 -16.29 14.54
C VAL C 248 -11.42 -15.28 14.37
N ARG C 249 -12.57 -15.58 14.96
CA ARG C 249 -13.78 -14.80 14.75
C ARG C 249 -14.74 -15.00 15.92
N VAL C 250 -15.65 -14.07 16.10
CA VAL C 250 -16.73 -14.25 17.03
C VAL C 250 -17.95 -13.63 16.45
N ASP C 251 -19.13 -14.05 16.86
CA ASP C 251 -20.35 -13.48 16.37
C ASP C 251 -20.98 -12.96 17.58
N THR C 252 -22.28 -12.78 17.57
CA THR C 252 -22.95 -12.21 18.71
C THR C 252 -22.81 -12.97 20.00
N GLU C 253 -22.85 -14.28 19.99
CA GLU C 253 -22.83 -15.06 21.23
C GLU C 253 -21.73 -16.11 21.34
N ASN C 254 -21.04 -16.41 20.24
CA ASN C 254 -20.05 -17.49 20.20
C ASN C 254 -18.63 -17.04 19.87
N ALA C 255 -17.67 -17.89 20.17
CA ALA C 255 -16.26 -17.70 19.80
C ALA C 255 -15.83 -18.82 18.86
N TYR C 256 -14.99 -18.47 17.87
CA TYR C 256 -14.52 -19.43 16.86
C TYR C 256 -13.00 -19.45 16.80
N PHE C 257 -12.44 -20.66 16.65
CA PHE C 257 -10.99 -20.85 16.72
C PHE C 257 -10.43 -21.48 15.44
N ALA C 258 -9.10 -21.46 15.31
CA ALA C 258 -8.39 -22.03 14.16
C ALA C 258 -8.55 -23.55 14.13
N ASP C 259 -8.97 -24.08 15.28
CA ASP C 259 -9.31 -25.48 15.45
C ASP C 259 -10.57 -25.85 14.67
N GLY C 260 -11.40 -24.84 14.37
CA GLY C 260 -12.73 -25.06 13.81
C GLY C 260 -13.75 -25.29 14.90
N SER C 261 -13.39 -24.94 16.13
CA SER C 261 -14.24 -25.13 17.31
C SER C 261 -15.16 -23.93 17.58
N SER C 262 -16.20 -24.18 18.38
CA SER C 262 -17.14 -23.13 18.79
C SER C 262 -17.60 -23.33 20.22
N GLU C 263 -17.86 -22.21 20.91
CA GLU C 263 -18.37 -22.22 22.28
C GLU C 263 -19.07 -20.92 22.61
N LYS C 264 -20.23 -21.02 23.27
CA LYS C 264 -20.91 -19.85 23.81
C LYS C 264 -20.00 -19.24 24.87
N VAL C 265 -19.72 -17.95 24.72
CA VAL C 265 -18.84 -17.26 25.65
C VAL C 265 -19.48 -15.95 26.12
N ASP C 266 -19.46 -15.72 27.43
CA ASP C 266 -20.15 -14.57 28.03
C ASP C 266 -19.37 -13.26 27.93
N ALA C 267 -18.07 -13.33 28.18
CA ALA C 267 -17.19 -12.16 28.10
C ALA C 267 -15.81 -12.52 27.54
N ILE C 268 -15.16 -11.53 26.94
CA ILE C 268 -13.82 -11.71 26.37
C ILE C 268 -12.85 -10.74 27.02
N ILE C 269 -11.76 -11.28 27.58
CA ILE C 269 -10.73 -10.46 28.20
C ILE C 269 -9.43 -10.54 27.42
N LEU C 270 -9.07 -9.44 26.78
CA LEU C 270 -7.88 -9.37 25.95
C LEU C 270 -6.63 -9.18 26.81
N CYS C 271 -5.89 -10.27 27.02
CA CYS C 271 -4.65 -10.22 27.78
C CYS C 271 -3.47 -10.18 26.80
N THR C 272 -3.39 -9.06 26.09
CA THR C 272 -2.57 -8.95 24.88
C THR C 272 -1.40 -7.97 25.01
N GLY C 273 -1.20 -7.50 26.23
CA GLY C 273 -0.01 -6.70 26.52
C GLY C 273 -0.20 -5.21 26.34
N TYR C 274 0.92 -4.51 26.48
CA TYR C 274 0.92 -3.07 26.51
C TYR C 274 1.99 -2.52 25.56
N ILE C 275 1.97 -1.21 25.36
CA ILE C 275 2.96 -0.54 24.55
C ILE C 275 3.62 0.57 25.32
N HIS C 276 4.80 0.96 24.85
CA HIS C 276 5.52 2.07 25.42
C HIS C 276 4.95 3.33 24.79
N HIS C 277 4.09 3.99 25.55
CA HIS C 277 3.43 5.19 25.09
C HIS C 277 3.86 6.38 25.96
N PHE C 278 4.43 7.39 25.31
CA PHE C 278 4.84 8.63 25.98
C PHE C 278 4.33 9.88 25.24
N PRO C 279 3.04 10.22 25.43
CA PRO C 279 2.40 11.31 24.69
C PRO C 279 2.97 12.70 25.03
N PHE C 280 3.80 12.75 26.07
CA PHE C 280 4.42 13.99 26.50
C PHE C 280 5.79 14.17 25.86
N LEU C 281 6.13 13.24 24.98
CA LEU C 281 7.44 13.26 24.34
C LEU C 281 7.36 13.31 22.82
N ASN C 282 8.16 14.17 22.24
CA ASN C 282 8.43 14.14 20.81
C ASN C 282 9.52 13.10 20.51
N ASP C 283 9.68 12.75 19.24
CA ASP C 283 10.59 11.67 18.82
C ASP C 283 12.04 11.82 19.27
N ASP C 284 12.47 13.08 19.48
CA ASP C 284 13.83 13.35 19.97
C ASP C 284 14.11 12.72 21.33
N LEU C 285 13.04 12.51 22.11
CA LEU C 285 13.15 11.91 23.44
C LEU C 285 12.38 10.61 23.61
N ARG C 286 11.45 10.32 22.71
CA ARG C 286 10.51 9.22 22.88
C ARG C 286 11.09 7.82 22.66
N LEU C 287 11.10 7.02 23.72
CA LEU C 287 11.44 5.60 23.67
C LEU C 287 10.40 4.80 22.90
N VAL C 288 10.83 4.19 21.80
CA VAL C 288 10.01 3.29 21.02
C VAL C 288 10.65 1.90 21.06
N THR C 289 9.89 0.92 21.52
CA THR C 289 10.35 -0.43 21.66
C THR C 289 9.19 -1.35 22.03
N ASN C 290 9.30 -2.61 21.62
CA ASN C 290 8.46 -3.68 22.15
C ASN C 290 8.91 -4.02 23.58
N ASN C 291 8.05 -4.68 24.34
CA ASN C 291 8.38 -5.11 25.70
C ASN C 291 9.40 -6.25 25.71
N ARG C 292 10.58 -5.95 26.25
CA ARG C 292 11.70 -6.89 26.24
C ARG C 292 12.69 -6.66 27.40
N LEU C 293 13.63 -7.58 27.54
CA LEU C 293 14.70 -7.42 28.53
C LEU C 293 15.67 -6.30 28.18
N TRP C 294 15.88 -6.03 26.89
CA TRP C 294 16.83 -4.98 26.46
C TRP C 294 16.38 -4.10 25.30
N PRO C 295 15.69 -2.98 25.61
CA PRO C 295 15.41 -1.98 24.60
C PRO C 295 16.68 -1.25 24.17
N LEU C 296 16.69 -0.72 22.96
CA LEU C 296 17.82 0.03 22.45
C LEU C 296 17.67 1.49 22.85
N ASN C 297 18.71 2.29 22.58
CA ASN C 297 18.78 3.70 22.95
C ASN C 297 18.86 4.00 24.44
N LEU C 298 18.94 2.95 25.25
CA LEU C 298 19.03 3.08 26.71
C LEU C 298 20.37 2.57 27.22
N TYR C 299 21.35 3.47 27.34
CA TYR C 299 22.68 3.10 27.79
C TYR C 299 22.60 2.64 29.24
N LYS C 300 23.20 1.49 29.52
CA LYS C 300 23.05 0.81 30.81
C LYS C 300 21.58 0.59 31.18
N GLY C 301 20.72 0.69 30.16
CA GLY C 301 19.29 0.42 30.28
C GLY C 301 18.50 1.60 30.79
N VAL C 302 19.19 2.74 30.90
CA VAL C 302 18.67 3.89 31.65
C VAL C 302 18.90 5.21 30.92
N VAL C 303 20.10 5.38 30.38
CA VAL C 303 20.47 6.66 29.78
C VAL C 303 19.99 6.72 28.32
N TRP C 304 19.10 7.67 28.03
CA TRP C 304 18.70 7.96 26.65
C TRP C 304 19.91 8.46 25.89
N GLU C 305 20.29 7.72 24.86
CA GLU C 305 21.54 7.95 24.14
C GLU C 305 21.58 9.17 23.22
N ASP C 306 20.42 9.64 22.77
CA ASP C 306 20.35 10.85 21.93
C ASP C 306 20.40 12.14 22.76
N ASN C 307 20.12 12.02 24.06
CA ASN C 307 20.23 13.11 25.01
C ASN C 307 20.49 12.54 26.41
N PRO C 308 21.77 12.44 26.81
CA PRO C 308 22.15 11.78 28.07
C PRO C 308 21.58 12.42 29.33
N LYS C 309 20.97 13.60 29.19
CA LYS C 309 20.35 14.30 30.33
C LYS C 309 18.90 13.84 30.58
N PHE C 310 18.44 12.86 29.80
CA PHE C 310 17.13 12.25 29.98
C PHE C 310 17.36 10.81 30.39
N PHE C 311 16.56 10.32 31.33
CA PHE C 311 16.74 8.97 31.84
C PHE C 311 15.40 8.23 31.88
N TYR C 312 15.48 6.91 31.73
CA TYR C 312 14.30 6.05 31.84
C TYR C 312 14.54 5.02 32.93
N ILE C 313 13.57 4.83 33.80
CA ILE C 313 13.64 3.80 34.82
C ILE C 313 12.54 2.76 34.60
N GLY C 314 12.90 1.49 34.71
CA GLY C 314 11.95 0.39 34.70
C GLY C 314 11.26 0.09 33.38
N MET C 315 11.92 0.44 32.27
CA MET C 315 11.30 0.30 30.94
C MET C 315 11.49 -1.08 30.30
N GLN C 316 12.32 -1.91 30.92
CA GLN C 316 12.56 -3.29 30.53
C GLN C 316 11.36 -4.16 30.93
N ASP C 317 11.20 -5.31 30.29
CA ASP C 317 10.28 -6.34 30.82
C ASP C 317 10.82 -6.75 32.20
N GLN C 318 9.94 -7.27 33.04
CA GLN C 318 10.26 -7.42 34.45
C GLN C 318 10.11 -8.84 34.98
N TRP C 319 11.24 -9.46 35.29
CA TRP C 319 11.29 -10.65 36.13
C TRP C 319 11.64 -10.12 37.53
N TYR C 320 12.71 -9.37 37.56
CA TYR C 320 13.12 -8.60 38.67
C TYR C 320 12.42 -7.25 38.54
N SER C 321 11.87 -6.74 39.63
CA SER C 321 11.26 -5.44 39.62
C SER C 321 11.91 -4.45 40.55
N PHE C 322 11.46 -4.41 41.78
CA PHE C 322 11.81 -3.30 42.64
C PHE C 322 13.27 -3.04 42.87
N ASN C 323 14.07 -4.05 43.14
CA ASN C 323 15.50 -3.82 43.35
C ASN C 323 16.26 -3.54 42.04
N MET C 324 15.69 -3.91 40.90
CA MET C 324 16.19 -3.44 39.61
C MET C 324 15.97 -1.93 39.47
N PHE C 325 14.77 -1.46 39.80
CA PHE C 325 14.49 -0.01 39.75
C PHE C 325 15.47 0.74 40.62
N ASP C 326 15.68 0.23 41.84
CA ASP C 326 16.64 0.79 42.76
C ASP C 326 18.03 0.89 42.12
N ALA C 327 18.48 -0.23 41.54
CA ALA C 327 19.76 -0.29 40.86
C ALA C 327 19.83 0.76 39.76
N GLN C 328 18.73 0.90 39.00
CA GLN C 328 18.62 1.91 37.93
C GLN C 328 18.61 3.34 38.47
N ALA C 329 17.78 3.58 39.48
CA ALA C 329 17.64 4.90 40.11
C ALA C 329 18.95 5.37 40.75
N TRP C 330 19.61 4.46 41.48
CA TRP C 330 20.92 4.71 42.07
C TRP C 330 21.94 5.07 41.00
N TYR C 331 21.99 4.25 39.94
CA TYR C 331 22.88 4.53 38.83
C TYR C 331 22.58 5.90 38.21
N ALA C 332 21.30 6.20 37.99
CA ALA C 332 20.89 7.47 37.40
C ALA C 332 21.35 8.65 38.25
N ARG C 333 21.09 8.56 39.54
CA ARG C 333 21.48 9.59 40.51
C ARG C 333 22.97 9.92 40.42
N ASP C 334 23.80 8.89 40.38
CA ASP C 334 25.25 9.07 40.33
C ASP C 334 25.73 9.73 39.04
N VAL C 335 25.04 9.44 37.93
CA VAL C 335 25.28 10.13 36.67
C VAL C 335 24.94 11.62 36.78
N ILE C 336 23.77 11.92 37.34
CA ILE C 336 23.32 13.30 37.51
C ILE C 336 24.24 14.07 38.45
N MET C 337 24.69 13.42 39.51
CA MET C 337 25.51 14.07 40.52
C MET C 337 26.98 14.23 40.12
N GLY C 338 27.38 13.53 39.05
CA GLY C 338 28.75 13.60 38.55
C GLY C 338 29.69 12.62 39.21
N ARG C 339 29.13 11.52 39.70
CA ARG C 339 29.88 10.44 40.34
C ARG C 339 30.36 9.40 39.32
N LEU C 340 29.60 9.27 38.23
CA LEU C 340 29.94 8.35 37.14
C LEU C 340 29.92 9.08 35.81
N PRO C 341 31.09 9.24 35.17
CA PRO C 341 31.14 9.92 33.87
C PRO C 341 30.44 9.11 32.79
N LEU C 342 29.94 9.81 31.77
CA LEU C 342 29.39 9.13 30.61
C LEU C 342 30.40 9.04 29.47
N PRO C 343 30.50 7.86 28.83
CA PRO C 343 31.32 7.72 27.64
C PRO C 343 30.64 8.40 26.45
N SER C 344 31.38 8.60 25.36
CA SER C 344 30.83 9.24 24.15
C SER C 344 29.66 8.44 23.55
N LYS C 345 28.85 9.13 22.75
CA LYS C 345 27.66 8.50 22.14
C LYS C 345 28.00 7.18 21.43
N GLU C 346 29.06 7.21 20.63
CA GLU C 346 29.51 6.04 19.88
C GLU C 346 29.76 4.85 20.80
N GLU C 347 30.47 5.10 21.90
CA GLU C 347 30.74 4.09 22.92
C GLU C 347 29.45 3.57 23.55
N MET C 348 28.50 4.47 23.80
CA MET C 348 27.21 4.08 24.38
C MET C 348 26.47 3.11 23.47
N LYS C 349 26.44 3.40 22.18
CA LYS C 349 25.75 2.56 21.20
C LYS C 349 26.34 1.14 21.15
N ALA C 350 27.68 1.07 21.06
CA ALA C 350 28.40 -0.19 20.99
C ALA C 350 28.16 -1.08 22.20
N ASP C 351 28.13 -0.47 23.38
CA ASP C 351 27.79 -1.20 24.59
C ASP C 351 26.35 -1.71 24.55
N SER C 352 25.44 -0.92 24.00
CA SER C 352 24.05 -1.35 23.83
C SER C 352 23.94 -2.50 22.84
N MET C 353 24.71 -2.43 21.75
CA MET C 353 24.74 -3.52 20.79
C MET C 353 25.08 -4.86 21.46
N ALA C 354 26.14 -4.88 22.26
CA ALA C 354 26.59 -6.10 22.94
C ALA C 354 25.47 -6.71 23.81
N TRP C 355 24.80 -5.86 24.59
CA TRP C 355 23.71 -6.30 25.45
C TRP C 355 22.52 -6.85 24.66
N ARG C 356 22.26 -6.25 23.49
CA ARG C 356 21.21 -6.72 22.60
C ARG C 356 21.56 -8.07 21.97
N GLU C 357 22.80 -8.23 21.53
CA GLU C 357 23.28 -9.51 20.98
C GLU C 357 23.03 -10.64 21.98
N LYS C 358 23.36 -10.39 23.25
CA LYS C 358 23.18 -11.36 24.32
C LYS C 358 21.71 -11.70 24.54
N GLU C 359 20.87 -10.67 24.52
CA GLU C 359 19.43 -10.84 24.67
C GLU C 359 18.81 -11.73 23.58
N LEU C 360 19.33 -11.63 22.36
CA LEU C 360 18.82 -12.45 21.25
C LEU C 360 19.17 -13.96 21.36
N THR C 361 20.19 -14.28 22.16
CA THR C 361 20.57 -15.68 22.40
C THR C 361 19.68 -16.36 23.44
N LEU C 362 18.98 -15.55 24.21
CA LEU C 362 18.16 -16.04 25.33
C LEU C 362 16.92 -16.78 24.83
N VAL C 363 16.70 -17.97 25.37
CA VAL C 363 15.57 -18.80 24.96
C VAL C 363 14.70 -19.23 26.17
N THR C 364 15.34 -19.67 27.25
CA THR C 364 14.62 -20.20 28.40
C THR C 364 14.36 -19.14 29.47
N ALA C 365 13.35 -19.41 30.31
CA ALA C 365 13.03 -18.57 31.46
C ALA C 365 14.26 -18.32 32.30
N GLU C 366 15.02 -19.38 32.57
CA GLU C 366 16.24 -19.32 33.37
C GLU C 366 17.25 -18.33 32.80
N GLU C 367 17.57 -18.47 31.52
CA GLU C 367 18.53 -17.59 30.84
C GLU C 367 18.09 -16.14 30.89
N MET C 368 16.79 -15.90 30.87
CA MET C 368 16.25 -14.56 30.83
C MET C 368 16.42 -13.77 32.13
N TYR C 369 15.95 -14.31 33.26
CA TYR C 369 16.11 -13.63 34.53
C TYR C 369 17.56 -13.62 35.02
N THR C 370 18.38 -14.56 34.55
CA THR C 370 19.80 -14.55 34.86
C THR C 370 20.49 -13.39 34.13
N TYR C 371 20.10 -13.17 32.89
CA TYR C 371 20.60 -12.04 32.11
C TYR C 371 20.24 -10.72 32.80
N GLN C 372 18.98 -10.63 33.24
CA GLN C 372 18.48 -9.47 33.94
C GLN C 372 19.14 -9.34 35.32
N GLY C 373 19.33 -10.47 35.99
CA GLY C 373 20.12 -10.54 37.23
C GLY C 373 21.54 -10.07 37.00
N ASP C 374 22.11 -10.47 35.86
CA ASP C 374 23.45 -10.04 35.45
C ASP C 374 23.50 -8.56 35.11
N TYR C 375 22.41 -8.03 34.55
CA TYR C 375 22.29 -6.63 34.24
C TYR C 375 22.27 -5.75 35.51
N ILE C 376 21.54 -6.21 36.52
CA ILE C 376 21.43 -5.51 37.81
C ILE C 376 22.77 -5.54 38.56
N GLN C 377 23.46 -6.68 38.50
CA GLN C 377 24.79 -6.83 39.09
C GLN C 377 25.73 -5.74 38.59
N ASN C 378 25.75 -5.56 37.27
CA ASN C 378 26.53 -4.53 36.60
C ASN C 378 26.17 -3.10 37.05
N LEU C 379 24.90 -2.87 37.37
CA LEU C 379 24.47 -1.56 37.88
C LEU C 379 24.89 -1.33 39.33
N ILE C 380 24.65 -2.32 40.20
CA ILE C 380 24.91 -2.16 41.63
C ILE C 380 26.40 -2.16 42.00
N ASP C 381 27.22 -2.79 41.15
CA ASP C 381 28.69 -2.72 41.29
C ASP C 381 29.21 -1.30 41.05
N MET C 382 28.47 -0.48 40.30
CA MET C 382 28.88 0.88 39.99
C MET C 382 28.53 1.92 41.06
N THR C 383 27.67 1.55 42.01
CA THR C 383 27.19 2.51 43.02
C THR C 383 27.37 2.02 44.46
N ASP C 384 26.81 2.78 45.40
CA ASP C 384 26.83 2.41 46.80
C ASP C 384 25.53 1.74 47.23
N TYR C 385 24.68 1.39 46.26
CA TYR C 385 23.48 0.60 46.56
C TYR C 385 23.94 -0.70 47.20
N PRO C 386 23.36 -1.05 48.36
CA PRO C 386 23.86 -2.21 49.10
C PRO C 386 23.87 -3.48 48.23
N SER C 387 25.00 -4.18 48.24
CA SER C 387 25.14 -5.43 47.50
C SER C 387 24.14 -6.45 48.01
N PHE C 388 23.65 -7.29 47.12
CA PHE C 388 22.82 -8.41 47.52
C PHE C 388 23.09 -9.63 46.67
N ASP C 389 22.80 -10.80 47.24
CA ASP C 389 23.09 -12.07 46.60
C ASP C 389 22.19 -12.27 45.38
N ILE C 390 22.72 -11.87 44.22
CA ILE C 390 21.97 -11.95 42.96
C ILE C 390 21.88 -13.38 42.38
N PRO C 391 22.99 -14.15 42.41
CA PRO C 391 22.84 -15.56 42.03
C PRO C 391 21.80 -16.30 42.88
N ALA C 392 21.80 -16.05 44.20
CA ALA C 392 20.78 -16.62 45.10
C ALA C 392 19.36 -16.15 44.80
N THR C 393 19.22 -14.99 44.15
CA THR C 393 17.91 -14.51 43.72
C THR C 393 17.41 -15.32 42.52
N ASN C 394 18.31 -15.56 41.57
CA ASN C 394 18.03 -16.40 40.40
C ASN C 394 17.54 -17.79 40.79
N LYS C 395 18.18 -18.38 41.80
CA LYS C 395 17.79 -19.70 42.33
C LYS C 395 16.39 -19.67 42.93
N THR C 396 16.05 -18.54 43.54
CA THR C 396 14.71 -18.32 44.09
C THR C 396 13.68 -18.25 42.97
N PHE C 397 14.05 -17.61 41.85
CA PHE C 397 13.23 -17.65 40.63
C PHE C 397 13.10 -19.08 40.10
N LEU C 398 14.20 -19.83 40.12
CA LEU C 398 14.19 -21.22 39.67
C LEU C 398 13.12 -22.02 40.40
N GLU C 399 13.10 -21.92 41.73
CA GLU C 399 12.14 -22.64 42.56
C GLU C 399 10.72 -22.14 42.30
N TRP C 400 10.60 -20.86 41.98
CA TRP C 400 9.33 -20.24 41.65
C TRP C 400 8.72 -20.85 40.39
N LYS C 401 9.51 -20.95 39.32
CA LYS C 401 9.07 -21.60 38.10
C LYS C 401 8.70 -23.07 38.32
N HIS C 402 9.49 -23.76 39.15
CA HIS C 402 9.21 -25.14 39.51
C HIS C 402 7.84 -25.29 40.17
N HIS C 403 7.54 -24.37 41.08
CA HIS C 403 6.27 -24.40 41.80
C HIS C 403 5.09 -24.08 40.88
N LYS C 404 5.34 -23.27 39.85
CA LYS C 404 4.36 -22.99 38.81
C LYS C 404 4.13 -24.23 37.93
N LYS C 405 5.23 -24.89 37.55
CA LYS C 405 5.18 -26.08 36.70
C LYS C 405 4.42 -27.21 37.38
N GLU C 406 4.76 -27.47 38.64
CA GLU C 406 4.13 -28.54 39.43
C GLU C 406 2.62 -28.34 39.56
N ASN C 407 2.23 -27.14 40.01
CA ASN C 407 0.82 -26.76 40.12
C ASN C 407 0.68 -25.25 40.09
N ILE C 408 0.09 -24.76 38.99
CA ILE C 408 -0.03 -23.33 38.72
C ILE C 408 -1.08 -22.65 39.62
N MET C 409 -1.91 -23.45 40.28
CA MET C 409 -2.95 -22.90 41.16
C MET C 409 -2.53 -22.85 42.62
N THR C 410 -1.41 -23.47 42.96
CA THR C 410 -0.96 -23.56 44.35
C THR C 410 0.49 -23.10 44.56
N PHE C 411 1.05 -22.43 43.56
CA PHE C 411 2.43 -21.92 43.66
C PHE C 411 2.55 -20.80 44.70
N ARG C 412 1.44 -20.08 44.91
CA ARG C 412 1.40 -19.01 45.91
C ARG C 412 1.33 -19.53 47.36
N ASP C 413 1.29 -20.85 47.51
CA ASP C 413 1.31 -21.50 48.82
C ASP C 413 2.70 -22.07 49.14
N HIS C 414 3.74 -21.36 48.72
CA HIS C 414 5.12 -21.76 48.99
C HIS C 414 5.89 -20.61 49.61
N SER C 415 6.96 -20.94 50.32
CA SER C 415 7.78 -19.95 51.02
C SER C 415 9.21 -19.95 50.48
N TYR C 416 9.89 -18.81 50.62
CA TYR C 416 11.25 -18.65 50.09
C TYR C 416 12.12 -17.86 51.06
N ARG C 417 13.43 -18.12 51.02
CA ARG C 417 14.37 -17.48 51.93
C ARG C 417 14.65 -16.02 51.54
N SER C 418 14.54 -15.12 52.51
CA SER C 418 14.92 -13.72 52.29
C SER C 418 16.42 -13.58 52.09
N LEU C 419 16.78 -13.03 50.93
CA LEU C 419 18.15 -12.94 50.47
C LEU C 419 18.86 -11.70 51.02
N MET C 420 18.10 -10.87 51.73
CA MET C 420 18.63 -9.70 52.42
C MET C 420 18.96 -10.03 53.88
N THR C 421 18.04 -10.70 54.55
CA THR C 421 18.14 -10.95 55.99
C THR C 421 18.57 -12.37 56.36
N GLY C 422 18.33 -13.31 55.45
CA GLY C 422 18.57 -14.72 55.71
C GLY C 422 17.36 -15.45 56.30
N THR C 423 16.35 -14.69 56.73
CA THR C 423 15.17 -15.27 57.35
C THR C 423 14.24 -15.95 56.33
N MET C 424 13.91 -17.21 56.59
CA MET C 424 12.97 -17.95 55.76
C MET C 424 11.54 -17.52 56.08
N ALA C 425 10.76 -17.26 55.04
CA ALA C 425 9.36 -16.86 55.20
C ALA C 425 8.52 -18.01 55.75
N PRO C 426 7.52 -17.68 56.60
CA PRO C 426 6.58 -18.67 57.10
C PRO C 426 5.55 -19.07 56.04
N LYS C 427 4.73 -20.07 56.35
CA LYS C 427 3.59 -20.44 55.52
C LYS C 427 2.36 -19.65 55.97
N HIS C 428 1.49 -19.30 55.03
CA HIS C 428 0.34 -18.44 55.33
C HIS C 428 -0.81 -19.18 55.98
N HIS C 429 -1.52 -18.47 56.88
CA HIS C 429 -2.62 -19.04 57.67
C HIS C 429 -3.77 -19.61 56.83
N THR C 430 -3.93 -19.07 55.62
CA THR C 430 -4.92 -19.59 54.68
C THR C 430 -4.28 -19.82 53.31
N PRO C 431 -4.56 -20.98 52.69
CA PRO C 431 -4.15 -21.21 51.29
C PRO C 431 -4.73 -20.16 50.35
N TRP C 432 -4.04 -19.88 49.26
CA TRP C 432 -4.45 -18.88 48.28
C TRP C 432 -5.88 -19.08 47.78
N ILE C 433 -6.22 -20.30 47.42
CA ILE C 433 -7.53 -20.63 46.82
C ILE C 433 -8.74 -20.34 47.71
N ASP C 434 -8.54 -20.37 49.03
CA ASP C 434 -9.64 -20.14 49.99
C ASP C 434 -9.56 -18.78 50.69
N ALA C 435 -8.42 -18.12 50.55
CA ALA C 435 -8.22 -16.80 51.13
C ALA C 435 -8.84 -15.72 50.26
N LEU C 436 -10.17 -15.58 50.36
CA LEU C 436 -10.94 -14.68 49.51
C LEU C 436 -10.69 -13.19 49.83
N ASP C 437 -10.33 -12.90 51.07
CA ASP C 437 -10.10 -11.52 51.51
C ASP C 437 -8.70 -11.03 51.14
N ASP C 438 -8.65 -9.99 50.31
CA ASP C 438 -7.38 -9.42 49.85
C ASP C 438 -6.78 -8.36 50.78
N SER C 439 -7.55 -7.94 51.78
CA SER C 439 -7.17 -6.83 52.67
C SER C 439 -5.89 -7.07 53.49
N LEU C 440 -5.23 -5.98 53.85
CA LEU C 440 -3.97 -6.02 54.61
C LEU C 440 -4.14 -6.59 56.02
N GLU C 441 -5.22 -6.20 56.70
CA GLU C 441 -5.51 -6.66 58.06
C GLU C 441 -5.72 -8.17 58.13
N ALA C 442 -6.46 -8.72 57.19
CA ALA C 442 -6.76 -10.16 57.13
C ALA C 442 -5.50 -10.99 56.86
N TYR C 443 -4.57 -10.42 56.11
CA TYR C 443 -3.32 -11.08 55.76
C TYR C 443 -2.33 -11.09 56.93
N LEU C 444 -2.28 -9.99 57.68
CA LEU C 444 -1.34 -9.87 58.79
C LEU C 444 -1.84 -10.47 60.10
N SER C 445 -3.14 -10.74 60.19
CA SER C 445 -3.72 -11.43 61.34
C SER C 445 -3.64 -12.95 61.13
N ASP C 446 -4.48 -13.70 61.83
CA ASP C 446 -4.55 -15.16 61.66
C ASP C 446 -5.94 -15.65 61.22
N LYS C 447 -5.95 -16.64 60.32
CA LYS C 447 -7.15 -17.18 59.66
C LYS C 447 -8.44 -17.14 60.48
PA FAD D . -7.93 14.18 -27.25
O1A FAD D . -8.27 13.25 -26.13
O2A FAD D . -8.72 13.88 -28.51
O5B FAD D . -6.37 14.07 -27.59
C5B FAD D . -5.38 14.38 -26.65
C4B FAD D . -4.07 13.98 -27.29
O4B FAD D . -3.01 14.15 -26.37
C3B FAD D . -4.09 12.51 -27.66
O3B FAD D . -3.80 12.37 -29.03
C2B FAD D . -3.03 11.86 -26.80
O2B FAD D . -2.33 10.91 -27.57
C1B FAD D . -2.15 13.03 -26.42
N9A FAD D . -1.48 12.88 -25.13
C8A FAD D . -2.06 12.76 -23.90
N7A FAD D . -1.07 12.65 -22.98
C5A FAD D . 0.12 12.71 -23.60
C6A FAD D . 1.43 12.66 -23.15
N6A FAD D . 1.70 12.64 -21.84
N1A FAD D . 2.48 12.75 -24.05
C2A FAD D . 2.21 12.90 -25.40
N3A FAD D . 0.89 12.96 -25.84
C4A FAD D . -0.12 12.86 -24.96
N1 FAD D . -16.74 15.19 -30.17
C2 FAD D . -17.53 15.50 -31.27
O2 FAD D . -17.56 16.64 -31.72
N3 FAD D . -18.29 14.53 -31.89
C4 FAD D . -18.28 13.24 -31.41
O4 FAD D . -18.96 12.40 -31.99
C4X FAD D . -17.49 12.92 -30.30
N5 FAD D . -17.47 11.61 -29.81
C5X FAD D . -16.70 11.29 -28.72
C6 FAD D . -16.70 9.97 -28.25
C7 FAD D . -15.92 9.62 -27.14
C7M FAD D . -15.93 8.20 -26.65
C8 FAD D . -15.14 10.59 -26.50
C8M FAD D . -14.29 10.26 -25.31
C9 FAD D . -15.14 11.90 -26.99
C9A FAD D . -15.92 12.26 -28.09
N10 FAD D . -15.92 13.58 -28.57
C10 FAD D . -16.72 13.90 -29.67
C1' FAD D . -15.23 14.68 -27.81
C2' FAD D . -13.72 14.63 -28.01
O2' FAD D . -13.09 14.87 -26.78
C3' FAD D . -13.25 15.66 -29.03
O3' FAD D . -13.82 15.36 -30.27
C4' FAD D . -11.74 15.73 -29.21
O4' FAD D . -11.19 14.45 -29.45
C5' FAD D . -11.00 16.38 -28.04
O5' FAD D . -9.71 16.65 -28.53
P FAD D . -8.47 16.97 -27.56
O1P FAD D . -7.27 17.17 -28.46
O2P FAD D . -8.79 18.12 -26.65
O3P FAD D . -8.20 15.65 -26.67
N NO3 E . -18.38 7.39 -19.53
O1 NO3 E . -18.89 6.65 -20.61
O2 NO3 E . -17.46 6.78 -18.67
O3 NO3 E . -18.80 8.70 -19.31
O1 MES F . -15.14 18.19 -6.99
C2 MES F . -15.90 19.30 -7.51
C3 MES F . -17.39 18.97 -7.55
N4 MES F . -17.79 18.74 -6.17
C5 MES F . -16.77 18.43 -5.15
C6 MES F . -15.71 17.57 -5.83
C7 MES F . -19.20 18.82 -5.78
C8 MES F . -19.45 20.25 -5.31
S MES F . -20.82 20.43 -4.38
O1S MES F . -20.66 21.65 -3.57
O2S MES F . -22.00 20.59 -5.28
O3S MES F . -21.07 19.26 -3.51
O1 OXY G . -20.28 16.27 -29.21
O2 OXY G . -21.18 16.93 -29.70
PA FAD H . 6.61 -6.69 -7.93
O1A FAD H . 6.10 -6.46 -9.33
O2A FAD H . 5.87 -7.85 -7.32
O5B FAD H . 6.44 -5.36 -7.04
C5B FAD H . 6.67 -4.05 -7.53
C4B FAD H . 5.99 -3.08 -6.58
O4B FAD H . 6.34 -1.73 -6.84
C3B FAD H . 4.47 -3.16 -6.66
O3B FAD H . 3.97 -3.15 -5.35
C2B FAD H . 4.08 -1.91 -7.41
O2B FAD H . 2.81 -1.44 -7.06
C1B FAD H . 5.18 -0.94 -7.01
N9A FAD H . 5.40 0.14 -7.99
C8A FAD H . 5.73 0.03 -9.32
N7A FAD H . 5.82 1.28 -9.83
C5A FAD H . 5.55 2.18 -8.85
C6A FAD H . 5.51 3.58 -8.80
N6A FAD H . 5.87 4.32 -9.85
N1A FAD H . 5.21 4.21 -7.61
C2A FAD H . 4.95 3.48 -6.48
N3A FAD H . 5.00 2.11 -6.55
C4A FAD H . 5.29 1.47 -7.69
N1 FAD H . 7.39 -15.85 -8.56
C2 FAD H . 7.45 -17.02 -7.84
O2 FAD H . 8.38 -17.23 -7.07
N3 FAD H . 6.45 -17.97 -7.97
C4 FAD H . 5.41 -17.75 -8.83
O4 FAD H . 4.53 -18.60 -8.92
C4X FAD H . 5.33 -16.57 -9.57
N5 FAD H . 4.28 -16.33 -10.43
C5X FAD H . 4.24 -15.17 -11.17
C6 FAD H . 3.16 -14.96 -12.03
C7 FAD H . 3.07 -13.79 -12.78
C7M FAD H . 1.90 -13.60 -13.71
C8 FAD H . 4.06 -12.82 -12.66
C8M FAD H . 4.00 -11.55 -13.45
C9 FAD H . 5.14 -13.04 -11.79
C9A FAD H . 5.23 -14.21 -11.03
N10 FAD H . 6.29 -14.43 -10.16
C10 FAD H . 6.34 -15.61 -9.42
C1' FAD H . 7.52 -13.57 -10.13
C2' FAD H . 7.31 -12.27 -9.34
O2' FAD H . 7.90 -11.24 -10.09
C3' FAD H . 7.93 -12.30 -7.95
O3' FAD H . 7.29 -13.30 -7.20
C4' FAD H . 7.71 -11.01 -7.16
O4' FAD H . 6.37 -10.56 -7.26
C5' FAD H . 8.66 -9.91 -7.59
O5' FAD H . 8.64 -8.98 -6.56
P FAD H . 9.09 -7.46 -6.78
O1P FAD H . 8.79 -6.70 -5.51
O2P FAD H . 10.54 -7.39 -7.17
O3P FAD H . 8.19 -6.90 -7.99
N NO3 I . 3.70 -12.95 -20.42
O1 NO3 I . 4.52 -14.07 -20.21
O2 NO3 I . 2.82 -12.54 -19.42
O3 NO3 I . 3.77 -12.25 -21.60
O1 MES J . 9.05 -4.88 15.93
C2 MES J . 8.78 -5.20 17.30
C3 MES J . 9.06 -6.68 17.54
N4 MES J . 10.33 -6.98 16.88
C5 MES J . 11.23 -5.92 16.43
C6 MES J . 10.44 -4.92 15.58
C7 MES J . 10.70 -8.38 16.71
C8 MES J . 10.65 -8.71 15.21
S MES J . 11.76 -9.87 14.79
O1S MES J . 11.22 -10.66 13.65
O2S MES J . 13.03 -9.24 14.40
O3S MES J . 11.98 -10.80 15.92
O1 OXY K . 9.63 -19.27 -10.46
O2 OXY K . 9.84 -20.28 -9.83
PA FAD L . 4.24 2.26 37.55
O1A FAD L . 3.19 2.01 36.49
O2A FAD L . 3.88 1.52 38.81
O5B FAD L . 4.41 3.83 37.83
C5B FAD L . 4.19 4.83 36.88
C4B FAD L . 3.68 6.07 37.63
O4B FAD L . 3.76 7.22 36.82
C3B FAD L . 2.21 5.92 38.04
O3B FAD L . 2.06 6.34 39.38
C2B FAD L . 1.46 6.85 37.12
O2B FAD L . 0.35 7.39 37.80
C1B FAD L . 2.52 7.90 36.78
N9A FAD L . 2.33 8.53 35.47
C8A FAD L . 2.23 7.93 34.24
N7A FAD L . 2.07 8.90 33.31
C5A FAD L . 2.09 10.10 33.92
C6A FAD L . 1.97 11.42 33.44
N6A FAD L . 1.70 11.68 32.15
N1A FAD L . 2.06 12.47 34.34
C2A FAD L . 2.22 12.23 35.69
N3A FAD L . 2.32 10.93 36.15
C4A FAD L . 2.26 9.89 35.28
N1 FAD L . 5.75 -6.76 39.63
C2 FAD L . 6.16 -7.60 40.64
O2 FAD L . 7.34 -7.58 41.02
N3 FAD L . 5.27 -8.46 41.24
C4 FAD L . 3.96 -8.50 40.82
O4 FAD L . 3.17 -9.27 41.36
C4X FAD L . 3.53 -7.66 39.80
N5 FAD L . 2.22 -7.69 39.38
C5X FAD L . 1.80 -6.87 38.35
C6 FAD L . 0.46 -6.90 37.94
C7 FAD L . 0.00 -6.08 36.92
C7M FAD L . -1.44 -6.16 36.52
C8 FAD L . 0.91 -5.19 36.30
C8M FAD L . 0.46 -4.28 35.20
C9 FAD L . 2.23 -5.15 36.72
C9A FAD L . 2.70 -5.98 37.75
N10 FAD L . 4.02 -5.95 38.18
C10 FAD L . 4.44 -6.79 39.20
C1' FAD L . 5.08 -5.19 37.43
C2' FAD L . 4.96 -3.69 37.68
O2' FAD L . 5.24 -3.06 36.45
C3' FAD L . 5.92 -3.23 38.77
O3' FAD L . 5.55 -3.87 39.97
C4' FAD L . 5.98 -1.70 39.04
O4' FAD L . 4.75 -1.20 39.51
C5' FAD L . 6.41 -0.84 37.86
O5' FAD L . 7.10 0.24 38.40
P FAD L . 7.03 1.73 37.80
O1P FAD L . 7.00 2.71 38.95
O2P FAD L . 8.22 2.01 36.92
O3P FAD L . 5.67 1.81 36.95
N NO3 M . -1.67 -8.72 29.79
O1 NO3 M . -2.15 -7.88 28.80
O2 NO3 M . -2.48 -9.75 30.27
O3 NO3 M . -0.38 -8.54 30.31
O1 OXY N . 7.04 -10.09 37.76
O2 OXY N . 7.92 -10.83 38.14
#